data_7E5C
#
_entry.id   7E5C
#
_cell.length_a   182.965
_cell.length_b   182.965
_cell.length_c   372.079
_cell.angle_alpha   90.000
_cell.angle_beta   90.000
_cell.angle_gamma   120.000
#
_symmetry.space_group_name_H-M   'H 3 2'
#
loop_
_entity.id
_entity.type
_entity.pdbx_description
1 polymer 'Xaa-Pro dipeptidase'
2 non-polymer 'MANGANESE (II) ION'
3 water water
#
_entity_poly.entity_id   1
_entity_poly.type   'polypeptide(L)'
_entity_poly.pdbx_seq_one_letter_code
;MDKLAVLYAEHIATLQQRTRTITEREGLEGLVIHSGQAKRQFLDWMYYPFKVNPQFKAWLPVIDNPHCWIVVDGASKPKL
IFYRPVDFWHKVPDEPRDFWAEYFDIELLVQPDQVEKLLPYDKANYAYIGEYLEVAQALGFSIMNPEPVMNYLHFHRAYK
TQYELECLRQANRIAVEGHKAARDTFFNGGSEFDIQHAYLMATRQSENEMPYGNIVALNENCAIYLYTHFEPTAPHTHHS
FLIDAGANFNGYAADITRTYDFKKSGEFSDLIQVMTEHQIALGKALKPGLLYGELHLECHQRVAQVLSDFNIVKLPAADI
VERGITSTFFPHGLGHHLGLQVIDMGGFMADESGTHQAPPEGHPFLRCTRLIEKNQVFTIEPGLYFIDSLLGDLAQTDNK
QFINWEKVEEFKPFGGIRIEDNIIVHEDSLENMTRDLHLDLEHHHHHH
;
_entity_poly.pdbx_strand_id   A,B,C,D
#
loop_
_chem_comp.id
_chem_comp.type
_chem_comp.name
_chem_comp.formula
MN non-polymer 'MANGANESE (II) ION' 'Mn 2'
#
# COMPACT_ATOMS: atom_id res chain seq x y z
N ASP A 2 8.32 -7.99 3.23
CA ASP A 2 7.44 -9.20 3.08
C ASP A 2 6.28 -8.90 2.10
N LYS A 3 5.70 -7.70 2.07
CA LYS A 3 4.58 -7.43 1.11
C LYS A 3 5.00 -7.77 -0.32
N LEU A 4 6.09 -7.16 -0.75
CA LEU A 4 6.66 -7.37 -2.09
C LEU A 4 7.00 -8.84 -2.32
N ALA A 5 7.56 -9.52 -1.33
CA ALA A 5 7.91 -10.96 -1.41
C ALA A 5 6.63 -11.80 -1.61
N VAL A 6 5.53 -11.49 -0.93
CA VAL A 6 4.27 -12.26 -1.08
C VAL A 6 3.74 -12.07 -2.52
N LEU A 7 3.80 -10.84 -3.04
CA LEU A 7 3.25 -10.54 -4.39
C LEU A 7 4.06 -11.21 -5.49
N TYR A 8 5.34 -11.46 -5.23
CA TYR A 8 6.30 -11.98 -6.21
C TYR A 8 5.91 -13.39 -6.65
N ALA A 9 5.28 -14.15 -5.77
CA ALA A 9 4.90 -15.55 -6.07
C ALA A 9 3.96 -15.54 -7.26
N GLU A 10 3.00 -14.62 -7.24
CA GLU A 10 2.00 -14.51 -8.34
C GLU A 10 2.64 -13.91 -9.59
N HIS A 11 3.67 -13.08 -9.43
CA HIS A 11 4.49 -12.56 -10.55
C HIS A 11 5.17 -13.73 -11.27
N ILE A 12 5.83 -14.60 -10.53
CA ILE A 12 6.44 -15.79 -11.16
C ILE A 12 5.35 -16.61 -11.87
N ALA A 13 4.19 -16.85 -11.25
CA ALA A 13 3.16 -17.72 -11.85
C ALA A 13 2.68 -17.09 -13.17
N THR A 14 2.46 -15.79 -13.20
CA THR A 14 2.06 -15.07 -14.44
C THR A 14 3.15 -15.21 -15.53
N LEU A 15 4.42 -15.05 -15.17
CA LEU A 15 5.54 -15.18 -16.14
C LEU A 15 5.66 -16.62 -16.62
N GLN A 16 5.45 -17.59 -15.74
CA GLN A 16 5.45 -19.02 -16.12
C GLN A 16 4.33 -19.29 -17.15
N GLN A 17 3.14 -18.74 -16.92
CA GLN A 17 1.96 -18.95 -17.78
C GLN A 17 2.23 -18.30 -19.14
N ARG A 18 2.79 -17.08 -19.15
CA ARG A 18 3.13 -16.38 -20.42
C ARG A 18 4.15 -17.20 -21.21
N THR A 19 5.19 -17.67 -20.55
CA THR A 19 6.27 -18.48 -21.16
C THR A 19 5.67 -19.76 -21.79
N ARG A 20 4.86 -20.49 -21.03
CA ARG A 20 4.22 -21.74 -21.49
C ARG A 20 3.39 -21.45 -22.75
N THR A 21 2.56 -20.43 -22.72
CA THR A 21 1.70 -20.08 -23.86
C THR A 21 2.55 -19.80 -25.10
N ILE A 22 3.53 -18.90 -25.02
CA ILE A 22 4.24 -18.46 -26.24
C ILE A 22 5.18 -19.58 -26.72
N THR A 23 5.84 -20.30 -25.82
CA THR A 23 6.74 -21.39 -26.25
C THR A 23 5.94 -22.48 -26.96
N GLU A 24 4.79 -22.87 -26.43
CA GLU A 24 3.94 -23.89 -27.11
C GLU A 24 3.48 -23.35 -28.46
N ARG A 25 2.93 -22.16 -28.51
CA ARG A 25 2.45 -21.58 -29.78
C ARG A 25 3.57 -21.56 -30.83
N GLU A 26 4.80 -21.24 -30.43
CA GLU A 26 5.95 -21.11 -31.37
C GLU A 26 6.79 -22.38 -31.44
N GLY A 27 6.35 -23.50 -30.86
CA GLY A 27 7.01 -24.81 -31.06
C GLY A 27 8.40 -24.82 -30.47
N LEU A 28 8.59 -24.11 -29.34
CA LEU A 28 9.90 -24.04 -28.66
C LEU A 28 9.87 -24.90 -27.40
N GLU A 29 11.02 -25.39 -27.01
CA GLU A 29 11.16 -26.13 -25.73
C GLU A 29 11.38 -25.15 -24.59
N GLY A 30 11.80 -23.92 -24.90
CA GLY A 30 12.02 -22.88 -23.87
C GLY A 30 12.72 -21.65 -24.39
N LEU A 31 12.94 -20.72 -23.45
CA LEU A 31 13.68 -19.47 -23.65
C LEU A 31 14.93 -19.53 -22.81
N VAL A 32 16.01 -19.03 -23.37
CA VAL A 32 17.26 -18.81 -22.61
C VAL A 32 17.49 -17.30 -22.61
N ILE A 33 17.36 -16.67 -21.45
CA ILE A 33 17.35 -15.19 -21.36
C ILE A 33 18.65 -14.76 -20.70
N HIS A 34 19.40 -13.94 -21.41
CA HIS A 34 20.79 -13.54 -21.07
C HIS A 34 20.83 -12.12 -20.49
N SER A 35 21.38 -11.97 -19.30
CA SER A 35 21.36 -10.65 -18.59
C SER A 35 22.20 -9.64 -19.39
N GLY A 36 23.27 -10.11 -20.03
CA GLY A 36 24.12 -9.28 -20.89
C GLY A 36 25.57 -9.40 -20.48
N GLN A 37 26.38 -8.44 -20.90
CA GLN A 37 27.83 -8.44 -20.61
C GLN A 37 28.25 -7.01 -20.36
N ALA A 38 29.40 -6.85 -19.73
CA ALA A 38 30.06 -5.54 -19.60
C ALA A 38 30.75 -5.28 -20.94
N LYS A 39 30.57 -4.09 -21.49
CA LYS A 39 31.23 -3.64 -22.74
C LYS A 39 32.52 -2.91 -22.38
N ARG A 40 33.63 -3.38 -22.93
CA ARG A 40 34.95 -2.78 -22.69
C ARG A 40 35.10 -1.57 -23.57
N GLN A 41 35.70 -0.50 -23.05
CA GLN A 41 36.00 0.69 -23.87
C GLN A 41 37.17 0.40 -24.84
N PHE A 42 37.07 0.95 -26.04
CA PHE A 42 38.05 0.75 -27.12
C PHE A 42 39.45 1.15 -26.63
N LEU A 43 40.41 0.26 -26.85
CA LEU A 43 41.87 0.36 -26.54
C LEU A 43 42.11 0.53 -25.03
N ASP A 44 41.17 0.10 -24.20
CA ASP A 44 41.20 0.47 -22.76
C ASP A 44 40.86 -0.74 -21.90
N TRP A 45 41.06 -0.60 -20.59
CA TRP A 45 40.72 -1.67 -19.61
C TRP A 45 39.44 -1.32 -18.85
N MET A 46 38.95 -0.09 -18.96
CA MET A 46 37.66 0.35 -18.35
C MET A 46 36.47 -0.20 -19.15
N TYR A 47 35.33 -0.30 -18.47
CA TYR A 47 34.03 -0.78 -18.98
C TYR A 47 33.04 0.38 -19.01
N TYR A 48 32.07 0.29 -19.91
CA TYR A 48 30.83 1.09 -19.85
C TYR A 48 30.05 0.62 -18.63
N PRO A 49 29.19 1.47 -18.06
CA PRO A 49 28.26 1.02 -17.03
C PRO A 49 27.38 -0.11 -17.58
N PHE A 50 27.17 -1.13 -16.77
CA PHE A 50 26.38 -2.32 -17.15
C PHE A 50 24.89 -1.94 -17.20
N LYS A 51 24.22 -2.32 -18.27
CA LYS A 51 22.75 -2.20 -18.44
C LYS A 51 22.16 -3.59 -18.73
N VAL A 52 21.34 -4.05 -17.81
CA VAL A 52 20.70 -5.38 -17.89
C VAL A 52 19.71 -5.42 -19.06
N ASN A 53 19.68 -6.57 -19.73
CA ASN A 53 18.61 -6.98 -20.68
C ASN A 53 17.25 -6.84 -19.98
N PRO A 54 16.32 -5.99 -20.47
CA PRO A 54 15.00 -5.88 -19.87
C PRO A 54 14.26 -7.21 -19.76
N GLN A 55 14.49 -8.13 -20.69
CA GLN A 55 13.80 -9.45 -20.68
C GLN A 55 14.33 -10.27 -19.49
N PHE A 56 15.54 -10.00 -19.04
CA PHE A 56 16.12 -10.72 -17.87
C PHE A 56 15.51 -10.20 -16.56
N LYS A 57 15.55 -8.88 -16.35
CA LYS A 57 15.05 -8.29 -15.09
C LYS A 57 13.51 -8.36 -15.01
N ALA A 58 12.83 -8.68 -16.12
CA ALA A 58 11.38 -8.96 -16.12
C ALA A 58 11.07 -10.10 -15.12
N TRP A 59 12.02 -11.00 -14.91
CA TRP A 59 11.86 -12.19 -14.04
C TRP A 59 12.26 -11.91 -12.58
N LEU A 60 13.27 -11.11 -12.35
CA LEU A 60 13.85 -10.94 -10.98
C LEU A 60 14.64 -9.65 -10.88
N PRO A 61 14.73 -9.04 -9.68
CA PRO A 61 15.40 -7.75 -9.52
C PRO A 61 16.93 -7.84 -9.43
N VAL A 62 17.54 -8.48 -10.41
CA VAL A 62 19.01 -8.61 -10.51
C VAL A 62 19.43 -7.79 -11.73
N ILE A 63 19.93 -6.60 -11.51
CA ILE A 63 20.10 -5.60 -12.58
C ILE A 63 21.57 -5.18 -12.72
N ASP A 64 22.45 -5.64 -11.84
CA ASP A 64 23.86 -5.20 -11.85
C ASP A 64 24.80 -6.39 -12.09
N ASN A 65 24.28 -7.51 -12.60
CA ASN A 65 25.08 -8.77 -12.74
C ASN A 65 25.10 -9.24 -14.19
N PRO A 66 26.22 -9.06 -14.91
CA PRO A 66 26.38 -9.65 -16.24
C PRO A 66 26.57 -11.17 -16.16
N HIS A 67 26.51 -11.83 -17.32
CA HIS A 67 26.81 -13.27 -17.48
C HIS A 67 25.86 -14.14 -16.67
N CYS A 68 24.64 -13.66 -16.44
CA CYS A 68 23.54 -14.47 -15.86
C CYS A 68 22.59 -14.96 -16.96
N TRP A 69 21.99 -16.11 -16.73
CA TRP A 69 21.11 -16.76 -17.73
C TRP A 69 19.92 -17.38 -17.00
N ILE A 70 18.74 -17.11 -17.54
CA ILE A 70 17.48 -17.78 -17.11
C ILE A 70 17.12 -18.78 -18.19
N VAL A 71 16.79 -19.99 -17.79
CA VAL A 71 16.24 -21.03 -18.68
C VAL A 71 14.84 -21.35 -18.17
N VAL A 72 13.83 -21.08 -19.00
CA VAL A 72 12.40 -21.22 -18.62
C VAL A 72 11.62 -21.84 -19.77
N ASP A 73 10.64 -22.67 -19.42
CA ASP A 73 9.66 -23.26 -20.38
C ASP A 73 8.22 -23.08 -19.88
N GLY A 74 8.05 -22.61 -18.65
CA GLY A 74 6.73 -22.31 -18.10
C GLY A 74 6.10 -23.52 -17.44
N ALA A 75 6.83 -24.64 -17.32
CA ALA A 75 6.31 -25.85 -16.66
C ALA A 75 7.27 -26.25 -15.54
N SER A 76 8.55 -26.36 -15.82
CA SER A 76 9.50 -26.73 -14.75
C SER A 76 9.91 -25.47 -14.01
N LYS A 77 10.54 -25.67 -12.87
CA LYS A 77 11.02 -24.56 -12.03
C LYS A 77 12.06 -23.75 -12.81
N PRO A 78 11.95 -22.40 -12.85
CA PRO A 78 12.91 -21.59 -13.59
C PRO A 78 14.34 -21.88 -13.14
N LYS A 79 15.23 -21.98 -14.12
CA LYS A 79 16.66 -22.18 -13.87
C LYS A 79 17.39 -20.84 -13.97
N LEU A 80 18.26 -20.56 -13.02
CA LEU A 80 19.08 -19.34 -13.02
C LEU A 80 20.53 -19.75 -12.90
N ILE A 81 21.31 -19.40 -13.93
CA ILE A 81 22.78 -19.43 -13.89
C ILE A 81 23.21 -18.05 -13.40
N PHE A 82 23.81 -18.05 -12.21
CA PHE A 82 24.17 -16.80 -11.52
C PHE A 82 25.68 -16.62 -11.52
N TYR A 83 26.12 -15.50 -12.08
CA TYR A 83 27.57 -15.16 -12.16
C TYR A 83 28.08 -14.77 -10.78
N ARG A 84 29.01 -15.54 -10.26
CA ARG A 84 29.61 -15.23 -8.96
C ARG A 84 31.12 -15.48 -9.05
N PRO A 85 31.92 -14.51 -9.50
CA PRO A 85 33.36 -14.66 -9.58
C PRO A 85 33.94 -14.57 -8.17
N VAL A 86 35.09 -15.20 -7.96
CA VAL A 86 35.72 -15.28 -6.61
C VAL A 86 37.10 -14.62 -6.64
N ASP A 87 37.18 -13.37 -7.11
CA ASP A 87 38.49 -12.67 -7.22
C ASP A 87 38.74 -11.84 -5.96
N PHE A 88 40.01 -11.69 -5.57
CA PHE A 88 40.40 -10.97 -4.34
C PHE A 88 40.14 -9.46 -4.47
N TRP A 89 40.20 -8.94 -5.70
CA TRP A 89 40.12 -7.48 -6.03
C TRP A 89 38.67 -6.94 -6.00
N HIS A 90 37.67 -7.82 -6.05
CA HIS A 90 36.22 -7.43 -6.01
C HIS A 90 35.56 -7.96 -4.74
N LYS A 91 34.53 -7.25 -4.28
CA LYS A 91 33.74 -7.69 -3.10
C LYS A 91 32.90 -8.89 -3.50
N VAL A 92 33.23 -10.06 -2.93
CA VAL A 92 32.50 -11.34 -3.17
C VAL A 92 31.20 -11.25 -2.38
N PRO A 93 30.01 -11.13 -3.04
CA PRO A 93 28.75 -11.10 -2.31
C PRO A 93 28.37 -12.53 -1.89
N ASP A 94 27.41 -12.69 -1.00
CA ASP A 94 26.91 -14.04 -0.63
C ASP A 94 26.18 -14.64 -1.84
N GLU A 95 26.16 -15.99 -1.92
CA GLU A 95 25.22 -16.74 -2.80
C GLU A 95 23.82 -16.20 -2.56
N PRO A 96 22.95 -16.14 -3.60
CA PRO A 96 21.70 -15.41 -3.49
C PRO A 96 20.80 -16.03 -2.41
N ARG A 97 20.31 -15.21 -1.48
CA ARG A 97 19.34 -15.61 -0.41
C ARG A 97 18.25 -14.54 -0.24
N ASP A 98 18.06 -13.66 -1.23
CA ASP A 98 17.00 -12.63 -1.25
C ASP A 98 15.64 -13.32 -1.43
N PHE A 99 14.55 -12.57 -1.34
CA PHE A 99 13.16 -13.14 -1.43
C PHE A 99 12.98 -13.98 -2.69
N TRP A 100 13.65 -13.64 -3.80
CA TRP A 100 13.38 -14.25 -5.13
C TRP A 100 14.09 -15.60 -5.29
N ALA A 101 15.08 -15.92 -4.44
CA ALA A 101 16.03 -17.03 -4.64
C ALA A 101 15.29 -18.35 -4.68
N GLU A 102 14.34 -18.57 -3.76
CA GLU A 102 13.64 -19.87 -3.62
C GLU A 102 12.79 -20.16 -4.87
N TYR A 103 12.54 -19.19 -5.73
CA TYR A 103 11.74 -19.42 -6.98
C TYR A 103 12.57 -19.96 -8.15
N PHE A 104 13.89 -20.09 -8.00
CA PHE A 104 14.80 -20.53 -9.08
C PHE A 104 15.65 -21.69 -8.57
N ASP A 105 15.93 -22.65 -9.46
CA ASP A 105 17.07 -23.58 -9.29
C ASP A 105 18.31 -22.81 -9.73
N ILE A 106 19.18 -22.49 -8.78
CA ILE A 106 20.33 -21.58 -8.98
C ILE A 106 21.62 -22.38 -9.12
N GLU A 107 22.36 -22.15 -10.22
CA GLU A 107 23.72 -22.73 -10.35
C GLU A 107 24.70 -21.58 -10.49
N LEU A 108 25.78 -21.68 -9.74
CA LEU A 108 26.80 -20.61 -9.69
C LEU A 108 27.71 -20.76 -10.90
N LEU A 109 28.04 -19.65 -11.53
CA LEU A 109 28.97 -19.59 -12.67
C LEU A 109 30.18 -18.76 -12.21
N VAL A 110 31.36 -19.36 -12.23
CA VAL A 110 32.59 -18.71 -11.72
C VAL A 110 33.28 -17.96 -12.84
N GLN A 111 33.18 -18.47 -14.06
CA GLN A 111 33.86 -17.87 -15.23
C GLN A 111 32.89 -17.77 -16.39
N PRO A 112 32.74 -16.56 -16.99
CA PRO A 112 31.72 -16.34 -18.03
C PRO A 112 31.73 -17.36 -19.17
N ASP A 113 32.90 -17.77 -19.63
CA ASP A 113 33.02 -18.63 -20.83
C ASP A 113 32.77 -20.11 -20.48
N GLN A 114 32.57 -20.47 -19.21
CA GLN A 114 32.26 -21.88 -18.84
C GLN A 114 30.75 -22.14 -18.78
N VAL A 115 29.94 -21.26 -19.37
CA VAL A 115 28.46 -21.37 -19.28
C VAL A 115 27.93 -22.53 -20.14
N GLU A 116 28.62 -22.90 -21.21
CA GLU A 116 28.13 -23.94 -22.17
C GLU A 116 27.72 -25.20 -21.43
N LYS A 117 28.45 -25.60 -20.39
CA LYS A 117 28.19 -26.88 -19.68
C LYS A 117 26.84 -26.79 -18.94
N LEU A 118 26.36 -25.59 -18.62
CA LEU A 118 25.14 -25.42 -17.77
C LEU A 118 23.89 -25.13 -18.60
N LEU A 119 24.03 -24.95 -19.91
CA LEU A 119 22.88 -24.69 -20.78
C LEU A 119 22.39 -26.00 -21.38
N PRO A 120 21.14 -26.07 -21.89
CA PRO A 120 20.63 -27.32 -22.43
C PRO A 120 21.53 -27.86 -23.55
N TYR A 121 21.76 -29.16 -23.55
CA TYR A 121 22.68 -29.84 -24.50
C TYR A 121 22.16 -29.63 -25.92
N ASP A 122 20.89 -29.93 -26.16
CA ASP A 122 20.27 -29.72 -27.50
C ASP A 122 19.50 -28.39 -27.51
N LYS A 123 19.94 -27.44 -28.34
CA LYS A 123 19.43 -26.05 -28.36
C LYS A 123 18.56 -25.77 -29.58
N ALA A 124 18.37 -26.77 -30.45
CA ALA A 124 17.52 -26.62 -31.65
C ALA A 124 16.24 -25.87 -31.31
N ASN A 125 15.57 -26.24 -30.22
CA ASN A 125 14.20 -25.68 -29.96
C ASN A 125 14.23 -24.67 -28.80
N TYR A 126 15.39 -24.15 -28.42
CA TYR A 126 15.48 -23.04 -27.43
C TYR A 126 15.74 -21.72 -28.13
N ALA A 127 15.00 -20.69 -27.76
CA ALA A 127 15.21 -19.31 -28.26
C ALA A 127 16.13 -18.56 -27.29
N TYR A 128 17.22 -17.99 -27.82
CA TYR A 128 18.13 -17.08 -27.08
C TYR A 128 17.45 -15.72 -27.08
N ILE A 129 17.23 -15.14 -25.89
CA ILE A 129 16.73 -13.76 -25.76
C ILE A 129 17.84 -12.91 -25.15
N GLY A 130 18.38 -12.00 -25.94
CA GLY A 130 19.57 -11.25 -25.52
C GLY A 130 20.26 -10.56 -26.66
N GLU A 131 21.26 -9.80 -26.30
CA GLU A 131 21.93 -8.85 -27.22
C GLU A 131 23.08 -9.54 -27.96
N TYR A 132 23.62 -10.61 -27.42
CA TYR A 132 24.96 -11.10 -27.84
C TYR A 132 24.81 -12.25 -28.82
N LEU A 133 24.46 -11.87 -30.06
CA LEU A 133 24.12 -12.84 -31.13
C LEU A 133 25.30 -13.74 -31.45
N GLU A 134 26.52 -13.20 -31.45
CA GLU A 134 27.72 -13.98 -31.83
C GLU A 134 28.01 -14.96 -30.71
N VAL A 135 27.88 -14.52 -29.46
CA VAL A 135 28.07 -15.44 -28.31
C VAL A 135 27.04 -16.56 -28.42
N ALA A 136 25.79 -16.23 -28.71
CA ALA A 136 24.71 -17.24 -28.76
C ALA A 136 25.07 -18.26 -29.84
N GLN A 137 25.41 -17.78 -31.03
CA GLN A 137 25.79 -18.66 -32.18
C GLN A 137 26.93 -19.60 -31.75
N ALA A 138 27.96 -19.07 -31.09
CA ALA A 138 29.11 -19.88 -30.66
C ALA A 138 28.67 -20.94 -29.64
N LEU A 139 27.64 -20.64 -28.86
CA LEU A 139 27.10 -21.60 -27.86
C LEU A 139 26.21 -22.66 -28.52
N GLY A 140 25.81 -22.45 -29.77
CA GLY A 140 25.02 -23.45 -30.53
C GLY A 140 23.57 -23.06 -30.67
N PHE A 141 23.19 -21.81 -30.37
CA PHE A 141 21.80 -21.33 -30.59
C PHE A 141 21.64 -20.97 -32.07
N SER A 142 20.45 -21.21 -32.60
CA SER A 142 20.08 -20.81 -33.98
C SER A 142 18.88 -19.87 -33.96
N ILE A 143 18.10 -19.90 -32.89
CA ILE A 143 16.90 -19.02 -32.80
C ILE A 143 17.28 -17.93 -31.83
N MET A 144 17.14 -16.68 -32.27
CA MET A 144 17.58 -15.50 -31.49
C MET A 144 16.54 -14.41 -31.59
N ASN A 145 16.01 -13.98 -30.45
CA ASN A 145 15.03 -12.86 -30.39
C ASN A 145 13.97 -13.03 -31.46
N PRO A 146 13.33 -14.22 -31.59
CA PRO A 146 12.32 -14.43 -32.63
C PRO A 146 11.17 -13.46 -32.45
N GLU A 147 10.74 -12.84 -33.53
CA GLU A 147 9.79 -11.71 -33.50
C GLU A 147 8.46 -12.12 -32.83
N PRO A 148 7.86 -13.31 -33.12
CA PRO A 148 6.58 -13.68 -32.50
C PRO A 148 6.68 -13.74 -30.96
N VAL A 149 7.78 -14.24 -30.43
CA VAL A 149 8.04 -14.30 -28.95
C VAL A 149 8.20 -12.88 -28.40
N MET A 150 9.01 -12.05 -29.05
CA MET A 150 9.31 -10.69 -28.57
C MET A 150 8.01 -9.88 -28.56
N ASN A 151 7.23 -9.99 -29.62
CA ASN A 151 5.94 -9.27 -29.77
C ASN A 151 4.93 -9.70 -28.70
N TYR A 152 4.81 -11.00 -28.45
CA TYR A 152 3.92 -11.52 -27.40
C TYR A 152 4.34 -10.98 -26.03
N LEU A 153 5.59 -11.16 -25.63
CA LEU A 153 6.09 -10.73 -24.30
C LEU A 153 5.94 -9.22 -24.17
N HIS A 154 6.29 -8.47 -25.21
CA HIS A 154 6.20 -6.99 -25.21
C HIS A 154 4.74 -6.56 -25.11
N PHE A 155 3.84 -7.28 -25.78
CA PHE A 155 2.40 -6.97 -25.68
C PHE A 155 1.97 -7.10 -24.22
N HIS A 156 2.30 -8.22 -23.61
CA HIS A 156 1.79 -8.57 -22.26
C HIS A 156 2.53 -7.80 -21.16
N ARG A 157 3.67 -7.17 -21.45
CA ARG A 157 4.41 -6.32 -20.46
C ARG A 157 3.54 -5.10 -20.04
N ALA A 158 2.60 -4.69 -20.88
CA ALA A 158 1.68 -3.58 -20.57
C ALA A 158 0.78 -3.93 -19.38
N TYR A 159 0.51 -5.22 -19.12
CA TYR A 159 -0.34 -5.65 -17.99
C TYR A 159 0.58 -5.96 -16.82
N LYS A 160 0.69 -5.01 -15.92
CA LYS A 160 1.56 -5.16 -14.72
C LYS A 160 0.92 -6.12 -13.73
N THR A 161 1.70 -7.03 -13.18
CA THR A 161 1.30 -7.85 -12.02
C THR A 161 1.27 -6.92 -10.79
N GLN A 162 0.69 -7.39 -9.68
CA GLN A 162 0.60 -6.61 -8.43
C GLN A 162 2.01 -6.34 -7.87
N TYR A 163 2.94 -7.29 -8.04
CA TYR A 163 4.38 -7.15 -7.73
C TYR A 163 4.91 -5.91 -8.47
N GLU A 164 4.66 -5.84 -9.77
CA GLU A 164 5.22 -4.78 -10.64
C GLU A 164 4.65 -3.43 -10.20
N LEU A 165 3.36 -3.37 -9.92
CA LEU A 165 2.72 -2.11 -9.52
C LEU A 165 3.32 -1.64 -8.18
N GLU A 166 3.62 -2.56 -7.27
CA GLU A 166 4.20 -2.20 -5.97
C GLU A 166 5.64 -1.67 -6.22
N CYS A 167 6.41 -2.31 -7.11
CA CYS A 167 7.77 -1.82 -7.46
C CYS A 167 7.67 -0.41 -8.01
N LEU A 168 6.68 -0.14 -8.86
CA LEU A 168 6.53 1.19 -9.48
C LEU A 168 6.17 2.23 -8.43
N ARG A 169 5.36 1.86 -7.43
CA ARG A 169 5.00 2.78 -6.32
C ARG A 169 6.29 3.15 -5.58
N GLN A 170 7.14 2.17 -5.33
CA GLN A 170 8.39 2.36 -4.55
C GLN A 170 9.35 3.27 -5.33
N ALA A 171 9.39 3.14 -6.66
CA ALA A 171 10.25 3.99 -7.49
C ALA A 171 9.78 5.44 -7.43
N ASN A 172 8.46 5.64 -7.54
CA ASN A 172 7.86 6.98 -7.45
C ASN A 172 8.18 7.62 -6.09
N ARG A 173 8.07 6.84 -5.02
CA ARG A 173 8.39 7.33 -3.66
C ARG A 173 9.84 7.84 -3.62
N ILE A 174 10.79 7.10 -4.18
CA ILE A 174 12.20 7.55 -4.17
C ILE A 174 12.34 8.83 -5.02
N ALA A 175 11.78 8.83 -6.22
CA ALA A 175 11.94 9.96 -7.16
C ALA A 175 11.38 11.24 -6.54
N VAL A 176 10.27 11.15 -5.84
CA VAL A 176 9.61 12.31 -5.18
C VAL A 176 10.56 12.95 -4.16
N GLU A 177 11.34 12.17 -3.41
CA GLU A 177 12.34 12.72 -2.46
C GLU A 177 13.38 13.51 -3.24
N GLY A 178 13.78 12.97 -4.39
CA GLY A 178 14.71 13.70 -5.26
C GLY A 178 14.12 15.02 -5.68
N HIS A 179 12.87 14.97 -6.17
CA HIS A 179 12.20 16.16 -6.74
C HIS A 179 12.08 17.27 -5.69
N LYS A 180 11.85 16.88 -4.44
CA LYS A 180 11.73 17.90 -3.37
C LYS A 180 13.08 18.61 -3.17
N ALA A 181 14.18 17.85 -3.12
CA ALA A 181 15.53 18.40 -2.87
C ALA A 181 15.97 19.26 -4.07
N ALA A 182 15.59 18.84 -5.29
CA ALA A 182 15.94 19.59 -6.50
C ALA A 182 15.28 20.94 -6.49
N ARG A 183 13.96 20.94 -6.27
CA ARG A 183 13.13 22.15 -6.14
C ARG A 183 13.80 23.11 -5.14
N ASP A 184 14.14 22.63 -3.95
CA ASP A 184 14.67 23.49 -2.85
C ASP A 184 16.04 24.07 -3.25
N THR A 185 16.86 23.29 -3.94
CA THR A 185 18.16 23.78 -4.44
C THR A 185 17.92 24.87 -5.51
N PHE A 186 16.93 24.71 -6.38
CA PHE A 186 16.61 25.75 -7.40
C PHE A 186 16.22 27.06 -6.71
N PHE A 187 15.33 27.00 -5.72
CA PHE A 187 14.89 28.23 -5.00
C PHE A 187 16.03 28.83 -4.18
N ASN A 188 17.09 28.07 -3.88
CA ASN A 188 18.28 28.64 -3.19
C ASN A 188 19.32 29.18 -4.17
N GLY A 189 19.05 29.23 -5.48
CA GLY A 189 19.99 29.80 -6.46
C GLY A 189 21.00 28.78 -7.01
N GLY A 190 20.74 27.49 -6.89
CA GLY A 190 21.69 26.48 -7.38
C GLY A 190 21.80 26.45 -8.89
N SER A 191 22.94 25.99 -9.38
CA SER A 191 23.17 25.70 -10.80
C SER A 191 22.46 24.38 -11.15
N GLU A 192 22.32 24.12 -12.44
CA GLU A 192 21.89 22.81 -12.96
C GLU A 192 22.70 21.69 -12.31
N PHE A 193 24.02 21.82 -12.26
CA PHE A 193 24.90 20.79 -11.69
C PHE A 193 24.55 20.58 -10.22
N ASP A 194 24.36 21.67 -9.48
CA ASP A 194 24.03 21.60 -8.04
C ASP A 194 22.69 20.89 -7.85
N ILE A 195 21.74 21.24 -8.70
CA ILE A 195 20.36 20.68 -8.58
C ILE A 195 20.42 19.16 -8.82
N GLN A 196 21.13 18.74 -9.88
CA GLN A 196 21.28 17.29 -10.23
C GLN A 196 21.86 16.53 -9.04
N HIS A 197 22.90 17.08 -8.42
CA HIS A 197 23.64 16.36 -7.36
C HIS A 197 22.82 16.38 -6.06
N ALA A 198 22.00 17.40 -5.82
CA ALA A 198 21.05 17.39 -4.69
C ALA A 198 20.00 16.28 -4.94
N TYR A 199 19.54 16.13 -6.19
CA TYR A 199 18.59 15.06 -6.54
C TYR A 199 19.18 13.67 -6.25
N LEU A 200 20.41 13.44 -6.69
CA LEU A 200 21.10 12.14 -6.48
C LEU A 200 21.33 11.91 -4.98
N MET A 201 21.68 12.96 -4.25
CA MET A 201 21.90 12.85 -2.78
C MET A 201 20.60 12.46 -2.06
N ALA A 202 19.47 13.05 -2.43
CA ALA A 202 18.18 12.77 -1.77
C ALA A 202 17.66 11.38 -2.17
N THR A 203 17.89 10.91 -3.40
CA THR A 203 17.43 9.56 -3.83
C THR A 203 18.37 8.46 -3.36
N ARG A 204 19.60 8.80 -2.93
CA ARG A 204 20.67 7.82 -2.65
C ARG A 204 20.95 6.95 -3.88
N GLN A 205 20.78 7.50 -5.07
CA GLN A 205 21.06 6.76 -6.32
C GLN A 205 22.07 7.58 -7.12
N SER A 206 23.09 6.90 -7.63
CA SER A 206 24.13 7.56 -8.46
C SER A 206 23.60 7.78 -9.88
N GLU A 207 24.35 8.55 -10.66
CA GLU A 207 23.94 9.01 -12.00
C GLU A 207 23.56 7.79 -12.85
N ASN A 208 24.33 6.71 -12.81
CA ASN A 208 24.13 5.55 -13.72
C ASN A 208 23.06 4.59 -13.17
N GLU A 209 22.59 4.78 -11.94
CA GLU A 209 21.41 4.04 -11.46
C GLU A 209 20.11 4.75 -11.90
N MET A 210 20.16 6.01 -12.28
CA MET A 210 18.96 6.69 -12.82
C MET A 210 18.46 5.87 -14.03
N PRO A 211 17.15 5.65 -14.19
CA PRO A 211 16.66 4.86 -15.34
C PRO A 211 16.77 5.58 -16.69
N TYR A 212 17.06 6.88 -16.64
CA TYR A 212 17.40 7.68 -17.84
C TYR A 212 18.24 8.86 -17.39
N GLY A 213 18.88 9.53 -18.35
CA GLY A 213 19.68 10.73 -18.09
C GLY A 213 18.74 11.85 -17.69
N ASN A 214 18.84 12.32 -16.44
CA ASN A 214 17.94 13.36 -15.90
C ASN A 214 18.03 14.61 -16.76
N ILE A 215 16.92 15.30 -16.91
CA ILE A 215 16.87 16.64 -17.53
C ILE A 215 16.75 17.65 -16.40
N VAL A 216 17.78 18.45 -16.25
CA VAL A 216 17.83 19.54 -15.24
C VAL A 216 18.17 20.80 -16.00
N ALA A 217 17.18 21.64 -16.18
CA ALA A 217 17.25 22.80 -17.07
C ALA A 217 16.83 24.05 -16.31
N LEU A 218 17.59 25.10 -16.50
CA LEU A 218 17.24 26.46 -16.04
C LEU A 218 16.97 27.33 -17.25
N ASN A 219 15.98 28.21 -17.13
CA ASN A 219 15.75 29.36 -18.06
C ASN A 219 15.53 28.83 -19.48
N GLU A 220 16.30 29.32 -20.46
CA GLU A 220 16.11 28.97 -21.90
C GLU A 220 16.27 27.46 -22.11
N ASN A 221 17.02 26.78 -21.26
CA ASN A 221 17.29 25.33 -21.45
C ASN A 221 16.00 24.52 -21.27
N CYS A 222 15.01 25.08 -20.58
CA CYS A 222 13.69 24.40 -20.39
C CYS A 222 13.00 24.21 -21.76
N ALA A 223 13.35 24.99 -22.78
CA ALA A 223 12.77 24.86 -24.14
C ALA A 223 13.40 23.67 -24.89
N ILE A 224 14.52 23.16 -24.42
CA ILE A 224 15.24 22.04 -25.08
C ILE A 224 14.81 20.71 -24.44
N TYR A 225 13.88 20.01 -25.06
CA TYR A 225 13.07 18.99 -24.33
C TYR A 225 13.87 17.69 -24.14
N LEU A 226 14.98 17.48 -24.85
CA LEU A 226 15.95 16.38 -24.54
C LEU A 226 17.34 16.96 -24.20
N TYR A 227 17.38 18.15 -23.58
CA TYR A 227 18.57 18.80 -22.97
C TYR A 227 19.26 17.80 -22.04
N THR A 228 20.58 17.64 -22.14
CA THR A 228 21.28 16.58 -21.35
C THR A 228 22.38 17.15 -20.45
N HIS A 229 22.90 18.36 -20.70
CA HIS A 229 24.10 18.89 -19.98
C HIS A 229 23.70 19.33 -18.58
N PHE A 230 24.70 19.52 -17.72
CA PHE A 230 24.48 20.17 -16.41
C PHE A 230 25.48 21.31 -16.28
N GLU A 231 25.06 22.53 -16.60
CA GLU A 231 25.88 23.74 -16.37
C GLU A 231 26.31 23.81 -14.90
N PRO A 232 27.63 23.79 -14.63
CA PRO A 232 28.16 23.92 -13.28
C PRO A 232 27.99 25.30 -12.65
N THR A 233 27.91 26.35 -13.46
CA THR A 233 27.79 27.72 -12.92
C THR A 233 26.33 28.18 -13.09
N ALA A 234 25.80 28.84 -12.06
CA ALA A 234 24.42 29.33 -12.02
C ALA A 234 24.27 30.47 -13.02
N PRO A 235 23.10 30.63 -13.68
CA PRO A 235 22.88 31.79 -14.55
C PRO A 235 22.83 33.02 -13.63
N HIS A 236 23.14 34.21 -14.15
CA HIS A 236 23.07 35.46 -13.36
C HIS A 236 21.65 35.65 -12.80
N THR A 237 20.64 35.35 -13.59
CA THR A 237 19.22 35.52 -13.18
C THR A 237 18.49 34.18 -13.26
N HIS A 238 17.85 33.76 -12.18
CA HIS A 238 17.00 32.54 -12.15
C HIS A 238 15.59 32.93 -12.57
N HIS A 239 15.07 32.38 -13.68
CA HIS A 239 13.65 32.59 -14.09
C HIS A 239 12.83 31.31 -13.89
N SER A 240 13.31 30.20 -14.44
CA SER A 240 12.53 28.95 -14.49
C SER A 240 13.42 27.74 -14.32
N PHE A 241 12.77 26.63 -14.03
CA PHE A 241 13.43 25.35 -13.72
C PHE A 241 12.48 24.23 -14.14
N LEU A 242 13.02 23.31 -14.91
CA LEU A 242 12.31 22.12 -15.40
C LEU A 242 13.21 20.96 -15.05
N ILE A 243 12.66 20.03 -14.30
CA ILE A 243 13.38 18.78 -13.99
C ILE A 243 12.50 17.62 -14.41
N ASP A 244 13.11 16.76 -15.20
CA ASP A 244 12.55 15.47 -15.57
C ASP A 244 13.50 14.40 -15.08
N ALA A 245 13.10 13.69 -14.05
CA ALA A 245 13.97 12.71 -13.37
C ALA A 245 13.16 11.65 -12.67
N GLY A 246 13.76 10.49 -12.56
CA GLY A 246 13.12 9.32 -11.99
C GLY A 246 13.95 8.70 -10.89
N ALA A 247 13.83 7.39 -10.83
CA ALA A 247 14.53 6.52 -9.88
C ALA A 247 14.24 5.09 -10.31
N ASN A 248 15.10 4.20 -9.82
CA ASN A 248 14.98 2.74 -10.00
C ASN A 248 14.43 2.13 -8.70
N PHE A 249 13.53 1.18 -8.80
CA PHE A 249 13.27 0.20 -7.71
C PHE A 249 13.09 -1.17 -8.37
N ASN A 250 13.99 -2.10 -8.05
CA ASN A 250 13.92 -3.50 -8.54
C ASN A 250 13.84 -3.55 -10.08
N GLY A 251 14.40 -2.57 -10.77
CA GLY A 251 14.42 -2.53 -12.25
C GLY A 251 13.24 -1.74 -12.85
N TYR A 252 12.35 -1.24 -11.99
CA TYR A 252 11.14 -0.48 -12.40
C TYR A 252 11.45 0.99 -12.27
N ALA A 253 10.97 1.77 -13.22
CA ALA A 253 11.30 3.21 -13.34
C ALA A 253 10.13 4.08 -12.85
N ALA A 254 10.51 5.21 -12.28
CA ALA A 254 9.67 6.40 -12.18
C ALA A 254 10.13 7.37 -13.26
N ASP A 255 9.27 8.32 -13.59
CA ASP A 255 9.50 9.30 -14.65
C ASP A 255 8.65 10.52 -14.36
N ILE A 256 9.20 11.46 -13.61
CA ILE A 256 8.43 12.63 -13.09
C ILE A 256 9.03 13.93 -13.62
N THR A 257 8.15 14.83 -14.05
CA THR A 257 8.58 16.16 -14.53
C THR A 257 7.80 17.21 -13.77
N ARG A 258 8.51 18.25 -13.34
CA ARG A 258 7.91 19.44 -12.72
C ARG A 258 8.60 20.67 -13.27
N THR A 259 7.85 21.75 -13.36
CA THR A 259 8.34 23.06 -13.80
C THR A 259 8.04 24.08 -12.72
N TYR A 260 8.99 24.98 -12.47
CA TYR A 260 8.87 25.97 -11.40
C TYR A 260 9.27 27.35 -11.92
N ASP A 261 8.67 28.34 -11.29
CA ASP A 261 8.92 29.77 -11.55
C ASP A 261 9.67 30.31 -10.32
N PHE A 262 10.78 30.98 -10.52
CA PHE A 262 11.66 31.43 -9.41
C PHE A 262 10.91 32.43 -8.53
N LYS A 263 10.16 33.34 -9.13
CA LYS A 263 9.46 34.42 -8.38
C LYS A 263 8.21 33.88 -7.67
N LYS A 264 7.59 32.81 -8.19
CA LYS A 264 6.31 32.24 -7.71
C LYS A 264 5.19 33.25 -7.92
N SER A 265 5.32 34.14 -8.91
CA SER A 265 4.25 35.03 -9.39
C SER A 265 4.63 35.63 -10.75
N GLY A 266 3.67 36.27 -11.38
CA GLY A 266 3.82 36.80 -12.74
C GLY A 266 3.31 35.79 -13.74
N GLU A 267 3.45 36.11 -15.01
CA GLU A 267 2.70 35.43 -16.08
C GLU A 267 3.17 33.97 -16.25
N PHE A 268 4.47 33.70 -16.13
CA PHE A 268 5.00 32.34 -16.36
C PHE A 268 4.51 31.42 -15.23
N SER A 269 4.52 31.92 -14.00
CA SER A 269 3.91 31.24 -12.82
C SER A 269 2.45 30.90 -13.09
N ASP A 270 1.66 31.86 -13.59
CA ASP A 270 0.25 31.62 -14.01
C ASP A 270 0.19 30.59 -15.14
N LEU A 271 1.12 30.62 -16.10
CA LEU A 271 1.12 29.62 -17.21
C LEU A 271 1.34 28.21 -16.63
N ILE A 272 2.25 28.05 -15.68
CA ILE A 272 2.51 26.72 -15.03
C ILE A 272 1.21 26.24 -14.38
N GLN A 273 0.56 27.10 -13.60
CA GLN A 273 -0.69 26.74 -12.86
C GLN A 273 -1.77 26.30 -13.85
N VAL A 274 -1.95 27.02 -14.96
CA VAL A 274 -3.00 26.64 -15.95
C VAL A 274 -2.63 25.30 -16.62
N MET A 275 -1.37 25.09 -17.01
CA MET A 275 -0.91 23.81 -17.58
C MET A 275 -1.10 22.69 -16.56
N THR A 276 -0.88 22.98 -15.28
CA THR A 276 -1.04 21.98 -14.18
C THR A 276 -2.51 21.56 -14.11
N GLU A 277 -3.44 22.52 -14.16
CA GLU A 277 -4.92 22.17 -14.18
C GLU A 277 -5.22 21.28 -15.38
N HIS A 278 -4.67 21.58 -16.55
CA HIS A 278 -4.93 20.77 -17.77
C HIS A 278 -4.28 19.39 -17.61
N GLN A 279 -3.10 19.33 -16.98
CA GLN A 279 -2.35 18.05 -16.86
C GLN A 279 -3.09 17.14 -15.89
N ILE A 280 -3.65 17.70 -14.83
CA ILE A 280 -4.46 16.93 -13.86
C ILE A 280 -5.70 16.40 -14.59
N ALA A 281 -6.39 17.24 -15.36
CA ALA A 281 -7.61 16.79 -16.07
C ALA A 281 -7.24 15.71 -17.09
N LEU A 282 -6.11 15.80 -17.78
CA LEU A 282 -5.71 14.77 -18.77
C LEU A 282 -5.44 13.45 -18.04
N GLY A 283 -4.77 13.52 -16.90
CA GLY A 283 -4.51 12.35 -16.05
C GLY A 283 -5.80 11.68 -15.57
N LYS A 284 -6.82 12.46 -15.29
CA LYS A 284 -8.14 11.92 -14.86
C LYS A 284 -9.00 11.44 -16.05
N ALA A 285 -8.56 11.66 -17.29
CA ALA A 285 -9.32 11.18 -18.47
C ALA A 285 -8.82 9.81 -18.94
N LEU A 286 -7.79 9.23 -18.32
CA LEU A 286 -7.45 7.81 -18.61
C LEU A 286 -8.64 6.93 -18.22
N LYS A 287 -9.04 6.01 -19.08
CA LYS A 287 -10.26 5.20 -18.86
C LYS A 287 -10.11 3.90 -19.64
N PRO A 288 -10.36 2.73 -19.04
CA PRO A 288 -10.38 1.49 -19.82
C PRO A 288 -11.36 1.62 -21.01
N GLY A 289 -10.94 1.13 -22.18
CA GLY A 289 -11.80 1.11 -23.37
C GLY A 289 -11.60 2.32 -24.27
N LEU A 290 -10.74 3.27 -23.87
CA LEU A 290 -10.34 4.44 -24.69
C LEU A 290 -8.98 4.21 -25.35
N LEU A 291 -8.82 4.62 -26.61
CA LEU A 291 -7.49 4.67 -27.28
C LEU A 291 -6.68 5.83 -26.71
N TYR A 292 -5.41 5.60 -26.40
CA TYR A 292 -4.54 6.64 -25.82
C TYR A 292 -4.40 7.82 -26.79
N GLY A 293 -4.38 7.55 -28.09
CA GLY A 293 -4.40 8.60 -29.12
C GLY A 293 -5.48 9.64 -28.92
N GLU A 294 -6.63 9.27 -28.38
CA GLU A 294 -7.74 10.23 -28.10
C GLU A 294 -7.32 11.23 -27.01
N LEU A 295 -6.54 10.82 -26.02
CA LEU A 295 -6.04 11.77 -24.99
C LEU A 295 -5.01 12.71 -25.60
N HIS A 296 -4.17 12.21 -26.52
CA HIS A 296 -3.20 13.04 -27.24
C HIS A 296 -3.93 14.16 -27.98
N LEU A 297 -5.02 13.83 -28.67
CA LEU A 297 -5.88 14.84 -29.36
C LEU A 297 -6.46 15.83 -28.35
N GLU A 298 -6.99 15.32 -27.23
CA GLU A 298 -7.52 16.23 -26.19
C GLU A 298 -6.40 17.15 -25.69
N CYS A 299 -5.18 16.64 -25.52
CA CYS A 299 -4.03 17.46 -25.09
C CYS A 299 -3.80 18.62 -26.07
N HIS A 300 -3.82 18.35 -27.37
CA HIS A 300 -3.65 19.45 -28.38
C HIS A 300 -4.74 20.49 -28.18
N GLN A 301 -5.98 20.05 -27.95
CA GLN A 301 -7.13 20.98 -27.69
C GLN A 301 -6.80 21.85 -26.47
N ARG A 302 -6.24 21.26 -25.41
CA ARG A 302 -6.05 21.99 -24.15
C ARG A 302 -4.88 22.98 -24.29
N VAL A 303 -3.83 22.56 -24.97
CA VAL A 303 -2.68 23.45 -25.25
C VAL A 303 -3.16 24.64 -26.08
N ALA A 304 -4.03 24.41 -27.06
CA ALA A 304 -4.61 25.49 -27.87
C ALA A 304 -5.39 26.44 -26.95
N GLN A 305 -6.16 25.89 -26.01
CA GLN A 305 -6.96 26.72 -25.05
C GLN A 305 -5.98 27.62 -24.29
N VAL A 306 -4.82 27.10 -23.88
CA VAL A 306 -3.82 27.88 -23.12
C VAL A 306 -3.26 28.99 -24.00
N LEU A 307 -2.88 28.62 -25.24
CA LEU A 307 -2.24 29.58 -26.17
C LEU A 307 -3.22 30.73 -26.40
N SER A 308 -4.49 30.40 -26.56
CA SER A 308 -5.59 31.38 -26.82
C SER A 308 -5.81 32.23 -25.58
N ASP A 309 -5.94 31.59 -24.41
CA ASP A 309 -6.29 32.28 -23.14
C ASP A 309 -5.20 33.25 -22.73
N PHE A 310 -3.94 32.95 -22.99
CA PHE A 310 -2.81 33.82 -22.54
C PHE A 310 -2.46 34.87 -23.61
N ASN A 311 -3.20 34.88 -24.73
CA ASN A 311 -2.96 35.82 -25.86
C ASN A 311 -1.55 35.60 -26.47
N ILE A 312 -1.08 34.35 -26.50
CA ILE A 312 0.17 33.95 -27.23
C ILE A 312 -0.15 33.76 -28.71
N VAL A 313 -1.29 33.16 -29.01
CA VAL A 313 -1.86 33.09 -30.38
C VAL A 313 -3.24 33.73 -30.31
N LYS A 314 -3.51 34.69 -31.21
CA LYS A 314 -4.70 35.58 -31.18
C LYS A 314 -5.78 34.94 -32.01
N LEU A 315 -6.21 33.74 -31.60
CA LEU A 315 -7.24 32.96 -32.32
C LEU A 315 -7.99 32.13 -31.29
N PRO A 316 -9.26 31.80 -31.57
CA PRO A 316 -9.99 30.81 -30.78
C PRO A 316 -9.25 29.47 -30.80
N ALA A 317 -9.38 28.70 -29.72
CA ALA A 317 -8.66 27.44 -29.53
C ALA A 317 -8.85 26.52 -30.73
N ALA A 318 -10.09 26.39 -31.22
CA ALA A 318 -10.43 25.44 -32.32
C ALA A 318 -9.63 25.76 -33.59
N ASP A 319 -9.44 27.05 -33.89
CA ASP A 319 -8.66 27.50 -35.07
C ASP A 319 -7.17 27.22 -34.92
N ILE A 320 -6.65 27.32 -33.69
CA ILE A 320 -5.23 27.01 -33.40
C ILE A 320 -4.97 25.55 -33.71
N VAL A 321 -5.89 24.67 -33.33
CA VAL A 321 -5.78 23.20 -33.56
C VAL A 321 -5.85 22.94 -35.07
N GLU A 322 -6.85 23.51 -35.73
CA GLU A 322 -7.15 23.20 -37.16
C GLU A 322 -5.97 23.62 -38.05
N ARG A 323 -5.37 24.77 -37.78
CA ARG A 323 -4.21 25.27 -38.55
C ARG A 323 -2.88 24.62 -38.13
N GLY A 324 -2.90 23.67 -37.18
CA GLY A 324 -1.70 22.90 -36.81
C GLY A 324 -0.76 23.63 -35.86
N ILE A 325 -1.10 24.84 -35.41
CA ILE A 325 -0.16 25.76 -34.71
C ILE A 325 0.28 25.13 -33.38
N THR A 326 -0.56 24.31 -32.74
CA THR A 326 -0.26 23.73 -31.41
C THR A 326 1.06 22.96 -31.44
N SER A 327 1.41 22.37 -32.60
CA SER A 327 2.61 21.50 -32.75
C SER A 327 3.90 22.27 -32.56
N THR A 328 3.90 23.57 -32.85
CA THR A 328 5.08 24.44 -32.61
C THR A 328 5.34 24.57 -31.11
N PHE A 329 4.30 24.55 -30.29
CA PHE A 329 4.44 24.76 -28.83
C PHE A 329 4.47 23.44 -28.07
N PHE A 330 3.85 22.39 -28.62
CA PHE A 330 3.74 21.04 -27.99
C PHE A 330 4.10 20.03 -29.07
N PRO A 331 5.40 19.79 -29.30
CA PRO A 331 5.85 19.01 -30.46
C PRO A 331 6.03 17.51 -30.23
N HIS A 332 5.80 17.00 -29.02
CA HIS A 332 6.01 15.56 -28.69
C HIS A 332 4.70 14.86 -28.30
N GLY A 333 4.78 13.56 -28.05
CA GLY A 333 3.65 12.75 -27.57
C GLY A 333 3.22 13.10 -26.14
N LEU A 334 1.95 12.87 -25.81
CA LEU A 334 1.36 13.13 -24.47
C LEU A 334 2.03 12.25 -23.41
N GLY A 335 2.48 11.06 -23.80
CA GLY A 335 3.18 10.17 -22.89
C GLY A 335 3.25 8.77 -23.42
N HIS A 336 3.47 7.81 -22.52
CA HIS A 336 3.75 6.42 -22.91
C HIS A 336 3.47 5.50 -21.73
N HIS A 337 3.51 4.21 -21.99
CA HIS A 337 3.62 3.18 -20.94
C HIS A 337 4.92 3.34 -20.16
N LEU A 338 4.87 2.92 -18.92
CA LEU A 338 5.97 2.99 -17.95
C LEU A 338 6.08 1.64 -17.26
N GLY A 339 7.30 1.13 -17.11
CA GLY A 339 7.51 -0.13 -16.39
C GLY A 339 8.97 -0.43 -16.13
N LEU A 340 9.40 -1.61 -16.56
CA LEU A 340 10.81 -2.01 -16.56
C LEU A 340 11.64 -1.05 -17.41
N GLN A 341 11.05 -0.56 -18.47
CA GLN A 341 11.70 0.43 -19.34
C GLN A 341 10.87 1.71 -19.21
N VAL A 342 11.55 2.82 -19.39
CA VAL A 342 10.97 4.16 -19.11
C VAL A 342 9.90 4.45 -20.17
N ILE A 343 10.24 4.20 -21.43
CA ILE A 343 9.25 4.16 -22.54
C ILE A 343 8.96 2.69 -22.73
N ASP A 344 7.91 2.21 -22.08
CA ASP A 344 7.73 0.75 -21.92
C ASP A 344 7.19 0.14 -23.22
N MET A 345 7.36 -1.18 -23.29
CA MET A 345 7.09 -2.00 -24.49
C MET A 345 5.58 -2.12 -24.72
N GLY A 346 5.19 -2.33 -25.97
CA GLY A 346 3.83 -2.75 -26.33
C GLY A 346 2.86 -1.58 -26.45
N GLY A 347 3.36 -0.34 -26.36
CA GLY A 347 2.52 0.86 -26.36
C GLY A 347 1.94 1.18 -27.74
N PHE A 348 2.48 0.55 -28.78
CA PHE A 348 2.07 0.79 -30.20
C PHE A 348 1.17 -0.36 -30.72
N MET A 349 0.95 -1.40 -29.92
CA MET A 349 0.34 -2.67 -30.43
C MET A 349 -1.18 -2.76 -30.21
N ALA A 350 -1.86 -3.33 -31.21
CA ALA A 350 -3.30 -3.65 -31.19
C ALA A 350 -3.48 -5.08 -30.68
N ASP A 351 -2.52 -5.98 -30.88
CA ASP A 351 -2.67 -7.40 -30.45
C ASP A 351 -1.31 -8.03 -30.19
N GLU A 352 -1.35 -9.24 -29.66
CA GLU A 352 -0.21 -10.09 -29.23
C GLU A 352 0.77 -10.42 -30.35
N SER A 353 0.33 -10.38 -31.61
CA SER A 353 1.20 -10.74 -32.76
C SER A 353 2.05 -9.50 -33.14
N GLY A 354 1.68 -8.32 -32.65
CA GLY A 354 2.50 -7.10 -32.83
C GLY A 354 1.98 -6.14 -33.89
N THR A 355 0.82 -6.41 -34.48
CA THR A 355 0.10 -5.44 -35.36
C THR A 355 0.04 -4.08 -34.66
N HIS A 356 0.30 -3.02 -35.39
CA HIS A 356 0.30 -1.63 -34.87
C HIS A 356 -1.13 -1.13 -34.79
N GLN A 357 -1.45 -0.45 -33.71
CA GLN A 357 -2.66 0.39 -33.60
C GLN A 357 -2.31 1.73 -34.22
N ALA A 358 -2.99 2.08 -35.31
CA ALA A 358 -2.71 3.29 -36.11
C ALA A 358 -2.84 4.53 -35.22
N PRO A 359 -1.96 5.54 -35.38
CA PRO A 359 -2.10 6.79 -34.64
C PRO A 359 -3.28 7.61 -35.17
N PRO A 360 -3.75 8.64 -34.42
CA PRO A 360 -4.83 9.49 -34.89
C PRO A 360 -4.41 10.26 -36.15
N GLU A 361 -5.40 10.73 -36.90
CA GLU A 361 -5.24 11.15 -38.31
C GLU A 361 -4.16 12.23 -38.46
N GLY A 362 -4.21 13.28 -37.65
CA GLY A 362 -3.28 14.42 -37.75
C GLY A 362 -1.92 14.21 -37.07
N HIS A 363 -1.70 13.06 -36.41
CA HIS A 363 -0.49 12.83 -35.56
C HIS A 363 0.18 11.52 -35.94
N PRO A 364 0.73 11.43 -37.17
CA PRO A 364 1.31 10.19 -37.66
C PRO A 364 2.52 9.67 -36.87
N PHE A 365 3.19 10.52 -36.09
CA PHE A 365 4.41 10.11 -35.35
C PHE A 365 4.10 9.65 -33.94
N LEU A 366 2.84 9.73 -33.49
CA LEU A 366 2.50 9.28 -32.12
C LEU A 366 2.75 7.77 -32.02
N ARG A 367 3.50 7.35 -31.00
CA ARG A 367 3.95 5.93 -30.84
C ARG A 367 3.21 5.25 -29.67
N CYS A 368 2.56 6.00 -28.79
CA CYS A 368 1.66 5.42 -27.77
C CYS A 368 0.19 5.52 -28.22
N THR A 369 -0.33 4.42 -28.77
CA THR A 369 -1.64 4.41 -29.47
C THR A 369 -2.62 3.34 -28.92
N ARG A 370 -2.12 2.48 -28.05
CA ARG A 370 -2.83 1.27 -27.62
C ARG A 370 -4.07 1.62 -26.78
N LEU A 371 -5.07 0.75 -26.90
CA LEU A 371 -6.30 0.75 -26.06
C LEU A 371 -5.89 0.66 -24.59
N ILE A 372 -6.36 1.62 -23.81
CA ILE A 372 -6.15 1.67 -22.34
C ILE A 372 -6.98 0.56 -21.67
N GLU A 373 -6.35 -0.16 -20.77
CA GLU A 373 -7.01 -1.20 -19.97
C GLU A 373 -6.45 -1.16 -18.55
N LYS A 374 -7.13 -1.83 -17.64
CA LYS A 374 -6.71 -1.90 -16.23
C LYS A 374 -5.36 -2.61 -16.10
N ASN A 375 -4.68 -2.29 -15.01
CA ASN A 375 -3.33 -2.80 -14.67
C ASN A 375 -2.28 -2.29 -15.65
N GLN A 376 -2.58 -1.25 -16.42
CA GLN A 376 -1.56 -0.57 -17.25
C GLN A 376 -1.11 0.70 -16.53
N VAL A 377 0.11 1.13 -16.84
CA VAL A 377 0.75 2.28 -16.16
C VAL A 377 1.25 3.27 -17.21
N PHE A 378 0.86 4.52 -17.06
CA PHE A 378 1.08 5.59 -18.05
C PHE A 378 1.78 6.80 -17.45
N THR A 379 2.48 7.49 -18.35
CA THR A 379 2.89 8.87 -18.13
C THR A 379 1.86 9.74 -18.82
N ILE A 380 1.63 10.89 -18.23
CA ILE A 380 0.82 12.00 -18.77
C ILE A 380 1.68 13.24 -18.65
N GLU A 381 2.08 13.80 -19.79
CA GLU A 381 3.16 14.80 -19.76
C GLU A 381 2.96 15.85 -20.85
N PRO A 382 1.88 16.64 -20.76
CA PRO A 382 1.70 17.77 -21.64
C PRO A 382 2.85 18.77 -21.42
N GLY A 383 3.16 19.52 -22.46
CA GLY A 383 4.19 20.56 -22.47
C GLY A 383 3.79 21.75 -23.32
N LEU A 384 4.40 22.87 -23.05
CA LEU A 384 4.27 24.11 -23.83
C LEU A 384 5.62 24.82 -23.76
N TYR A 385 6.27 24.92 -24.91
CA TYR A 385 7.66 25.40 -25.01
C TYR A 385 7.76 26.55 -26.00
N PHE A 386 8.78 27.36 -25.80
CA PHE A 386 9.19 28.48 -26.67
C PHE A 386 10.50 28.12 -27.35
N ILE A 387 10.41 27.36 -28.44
CA ILE A 387 11.57 26.74 -29.14
C ILE A 387 11.96 27.57 -30.37
N ASP A 388 13.16 28.13 -30.33
CA ASP A 388 13.70 29.04 -31.37
C ASP A 388 13.53 28.54 -32.81
N SER A 389 13.98 27.32 -33.13
CA SER A 389 13.91 26.81 -34.51
C SER A 389 12.44 26.64 -34.92
N LEU A 390 11.56 26.18 -34.04
CA LEU A 390 10.13 25.95 -34.40
C LEU A 390 9.38 27.28 -34.49
N LEU A 391 9.71 28.25 -33.65
CA LEU A 391 9.11 29.60 -33.71
C LEU A 391 9.59 30.33 -34.96
N GLY A 392 10.86 30.11 -35.33
CA GLY A 392 11.42 30.54 -36.61
C GLY A 392 10.61 30.01 -37.78
N ASP A 393 10.36 28.70 -37.86
CA ASP A 393 9.53 28.08 -38.93
C ASP A 393 8.12 28.69 -38.94
N LEU A 394 7.50 28.85 -37.77
CA LEU A 394 6.14 29.43 -37.65
C LEU A 394 6.12 30.86 -38.21
N ALA A 395 7.13 31.65 -37.90
CA ALA A 395 7.27 33.04 -38.42
C ALA A 395 7.36 33.08 -39.96
N GLN A 396 7.54 31.92 -40.62
CA GLN A 396 7.62 31.85 -42.11
C GLN A 396 6.35 31.24 -42.70
N THR A 397 5.31 30.99 -41.91
CA THR A 397 4.02 30.50 -42.43
C THR A 397 3.07 31.68 -42.53
N ASP A 398 1.91 31.41 -43.10
CA ASP A 398 0.84 32.42 -43.23
C ASP A 398 0.01 32.48 -41.95
N ASN A 399 0.46 31.84 -40.86
CA ASN A 399 -0.13 32.03 -39.50
C ASN A 399 0.63 33.10 -38.74
N LYS A 400 1.67 33.70 -39.31
CA LYS A 400 2.60 34.54 -38.54
C LYS A 400 1.87 35.72 -37.92
N GLN A 401 0.86 36.30 -38.59
CA GLN A 401 0.18 37.51 -38.06
C GLN A 401 -0.63 37.19 -36.80
N PHE A 402 -0.91 35.91 -36.56
CA PHE A 402 -1.75 35.47 -35.43
C PHE A 402 -0.93 35.25 -34.18
N ILE A 403 0.39 35.34 -34.31
CA ILE A 403 1.29 35.01 -33.18
C ILE A 403 1.61 36.33 -32.52
N ASN A 404 1.49 36.37 -31.20
CA ASN A 404 1.87 37.55 -30.40
C ASN A 404 3.38 37.49 -30.20
N TRP A 405 4.18 38.00 -31.14
CA TRP A 405 5.66 37.86 -31.10
C TRP A 405 6.24 38.57 -29.89
N GLU A 406 5.63 39.68 -29.48
CA GLU A 406 6.09 40.48 -28.32
C GLU A 406 6.05 39.58 -27.09
N LYS A 407 4.90 38.96 -26.86
CA LYS A 407 4.65 38.08 -25.70
C LYS A 407 5.53 36.82 -25.76
N VAL A 408 5.67 36.20 -26.93
CA VAL A 408 6.62 35.07 -27.13
C VAL A 408 8.04 35.51 -26.71
N GLU A 409 8.47 36.73 -27.06
CA GLU A 409 9.81 37.24 -26.67
C GLU A 409 9.94 37.30 -25.15
N GLU A 410 8.91 37.75 -24.43
CA GLU A 410 8.93 37.84 -22.94
C GLU A 410 8.95 36.43 -22.29
N PHE A 411 8.45 35.41 -22.96
CA PHE A 411 8.46 34.02 -22.45
C PHE A 411 9.78 33.27 -22.75
N LYS A 412 10.56 33.67 -23.76
CA LYS A 412 11.74 32.88 -24.21
C LYS A 412 12.73 32.63 -23.07
N PRO A 413 13.05 33.62 -22.22
CA PRO A 413 13.96 33.40 -21.10
C PRO A 413 13.49 32.32 -20.11
N PHE A 414 12.20 31.97 -20.11
CA PHE A 414 11.60 30.94 -19.22
C PHE A 414 11.69 29.56 -19.89
N GLY A 415 11.91 29.52 -21.21
CA GLY A 415 12.08 28.27 -21.96
C GLY A 415 10.77 27.56 -22.24
N GLY A 416 10.18 26.94 -21.22
CA GLY A 416 8.94 26.17 -21.37
C GLY A 416 8.56 25.39 -20.13
N ILE A 417 7.56 24.56 -20.31
CA ILE A 417 6.83 23.85 -19.22
C ILE A 417 6.58 22.41 -19.63
N ARG A 418 6.86 21.49 -18.73
CA ARG A 418 6.27 20.14 -18.80
C ARG A 418 5.94 19.70 -17.39
N ILE A 419 4.82 18.99 -17.28
CA ILE A 419 4.31 18.45 -16.00
C ILE A 419 3.95 17.00 -16.22
N GLU A 420 4.63 16.12 -15.50
CA GLU A 420 4.48 14.69 -15.78
C GLU A 420 4.22 13.90 -14.50
N ASP A 421 3.15 13.10 -14.56
CA ASP A 421 2.74 12.16 -13.51
C ASP A 421 2.81 10.73 -14.04
N ASN A 422 2.84 9.78 -13.12
CA ASN A 422 2.81 8.34 -13.41
C ASN A 422 1.53 7.78 -12.78
N ILE A 423 0.69 7.19 -13.61
CA ILE A 423 -0.70 6.86 -13.24
C ILE A 423 -0.98 5.39 -13.54
N ILE A 424 -1.44 4.68 -12.53
CA ILE A 424 -1.93 3.29 -12.67
C ILE A 424 -3.43 3.35 -12.97
N VAL A 425 -3.85 2.66 -14.03
CA VAL A 425 -5.27 2.48 -14.37
C VAL A 425 -5.77 1.21 -13.69
N HIS A 426 -6.78 1.35 -12.84
CA HIS A 426 -7.51 0.21 -12.23
C HIS A 426 -8.86 0.09 -12.92
N GLU A 427 -9.62 -0.96 -12.58
CA GLU A 427 -10.94 -1.22 -13.20
C GLU A 427 -11.89 -0.06 -12.95
N ASP A 428 -11.88 0.50 -11.74
CA ASP A 428 -12.89 1.53 -11.37
C ASP A 428 -12.26 2.81 -10.82
N SER A 429 -10.95 2.97 -10.96
CA SER A 429 -10.30 4.18 -10.42
C SER A 429 -8.94 4.36 -11.10
N LEU A 430 -8.37 5.52 -10.84
CA LEU A 430 -7.02 5.88 -11.28
C LEU A 430 -6.17 6.12 -10.04
N GLU A 431 -4.97 5.59 -10.02
CA GLU A 431 -4.02 5.86 -8.93
C GLU A 431 -2.87 6.68 -9.53
N ASN A 432 -2.90 7.96 -9.22
CA ASN A 432 -1.81 8.88 -9.54
C ASN A 432 -0.73 8.67 -8.47
N MET A 433 0.22 7.80 -8.73
CA MET A 433 1.33 7.50 -7.79
C MET A 433 2.07 8.79 -7.40
N THR A 434 2.25 9.68 -8.35
CA THR A 434 3.04 10.91 -8.15
C THR A 434 2.30 11.86 -7.21
N ARG A 435 1.03 12.13 -7.49
CA ARG A 435 0.26 13.11 -6.66
C ARG A 435 -0.26 12.49 -5.37
N ASP A 436 -0.31 11.17 -5.26
CA ASP A 436 -0.59 10.49 -3.96
C ASP A 436 0.57 10.74 -2.99
N LEU A 437 1.76 11.06 -3.48
CA LEU A 437 2.94 11.29 -2.60
C LEU A 437 3.08 12.77 -2.19
N HIS A 438 2.11 13.63 -2.45
CA HIS A 438 2.17 15.00 -1.85
C HIS A 438 3.52 15.66 -2.24
N LEU A 439 3.96 15.55 -3.50
CA LEU A 439 5.09 16.36 -4.05
C LEU A 439 4.55 17.78 -4.30
N ASP A 440 3.26 17.84 -4.64
CA ASP A 440 2.54 18.87 -5.43
C ASP A 440 2.74 18.62 -6.94
N ASP B 2 44.71 30.60 -23.93
CA ASP B 2 45.92 31.52 -24.02
C ASP B 2 47.23 30.72 -23.86
N LYS B 3 47.68 30.43 -22.65
CA LYS B 3 48.90 29.60 -22.47
C LYS B 3 48.68 28.26 -23.17
N LEU B 4 47.56 27.63 -22.89
CA LEU B 4 47.22 26.34 -23.53
C LEU B 4 47.14 26.52 -25.04
N ALA B 5 46.56 27.61 -25.52
CA ALA B 5 46.37 27.86 -26.98
C ALA B 5 47.74 27.96 -27.65
N VAL B 6 48.69 28.62 -26.98
CA VAL B 6 50.04 28.80 -27.57
C VAL B 6 50.70 27.43 -27.67
N LEU B 7 50.59 26.61 -26.63
CA LEU B 7 51.32 25.32 -26.55
C LEU B 7 50.76 24.33 -27.57
N TYR B 8 49.49 24.49 -27.94
CA TYR B 8 48.76 23.56 -28.83
C TYR B 8 49.41 23.56 -30.22
N ALA B 9 49.99 24.68 -30.64
CA ALA B 9 50.62 24.78 -31.97
C ALA B 9 51.72 23.73 -32.05
N GLU B 10 52.55 23.63 -31.02
CA GLU B 10 53.69 22.66 -30.96
C GLU B 10 53.15 21.23 -30.84
N HIS B 11 52.01 21.05 -30.16
CA HIS B 11 51.30 19.75 -30.05
C HIS B 11 50.94 19.27 -31.46
N ILE B 12 50.27 20.12 -32.23
CA ILE B 12 49.89 19.76 -33.62
C ILE B 12 51.16 19.44 -34.42
N ALA B 13 52.23 20.25 -34.30
CA ALA B 13 53.44 20.00 -35.10
C ALA B 13 54.00 18.64 -34.73
N THR B 14 54.03 18.29 -33.45
CA THR B 14 54.57 16.99 -33.01
C THR B 14 53.72 15.86 -33.60
N LEU B 15 52.41 16.01 -33.57
CA LEU B 15 51.52 14.94 -34.07
C LEU B 15 51.64 14.85 -35.59
N GLN B 16 51.80 16.00 -36.26
CA GLN B 16 52.01 16.00 -37.73
C GLN B 16 53.28 15.21 -38.05
N GLN B 17 54.33 15.41 -37.28
CA GLN B 17 55.65 14.79 -37.59
C GLN B 17 55.52 13.26 -37.36
N ARG B 18 54.90 12.86 -36.25
CA ARG B 18 54.65 11.41 -35.96
C ARG B 18 53.83 10.77 -37.07
N THR B 19 52.78 11.45 -37.52
CA THR B 19 51.88 10.92 -38.56
C THR B 19 52.70 10.73 -39.83
N ARG B 20 53.46 11.74 -40.23
CA ARG B 20 54.29 11.72 -41.46
C ARG B 20 55.25 10.55 -41.41
N THR B 21 55.99 10.39 -40.32
CA THR B 21 56.95 9.28 -40.17
C THR B 21 56.27 7.93 -40.35
N ILE B 22 55.20 7.64 -39.60
CA ILE B 22 54.60 6.27 -39.59
C ILE B 22 53.85 6.04 -40.90
N THR B 23 53.15 7.02 -41.47
CA THR B 23 52.43 6.83 -42.74
C THR B 23 53.41 6.57 -43.88
N GLU B 24 54.52 7.33 -43.94
CA GLU B 24 55.54 7.11 -45.00
C GLU B 24 56.17 5.73 -44.78
N ARG B 25 56.56 5.39 -43.56
CA ARG B 25 57.18 4.08 -43.29
C ARG B 25 56.26 2.95 -43.75
N GLU B 26 54.94 3.06 -43.53
CA GLU B 26 54.00 1.94 -43.84
C GLU B 26 53.38 2.12 -45.24
N GLY B 27 53.79 3.11 -46.03
CA GLY B 27 53.24 3.30 -47.38
C GLY B 27 51.77 3.66 -47.38
N LEU B 28 51.32 4.45 -46.40
CA LEU B 28 49.91 4.92 -46.33
C LEU B 28 49.82 6.36 -46.84
N GLU B 29 48.68 6.70 -47.41
CA GLU B 29 48.42 8.09 -47.82
C GLU B 29 47.87 8.88 -46.65
N GLY B 30 47.30 8.21 -45.65
CA GLY B 30 46.81 8.90 -44.44
C GLY B 30 46.14 7.98 -43.44
N LEU B 31 45.80 8.57 -42.30
CA LEU B 31 44.99 7.92 -41.25
C LEU B 31 43.65 8.62 -41.27
N VAL B 32 42.60 7.82 -41.10
CA VAL B 32 41.24 8.36 -40.85
C VAL B 32 40.88 7.93 -39.44
N ILE B 33 40.75 8.89 -38.55
CA ILE B 33 40.60 8.58 -37.10
C ILE B 33 39.19 8.96 -36.71
N HIS B 34 38.46 7.98 -36.20
CA HIS B 34 37.00 8.06 -35.96
C HIS B 34 36.74 8.22 -34.47
N SER B 35 36.06 9.30 -34.08
CA SER B 35 35.78 9.61 -32.66
C SER B 35 34.94 8.49 -32.01
N GLY B 36 34.06 7.85 -32.76
CA GLY B 36 33.26 6.71 -32.30
C GLY B 36 31.80 6.98 -32.51
N GLN B 37 30.96 6.24 -31.82
CA GLN B 37 29.48 6.36 -31.89
C GLN B 37 28.89 6.15 -30.50
N ALA B 38 27.68 6.66 -30.32
CA ALA B 38 26.86 6.37 -29.12
C ALA B 38 26.33 4.94 -29.30
N LYS B 39 26.44 4.15 -28.24
CA LYS B 39 25.93 2.77 -28.22
C LYS B 39 24.51 2.81 -27.64
N ARG B 40 23.57 2.24 -28.38
CA ARG B 40 22.16 2.16 -27.96
C ARG B 40 21.97 0.95 -27.05
N GLN B 41 21.18 1.10 -26.00
CA GLN B 41 20.88 -0.04 -25.10
C GLN B 41 19.91 -1.01 -25.81
N PHE B 42 20.13 -2.28 -25.57
CA PHE B 42 19.32 -3.39 -26.10
C PHE B 42 17.85 -3.15 -25.81
N LEU B 43 17.04 -3.25 -26.87
CA LEU B 43 15.55 -3.11 -26.93
C LEU B 43 15.08 -1.73 -26.46
N ASP B 44 15.95 -0.73 -26.50
CA ASP B 44 15.64 0.55 -25.82
C ASP B 44 16.02 1.71 -26.71
N TRP B 45 15.60 2.92 -26.34
CA TRP B 45 15.93 4.15 -27.10
C TRP B 45 17.07 4.93 -26.43
N MET B 46 17.44 4.58 -25.20
CA MET B 46 18.55 5.26 -24.50
C MET B 46 19.90 4.68 -24.89
N TYR B 47 20.93 5.49 -24.66
CA TYR B 47 22.34 5.27 -25.06
C TYR B 47 23.20 5.10 -23.81
N TYR B 48 24.27 4.34 -23.94
CA TYR B 48 25.37 4.33 -22.96
C TYR B 48 26.06 5.69 -23.05
N PRO B 49 26.71 6.12 -21.96
CA PRO B 49 27.53 7.33 -22.01
C PRO B 49 28.56 7.23 -23.13
N PHE B 50 28.75 8.32 -23.86
CA PHE B 50 29.71 8.33 -24.98
C PHE B 50 31.16 8.32 -24.45
N LYS B 51 32.01 7.43 -24.97
CA LYS B 51 33.46 7.37 -24.66
C LYS B 51 34.26 7.50 -25.97
N VAL B 52 34.94 8.64 -26.10
CA VAL B 52 35.73 8.98 -27.31
C VAL B 52 36.89 8.00 -27.50
N ASN B 53 37.14 7.68 -28.76
CA ASN B 53 38.35 6.98 -29.24
C ASN B 53 39.57 7.76 -28.74
N PRO B 54 40.47 7.16 -27.93
CA PRO B 54 41.68 7.87 -27.47
C PRO B 54 42.53 8.44 -28.61
N GLN B 55 42.57 7.75 -29.74
CA GLN B 55 43.39 8.15 -30.91
C GLN B 55 42.80 9.42 -31.50
N PHE B 56 41.51 9.67 -31.29
CA PHE B 56 40.83 10.88 -31.79
C PHE B 56 41.18 12.07 -30.88
N LYS B 57 40.95 11.92 -29.59
CA LYS B 57 41.17 13.05 -28.63
C LYS B 57 42.67 13.33 -28.46
N ALA B 58 43.56 12.45 -28.91
CA ALA B 58 45.01 12.72 -28.98
C ALA B 58 45.28 14.01 -29.77
N TRP B 59 44.39 14.34 -30.72
CA TRP B 59 44.56 15.48 -31.65
C TRP B 59 43.91 16.76 -31.12
N LEU B 60 42.79 16.64 -30.42
CA LEU B 60 42.00 17.84 -30.00
C LEU B 60 41.04 17.51 -28.86
N PRO B 61 40.75 18.47 -27.96
CA PRO B 61 39.91 18.23 -26.79
C PRO B 61 38.41 18.23 -27.15
N VAL B 62 38.04 17.34 -28.05
CA VAL B 62 36.62 17.08 -28.40
C VAL B 62 36.33 15.64 -27.95
N ILE B 63 35.69 15.49 -26.79
CA ILE B 63 35.57 14.17 -26.14
C ILE B 63 34.12 13.74 -26.01
N ASP B 64 33.17 14.61 -26.34
CA ASP B 64 31.73 14.35 -26.13
C ASP B 64 30.97 14.34 -27.47
N ASN B 65 31.65 14.13 -28.58
CA ASN B 65 31.04 14.31 -29.93
C ASN B 65 31.30 13.05 -30.75
N PRO B 66 30.26 12.20 -30.93
CA PRO B 66 30.39 11.04 -31.81
C PRO B 66 30.34 11.48 -33.28
N HIS B 67 30.65 10.55 -34.18
CA HIS B 67 30.51 10.73 -35.65
C HIS B 67 31.45 11.82 -36.17
N CYS B 68 32.58 12.05 -35.50
CA CYS B 68 33.64 12.97 -35.96
C CYS B 68 34.80 12.17 -36.53
N TRP B 69 35.49 12.76 -37.50
CA TRP B 69 36.58 12.07 -38.24
C TRP B 69 37.71 13.05 -38.49
N ILE B 70 38.92 12.60 -38.21
CA ILE B 70 40.15 13.33 -38.57
C ILE B 70 40.80 12.57 -39.73
N VAL B 71 41.22 13.32 -40.75
CA VAL B 71 42.02 12.80 -41.90
C VAL B 71 43.35 13.53 -41.89
N VAL B 72 44.42 12.81 -41.66
CA VAL B 72 45.77 13.36 -41.46
C VAL B 72 46.79 12.50 -42.21
N ASP B 73 47.80 13.16 -42.77
CA ASP B 73 48.96 12.49 -43.42
C ASP B 73 50.25 13.10 -42.89
N GLY B 74 50.17 14.18 -42.12
CA GLY B 74 51.37 14.84 -41.56
C GLY B 74 52.06 15.77 -42.54
N ALA B 75 51.45 16.04 -43.71
CA ALA B 75 52.07 16.86 -44.78
C ALA B 75 51.11 17.94 -45.24
N SER B 76 49.81 17.78 -45.06
CA SER B 76 48.85 18.87 -45.32
C SER B 76 48.19 19.23 -44.01
N LYS B 77 47.38 20.27 -44.02
CA LYS B 77 46.60 20.67 -42.85
C LYS B 77 45.61 19.55 -42.44
N PRO B 78 45.54 19.20 -41.13
CA PRO B 78 44.59 18.19 -40.69
C PRO B 78 43.15 18.52 -41.08
N LYS B 79 42.42 17.49 -41.51
CA LYS B 79 41.00 17.65 -41.88
C LYS B 79 40.13 17.11 -40.74
N LEU B 80 39.12 17.88 -40.37
CA LEU B 80 38.16 17.45 -39.34
C LEU B 80 36.78 17.47 -39.95
N ILE B 81 36.13 16.32 -39.91
CA ILE B 81 34.66 16.23 -40.15
C ILE B 81 34.03 16.30 -38.76
N PHE B 82 33.25 17.35 -38.53
CA PHE B 82 32.72 17.69 -37.20
C PHE B 82 31.21 17.49 -37.23
N TYR B 83 30.74 16.55 -36.42
CA TYR B 83 29.30 16.21 -36.35
C TYR B 83 28.57 17.37 -35.66
N ARG B 84 27.71 18.07 -36.40
CA ARG B 84 26.85 19.17 -35.88
C ARG B 84 25.40 18.96 -36.35
N PRO B 85 24.54 18.11 -35.68
CA PRO B 85 23.08 17.92 -35.90
C PRO B 85 22.39 19.26 -35.55
N VAL B 86 21.27 19.59 -36.18
CA VAL B 86 20.60 20.90 -35.95
C VAL B 86 19.14 20.65 -35.58
N ASP B 87 18.93 19.74 -34.63
CA ASP B 87 17.58 19.27 -34.22
C ASP B 87 17.06 20.20 -33.13
N PHE B 88 15.73 20.39 -33.08
CA PHE B 88 15.13 21.37 -32.14
C PHE B 88 15.22 20.83 -30.70
N TRP B 89 15.23 19.50 -30.56
CA TRP B 89 15.16 18.78 -29.25
C TRP B 89 16.53 18.77 -28.53
N HIS B 90 17.62 19.14 -29.21
CA HIS B 90 18.99 19.18 -28.62
C HIS B 90 19.55 20.59 -28.72
N LYS B 91 20.50 20.91 -27.84
CA LYS B 91 21.23 22.19 -27.86
C LYS B 91 22.10 22.21 -29.12
N VAL B 92 21.77 23.11 -30.06
CA VAL B 92 22.60 23.37 -31.27
C VAL B 92 23.82 24.15 -30.77
N PRO B 93 25.05 23.57 -30.80
CA PRO B 93 26.24 24.31 -30.36
C PRO B 93 26.64 25.29 -31.47
N ASP B 94 27.56 26.22 -31.18
CA ASP B 94 28.15 27.10 -32.23
C ASP B 94 29.12 26.25 -33.07
N GLU B 95 29.25 26.56 -34.36
CA GLU B 95 30.38 26.05 -35.19
C GLU B 95 31.66 26.21 -34.38
N PRO B 96 32.64 25.29 -34.50
CA PRO B 96 33.78 25.31 -33.59
C PRO B 96 34.58 26.61 -33.77
N ARG B 97 34.79 27.36 -32.68
CA ARG B 97 35.64 28.57 -32.64
C ARG B 97 36.56 28.55 -31.41
N ASP B 98 36.78 27.38 -30.80
CA ASP B 98 37.71 27.21 -29.66
C ASP B 98 39.14 27.34 -30.21
N PHE B 99 40.15 27.36 -29.33
CA PHE B 99 41.55 27.62 -29.73
C PHE B 99 41.97 26.62 -30.83
N TRP B 100 41.43 25.38 -30.83
CA TRP B 100 41.95 24.30 -31.72
C TRP B 100 41.40 24.43 -33.15
N ALA B 101 40.34 25.19 -33.36
CA ALA B 101 39.55 25.18 -34.62
C ALA B 101 40.41 25.59 -35.82
N GLU B 102 41.23 26.63 -35.65
CA GLU B 102 42.09 27.21 -36.72
C GLU B 102 43.10 26.16 -37.22
N TYR B 103 43.40 25.11 -36.45
CA TYR B 103 44.41 24.10 -36.83
C TYR B 103 43.86 23.00 -37.75
N PHE B 104 42.56 23.00 -38.03
CA PHE B 104 41.88 21.99 -38.89
C PHE B 104 41.12 22.69 -40.02
N ASP B 105 41.10 22.06 -41.17
CA ASP B 105 40.10 22.34 -42.23
C ASP B 105 38.84 21.59 -41.80
N ILE B 106 37.81 22.33 -41.43
CA ILE B 106 36.61 21.77 -40.78
C ILE B 106 35.44 21.69 -41.77
N GLU B 107 34.87 20.50 -41.91
CA GLU B 107 33.60 20.32 -42.64
C GLU B 107 32.54 19.84 -41.66
N LEU B 108 31.41 20.50 -41.68
CA LEU B 108 30.28 20.15 -40.78
C LEU B 108 29.55 18.94 -41.36
N LEU B 109 29.18 18.00 -40.49
CA LEU B 109 28.37 16.81 -40.84
C LEU B 109 27.06 16.90 -40.06
N VAL B 110 25.95 16.94 -40.79
CA VAL B 110 24.59 17.14 -40.22
C VAL B 110 23.94 15.79 -39.92
N GLN B 111 24.33 14.73 -40.63
CA GLN B 111 23.72 13.40 -40.45
C GLN B 111 24.82 12.35 -40.51
N PRO B 112 24.96 11.50 -39.46
CA PRO B 112 26.10 10.57 -39.39
C PRO B 112 26.34 9.70 -40.63
N ASP B 113 25.27 9.25 -41.30
CA ASP B 113 25.39 8.28 -42.42
C ASP B 113 25.75 8.97 -43.74
N GLN B 114 25.83 10.31 -43.78
CA GLN B 114 26.22 11.05 -45.00
C GLN B 114 27.73 11.35 -45.00
N VAL B 115 28.51 10.65 -44.19
CA VAL B 115 29.97 10.92 -44.06
C VAL B 115 30.70 10.47 -45.34
N GLU B 116 30.19 9.47 -46.05
CA GLU B 116 30.93 8.84 -47.19
C GLU B 116 31.32 9.92 -48.22
N LYS B 117 30.48 10.93 -48.40
CA LYS B 117 30.72 12.06 -49.33
C LYS B 117 31.96 12.87 -48.94
N LEU B 118 32.32 12.90 -47.66
CA LEU B 118 33.38 13.81 -47.14
C LEU B 118 34.69 13.06 -46.92
N LEU B 119 34.72 11.75 -47.13
CA LEU B 119 35.96 10.97 -46.93
C LEU B 119 36.66 10.79 -48.26
N PRO B 120 37.96 10.46 -48.27
CA PRO B 120 38.69 10.27 -49.53
C PRO B 120 37.96 9.27 -50.42
N TYR B 121 37.84 9.59 -51.72
CA TYR B 121 37.14 8.72 -52.71
C TYR B 121 37.83 7.35 -52.79
N ASP B 122 39.15 7.32 -52.98
CA ASP B 122 39.92 6.05 -53.02
C ASP B 122 40.61 5.82 -51.68
N LYS B 123 40.22 4.75 -50.97
CA LYS B 123 40.63 4.50 -49.55
C LYS B 123 41.67 3.39 -49.46
N ALA B 124 42.05 2.79 -50.58
CA ALA B 124 43.06 1.70 -50.58
C ALA B 124 44.21 2.03 -49.62
N ASN B 125 44.76 3.25 -49.65
CA ASN B 125 46.01 3.54 -48.88
C ASN B 125 45.71 4.41 -47.64
N TYR B 126 44.47 4.42 -47.17
CA TYR B 126 44.10 5.08 -45.89
C TYR B 126 43.84 4.02 -44.82
N ALA B 127 44.39 4.20 -43.62
CA ALA B 127 44.13 3.32 -42.45
C ALA B 127 43.00 3.92 -41.61
N TYR B 128 41.92 3.15 -41.42
CA TYR B 128 40.85 3.51 -40.46
C TYR B 128 41.39 3.21 -39.06
N ILE B 129 41.35 4.22 -38.18
CA ILE B 129 41.70 4.06 -36.73
C ILE B 129 40.41 4.29 -35.95
N GLY B 130 39.89 3.22 -35.37
CA GLY B 130 38.56 3.29 -34.75
C GLY B 130 38.02 1.93 -34.44
N GLU B 131 36.89 1.93 -33.76
CA GLU B 131 36.32 0.72 -33.12
C GLU B 131 35.33 0.08 -34.11
N TYR B 132 34.79 0.86 -35.04
CA TYR B 132 33.58 0.44 -35.81
C TYR B 132 33.99 -0.22 -37.14
N LEU B 133 34.51 -1.44 -37.04
CA LEU B 133 35.14 -2.15 -38.18
C LEU B 133 34.12 -2.36 -39.30
N GLU B 134 32.89 -2.70 -38.96
CA GLU B 134 31.80 -2.99 -39.94
C GLU B 134 31.39 -1.69 -40.62
N VAL B 135 31.32 -0.58 -39.88
CA VAL B 135 31.04 0.73 -40.51
C VAL B 135 32.18 1.07 -41.47
N ALA B 136 33.44 0.89 -41.05
CA ALA B 136 34.61 1.22 -41.88
C ALA B 136 34.53 0.40 -43.17
N GLN B 137 34.25 -0.89 -43.05
CA GLN B 137 34.16 -1.81 -44.23
C GLN B 137 33.08 -1.32 -45.17
N ALA B 138 31.92 -0.93 -44.64
CA ALA B 138 30.79 -0.46 -45.46
C ALA B 138 31.20 0.82 -46.18
N LEU B 139 32.09 1.61 -45.58
CA LEU B 139 32.54 2.89 -46.20
C LEU B 139 33.63 2.63 -47.26
N GLY B 140 34.19 1.42 -47.30
CA GLY B 140 35.17 1.03 -48.32
C GLY B 140 36.60 0.96 -47.80
N PHE B 141 36.81 0.98 -46.48
CA PHE B 141 38.16 0.85 -45.90
C PHE B 141 38.53 -0.61 -45.87
N SER B 142 39.80 -0.93 -46.08
CA SER B 142 40.30 -2.32 -46.01
C SER B 142 41.42 -2.45 -44.99
N ILE B 143 42.07 -1.35 -44.63
CA ILE B 143 43.12 -1.34 -43.59
C ILE B 143 42.51 -0.71 -42.34
N MET B 144 42.57 -1.43 -41.22
CA MET B 144 41.87 -1.03 -39.98
C MET B 144 42.78 -1.32 -38.79
N ASN B 145 43.15 -0.28 -38.05
CA ASN B 145 43.97 -0.42 -36.83
C ASN B 145 45.20 -1.28 -37.11
N PRO B 146 45.97 -1.03 -38.20
CA PRO B 146 47.13 -1.87 -38.50
C PRO B 146 48.13 -1.78 -37.35
N GLU B 147 48.65 -2.93 -36.94
CA GLU B 147 49.46 -3.07 -35.72
C GLU B 147 50.70 -2.15 -35.75
N PRO B 148 51.46 -2.02 -36.88
CA PRO B 148 52.63 -1.14 -36.89
C PRO B 148 52.28 0.31 -36.54
N VAL B 149 51.18 0.83 -37.10
CA VAL B 149 50.70 2.22 -36.81
C VAL B 149 50.29 2.35 -35.33
N MET B 150 49.51 1.39 -34.81
CA MET B 150 49.00 1.45 -33.41
C MET B 150 50.19 1.35 -32.45
N ASN B 151 51.13 0.45 -32.70
CA ASN B 151 52.32 0.29 -31.84
C ASN B 151 53.21 1.55 -31.87
N TYR B 152 53.40 2.15 -33.03
CA TYR B 152 54.21 3.39 -33.15
C TYR B 152 53.55 4.53 -32.36
N LEU B 153 52.28 4.80 -32.63
CA LEU B 153 51.56 5.91 -31.94
C LEU B 153 51.49 5.65 -30.43
N HIS B 154 51.22 4.41 -30.02
CA HIS B 154 51.18 4.04 -28.59
C HIS B 154 52.58 4.25 -27.98
N PHE B 155 53.65 3.89 -28.69
CA PHE B 155 55.02 4.04 -28.15
C PHE B 155 55.29 5.52 -27.89
N HIS B 156 54.96 6.37 -28.86
CA HIS B 156 55.26 7.82 -28.77
C HIS B 156 54.27 8.56 -27.84
N ARG B 157 53.13 7.96 -27.46
CA ARG B 157 52.16 8.58 -26.52
C ARG B 157 52.82 8.80 -25.14
N ALA B 158 53.84 8.02 -24.81
CA ALA B 158 54.58 8.16 -23.54
C ALA B 158 55.34 9.50 -23.48
N TYR B 159 55.68 10.11 -24.63
CA TYR B 159 56.36 11.43 -24.66
C TYR B 159 55.32 12.52 -24.79
N LYS B 160 55.05 13.19 -23.69
CA LYS B 160 53.99 14.22 -23.68
C LYS B 160 54.58 15.50 -24.28
N THR B 161 53.82 16.18 -25.11
CA THR B 161 54.13 17.55 -25.55
C THR B 161 53.86 18.49 -24.38
N GLN B 162 54.25 19.77 -24.48
CA GLN B 162 54.05 20.79 -23.42
C GLN B 162 52.55 21.05 -23.21
N TYR B 163 51.78 21.06 -24.28
CA TYR B 163 50.29 21.12 -24.24
C TYR B 163 49.75 20.01 -23.30
N GLU B 164 50.20 18.77 -23.53
CA GLU B 164 49.69 17.59 -22.78
C GLU B 164 50.05 17.75 -21.31
N LEU B 165 51.26 18.20 -21.01
CA LEU B 165 51.70 18.34 -19.60
C LEU B 165 50.87 19.41 -18.92
N GLU B 166 50.59 20.52 -19.60
CA GLU B 166 49.71 21.56 -19.03
C GLU B 166 48.29 21.01 -18.80
N CYS B 167 47.74 20.23 -19.74
CA CYS B 167 46.40 19.58 -19.54
C CYS B 167 46.44 18.70 -18.28
N LEU B 168 47.53 17.94 -18.10
CA LEU B 168 47.62 17.01 -16.95
C LEU B 168 47.72 17.78 -15.65
N ARG B 169 48.41 18.93 -15.64
CA ARG B 169 48.50 19.80 -14.44
C ARG B 169 47.09 20.26 -14.08
N GLN B 170 46.32 20.67 -15.09
CA GLN B 170 44.96 21.23 -14.88
C GLN B 170 44.04 20.15 -14.31
N ALA B 171 44.18 18.90 -14.75
CA ALA B 171 43.39 17.76 -14.25
C ALA B 171 43.72 17.52 -12.78
N ASN B 172 45.00 17.49 -12.45
CA ASN B 172 45.47 17.31 -11.06
C ASN B 172 44.92 18.43 -10.17
N ARG B 173 44.98 19.68 -10.62
CA ARG B 173 44.42 20.81 -9.83
C ARG B 173 42.94 20.54 -9.49
N ILE B 174 42.14 20.09 -10.46
CA ILE B 174 40.69 19.82 -10.22
C ILE B 174 40.56 18.65 -9.22
N ALA B 175 41.25 17.57 -9.46
CA ALA B 175 41.13 16.33 -8.65
C ALA B 175 41.48 16.64 -7.18
N VAL B 176 42.51 17.46 -6.96
CA VAL B 176 42.96 17.84 -5.58
C VAL B 176 41.83 18.54 -4.83
N GLU B 177 41.06 19.41 -5.48
CA GLU B 177 39.88 20.05 -4.87
C GLU B 177 38.86 18.98 -4.45
N GLY B 178 38.63 18.01 -5.32
CA GLY B 178 37.79 16.85 -4.98
C GLY B 178 38.29 16.15 -3.74
N HIS B 179 39.57 15.82 -3.71
CA HIS B 179 40.22 15.05 -2.61
C HIS B 179 40.06 15.77 -1.27
N LYS B 180 40.15 17.09 -1.26
CA LYS B 180 40.02 17.87 0.00
C LYS B 180 38.59 17.80 0.52
N ALA B 181 37.60 17.91 -0.36
CA ALA B 181 36.17 17.85 0.03
C ALA B 181 35.84 16.44 0.52
N ALA B 182 36.40 15.41 -0.10
CA ALA B 182 36.14 14.00 0.28
C ALA B 182 36.67 13.75 1.68
N ARG B 183 37.94 14.11 1.90
CA ARG B 183 38.62 14.03 3.21
C ARG B 183 37.75 14.68 4.30
N ASP B 184 37.29 15.89 4.05
CA ASP B 184 36.50 16.65 5.06
C ASP B 184 35.17 15.95 5.31
N THR B 185 34.60 15.32 4.29
CA THR B 185 33.29 14.64 4.45
C THR B 185 33.52 13.37 5.27
N PHE B 186 34.63 12.69 5.05
CA PHE B 186 34.96 11.49 5.86
C PHE B 186 35.08 11.89 7.34
N PHE B 187 35.85 12.95 7.65
CA PHE B 187 36.07 13.38 9.05
C PHE B 187 34.77 13.90 9.66
N ASN B 188 33.77 14.24 8.86
CA ASN B 188 32.44 14.61 9.40
C ASN B 188 31.50 13.41 9.54
N GLY B 189 31.95 12.18 9.30
CA GLY B 189 31.10 10.99 9.52
C GLY B 189 30.28 10.58 8.29
N GLY B 190 30.66 11.05 7.10
CA GLY B 190 29.90 10.74 5.87
C GLY B 190 29.98 9.28 5.51
N SER B 191 28.97 8.81 4.81
CA SER B 191 28.97 7.48 4.15
C SER B 191 29.86 7.56 2.89
N GLU B 192 30.16 6.40 2.32
CA GLU B 192 30.87 6.30 1.03
C GLU B 192 30.12 7.12 -0.01
N PHE B 193 28.79 7.00 -0.06
CA PHE B 193 27.95 7.68 -1.06
C PHE B 193 28.09 9.19 -0.89
N ASP B 194 28.03 9.66 0.37
CA ASP B 194 28.15 11.10 0.69
C ASP B 194 29.52 11.59 0.24
N ILE B 195 30.56 10.78 0.45
CA ILE B 195 31.95 11.20 0.16
C ILE B 195 32.08 11.34 -1.36
N GLN B 196 31.58 10.36 -2.10
CA GLN B 196 31.61 10.38 -3.58
C GLN B 196 30.97 11.67 -4.09
N HIS B 197 29.80 12.01 -3.57
CA HIS B 197 29.00 13.13 -4.11
C HIS B 197 29.60 14.46 -3.65
N ALA B 198 30.27 14.52 -2.50
CA ALA B 198 31.06 15.72 -2.13
C ALA B 198 32.25 15.88 -3.11
N TYR B 199 32.89 14.77 -3.50
CA TYR B 199 33.98 14.81 -4.49
C TYR B 199 33.49 15.37 -5.84
N LEU B 200 32.38 14.86 -6.35
CA LEU B 200 31.78 15.34 -7.63
C LEU B 200 31.42 16.84 -7.48
N MET B 201 30.88 17.24 -6.34
CA MET B 201 30.45 18.65 -6.12
C MET B 201 31.64 19.60 -6.12
N ALA B 202 32.76 19.18 -5.56
CA ALA B 202 33.96 20.03 -5.48
C ALA B 202 34.69 20.03 -6.84
N THR B 203 34.70 18.93 -7.60
CA THR B 203 35.34 18.93 -8.94
C THR B 203 34.47 19.59 -10.00
N ARG B 204 33.16 19.71 -9.76
CA ARG B 204 32.16 20.16 -10.77
C ARG B 204 32.14 19.21 -11.96
N GLN B 205 32.41 17.94 -11.72
CA GLN B 205 32.41 16.91 -12.79
C GLN B 205 31.46 15.80 -12.34
N SER B 206 30.60 15.35 -13.24
CA SER B 206 29.64 14.25 -12.90
C SER B 206 30.36 12.90 -12.99
N GLU B 207 29.69 11.86 -12.51
CA GLU B 207 30.23 10.48 -12.48
C GLU B 207 30.80 10.06 -13.84
N ASN B 208 30.12 10.40 -14.94
CA ASN B 208 30.56 9.83 -16.25
C ASN B 208 31.68 10.67 -16.86
N GLU B 209 31.98 11.84 -16.29
CA GLU B 209 33.13 12.66 -16.75
C GLU B 209 34.39 12.22 -16.00
N MET B 210 34.25 11.53 -14.87
CA MET B 210 35.43 10.97 -14.18
C MET B 210 36.16 10.09 -15.19
N PRO B 211 37.51 10.09 -15.24
CA PRO B 211 38.22 9.23 -16.20
C PRO B 211 38.15 7.75 -15.83
N TYR B 212 37.73 7.41 -14.60
CA TYR B 212 37.53 6.00 -14.17
C TYR B 212 36.54 5.98 -13.03
N GLY B 213 36.06 4.80 -12.69
CA GLY B 213 35.12 4.63 -11.58
C GLY B 213 35.81 4.91 -10.24
N ASN B 214 35.41 5.96 -9.54
CA ASN B 214 36.10 6.35 -8.28
C ASN B 214 36.03 5.20 -7.29
N ILE B 215 37.11 4.98 -6.55
CA ILE B 215 37.11 4.07 -5.37
C ILE B 215 36.94 4.94 -4.13
N VAL B 216 35.81 4.72 -3.46
CA VAL B 216 35.51 5.42 -2.20
C VAL B 216 35.12 4.35 -1.19
N ALA B 217 36.05 4.06 -0.28
CA ALA B 217 35.99 2.89 0.61
C ALA B 217 36.20 3.31 2.07
N LEU B 218 35.35 2.77 2.95
CA LEU B 218 35.51 2.96 4.41
C LEU B 218 35.84 1.61 5.03
N ASN B 219 36.68 1.64 6.06
CA ASN B 219 36.93 0.48 6.95
C ASN B 219 37.42 -0.70 6.11
N GLU B 220 36.78 -1.85 6.22
CA GLU B 220 37.25 -3.13 5.61
C GLU B 220 37.28 -2.99 4.08
N ASN B 221 36.46 -2.11 3.52
CA ASN B 221 36.35 -1.93 2.05
C ASN B 221 37.64 -1.35 1.46
N CYS B 222 38.50 -0.77 2.30
CA CYS B 222 39.83 -0.28 1.87
C CYS B 222 40.72 -1.44 1.42
N ALA B 223 40.46 -2.66 1.89
CA ALA B 223 41.24 -3.86 1.51
C ALA B 223 40.85 -4.35 0.11
N ILE B 224 39.70 -3.92 -0.40
CA ILE B 224 39.18 -4.37 -1.71
C ILE B 224 39.65 -3.36 -2.76
N TYR B 225 40.74 -3.66 -3.48
CA TYR B 225 41.54 -2.58 -4.13
C TYR B 225 40.85 -2.14 -5.44
N LEU B 226 39.91 -2.92 -5.99
CA LEU B 226 39.01 -2.45 -7.10
C LEU B 226 37.54 -2.45 -6.65
N TYR B 227 37.28 -2.17 -5.37
CA TYR B 227 35.95 -1.87 -4.77
C TYR B 227 35.24 -0.81 -5.59
N THR B 228 33.97 -1.04 -5.95
CA THR B 228 33.25 -0.17 -6.91
C THR B 228 31.99 0.46 -6.29
N HIS B 229 31.40 -0.13 -5.24
CA HIS B 229 30.08 0.29 -4.70
C HIS B 229 30.23 1.56 -3.85
N PHE B 230 29.12 2.25 -3.62
CA PHE B 230 29.07 3.39 -2.69
C PHE B 230 27.96 3.13 -1.68
N GLU B 231 28.30 2.59 -0.52
CA GLU B 231 27.34 2.38 0.57
C GLU B 231 26.67 3.71 0.92
N PRO B 232 25.33 3.80 0.80
CA PRO B 232 24.59 5.00 1.18
C PRO B 232 24.50 5.27 2.68
N THR B 233 24.61 4.25 3.52
CA THR B 233 24.55 4.45 4.99
C THR B 233 25.96 4.36 5.56
N ALA B 234 26.26 5.24 6.49
CA ALA B 234 27.57 5.30 7.18
C ALA B 234 27.74 4.05 8.05
N PRO B 235 28.98 3.51 8.21
CA PRO B 235 29.22 2.42 9.17
C PRO B 235 29.01 2.95 10.59
N HIS B 236 28.69 2.05 11.51
CA HIS B 236 28.44 2.40 12.94
C HIS B 236 29.68 3.10 13.52
N THR B 237 30.89 2.63 13.17
CA THR B 237 32.17 3.22 13.63
C THR B 237 33.06 3.54 12.43
N HIS B 238 33.60 4.75 12.37
CA HIS B 238 34.54 5.18 11.32
C HIS B 238 35.96 4.82 11.75
N HIS B 239 36.67 3.99 10.98
CA HIS B 239 38.11 3.66 11.25
C HIS B 239 39.04 4.24 10.18
N SER B 240 38.76 3.96 8.91
CA SER B 240 39.67 4.32 7.81
C SER B 240 38.88 4.75 6.58
N PHE B 241 39.60 5.36 5.66
CA PHE B 241 39.06 5.91 4.40
C PHE B 241 40.16 5.88 3.35
N LEU B 242 39.84 5.28 2.21
CA LEU B 242 40.71 5.23 1.03
C LEU B 242 39.89 5.77 -0.12
N ILE B 243 40.40 6.83 -0.74
CA ILE B 243 39.78 7.35 -1.98
C ILE B 243 40.83 7.37 -3.09
N ASP B 244 40.49 6.71 -4.17
CA ASP B 244 41.22 6.77 -5.44
C ASP B 244 40.29 7.41 -6.47
N ALA B 245 40.62 8.62 -6.88
CA ALA B 245 39.75 9.40 -7.77
C ALA B 245 40.57 10.43 -8.52
N GLY B 246 40.05 10.84 -9.66
CA GLY B 246 40.76 11.78 -10.53
C GLY B 246 39.84 12.86 -11.04
N ALA B 247 40.10 13.25 -12.27
CA ALA B 247 39.39 14.29 -12.98
C ALA B 247 39.85 14.29 -14.43
N ASN B 248 39.06 14.92 -15.27
CA ASN B 248 39.33 15.11 -16.70
C ASN B 248 39.69 16.57 -16.93
N PHE B 249 40.68 16.81 -17.78
CA PHE B 249 40.87 18.12 -18.43
C PHE B 249 41.27 17.86 -19.87
N ASN B 250 40.43 18.30 -20.82
CA ASN B 250 40.71 18.21 -22.28
C ASN B 250 41.01 16.77 -22.72
N GLY B 251 40.48 15.77 -22.02
CA GLY B 251 40.69 14.34 -22.30
C GLY B 251 41.85 13.71 -21.53
N TYR B 252 42.54 14.50 -20.70
CA TYR B 252 43.71 14.06 -19.89
C TYR B 252 43.24 13.79 -18.46
N ALA B 253 43.75 12.71 -17.90
CA ALA B 253 43.32 12.20 -16.59
C ALA B 253 44.30 12.60 -15.48
N ALA B 254 43.75 12.83 -14.29
CA ALA B 254 44.45 12.71 -13.00
C ALA B 254 44.03 11.39 -12.37
N ASP B 255 44.85 10.92 -11.45
CA ASP B 255 44.68 9.61 -10.80
C ASP B 255 45.36 9.66 -9.43
N ILE B 256 44.61 10.05 -8.41
CA ILE B 256 45.17 10.36 -7.07
C ILE B 256 44.53 9.46 -6.03
N THR B 257 45.35 8.92 -5.12
CA THR B 257 44.86 8.07 -4.01
C THR B 257 45.41 8.59 -2.67
N ARG B 258 44.54 8.71 -1.68
CA ARG B 258 44.93 9.03 -0.30
C ARG B 258 44.19 8.11 0.65
N THR B 259 44.84 7.81 1.76
CA THR B 259 44.29 6.99 2.85
C THR B 259 44.34 7.76 4.16
N TYR B 260 43.27 7.66 4.95
CA TYR B 260 43.14 8.44 6.20
C TYR B 260 42.70 7.52 7.33
N ASP B 261 43.12 7.93 8.52
CA ASP B 261 42.75 7.28 9.80
C ASP B 261 41.80 8.23 10.52
N PHE B 262 40.62 7.76 10.91
CA PHE B 262 39.60 8.63 11.52
C PHE B 262 40.13 9.28 12.82
N LYS B 263 40.83 8.53 13.66
CA LYS B 263 41.32 9.01 14.98
C LYS B 263 42.50 9.96 14.83
N LYS B 264 43.28 9.84 13.76
CA LYS B 264 44.54 10.60 13.53
C LYS B 264 45.55 10.23 14.62
N SER B 265 45.46 9.02 15.18
CA SER B 265 46.50 8.44 16.07
C SER B 265 46.23 6.93 16.23
N GLY B 266 47.16 6.23 16.84
CA GLY B 266 47.13 4.76 16.94
C GLY B 266 47.95 4.13 15.84
N GLU B 267 47.95 2.80 15.82
CA GLU B 267 48.92 2.06 14.99
C GLU B 267 48.62 2.22 13.49
N PHE B 268 47.34 2.29 13.09
CA PHE B 268 46.99 2.39 11.66
C PHE B 268 47.44 3.74 11.13
N SER B 269 47.22 4.77 11.95
CA SER B 269 47.70 6.15 11.66
C SER B 269 49.23 6.14 11.45
N ASP B 270 49.97 5.46 12.33
CA ASP B 270 51.46 5.32 12.21
C ASP B 270 51.80 4.55 10.93
N LEU B 271 51.01 3.55 10.56
CA LEU B 271 51.26 2.76 9.32
C LEU B 271 51.11 3.67 8.08
N ILE B 272 50.11 4.55 8.08
CA ILE B 272 49.93 5.51 6.95
C ILE B 272 51.18 6.40 6.85
N GLN B 273 51.63 6.95 7.98
CA GLN B 273 52.83 7.86 8.01
C GLN B 273 54.05 7.13 7.46
N VAL B 274 54.29 5.89 7.86
CA VAL B 274 55.48 5.18 7.32
C VAL B 274 55.29 4.93 5.81
N MET B 275 54.10 4.54 5.38
CA MET B 275 53.87 4.28 3.92
C MET B 275 54.02 5.61 3.15
N THR B 276 53.63 6.70 3.77
CA THR B 276 53.78 8.05 3.16
C THR B 276 55.27 8.34 2.92
N GLU B 277 56.11 8.08 3.93
CA GLU B 277 57.59 8.28 3.79
C GLU B 277 58.08 7.49 2.58
N HIS B 278 57.73 6.21 2.50
CA HIS B 278 58.14 5.33 1.37
C HIS B 278 57.63 5.86 0.03
N GLN B 279 56.37 6.32 0.00
CA GLN B 279 55.75 6.78 -1.25
C GLN B 279 56.46 8.04 -1.75
N ILE B 280 56.79 8.95 -0.85
CA ILE B 280 57.53 10.18 -1.24
C ILE B 280 58.89 9.78 -1.80
N ALA B 281 59.61 8.92 -1.08
CA ALA B 281 60.95 8.45 -1.54
C ALA B 281 60.84 7.76 -2.91
N LEU B 282 59.83 6.93 -3.14
CA LEU B 282 59.72 6.21 -4.43
C LEU B 282 59.43 7.22 -5.53
N GLY B 283 58.61 8.23 -5.23
CA GLY B 283 58.29 9.31 -6.19
C GLY B 283 59.54 10.08 -6.59
N LYS B 284 60.47 10.25 -5.67
CA LYS B 284 61.70 11.02 -5.95
C LYS B 284 62.74 10.15 -6.65
N ALA B 285 62.51 8.84 -6.76
CA ALA B 285 63.49 7.91 -7.38
C ALA B 285 63.24 7.76 -8.88
N LEU B 286 62.19 8.38 -9.43
CA LEU B 286 62.02 8.41 -10.91
C LEU B 286 63.20 9.17 -11.52
N LYS B 287 63.82 8.62 -12.56
CA LYS B 287 65.06 9.18 -13.13
C LYS B 287 65.20 8.70 -14.57
N PRO B 288 65.48 9.59 -15.55
CA PRO B 288 65.75 9.15 -16.91
C PRO B 288 66.87 8.11 -16.93
N GLY B 289 66.69 7.04 -17.71
CA GLY B 289 67.70 5.97 -17.87
C GLY B 289 67.51 4.83 -16.89
N LEU B 290 66.54 4.90 -15.99
CA LEU B 290 66.17 3.76 -15.10
C LEU B 290 64.97 3.00 -15.67
N LEU B 291 64.99 1.67 -15.59
CA LEU B 291 63.81 0.81 -15.90
C LEU B 291 62.81 0.94 -14.75
N TYR B 292 61.55 1.17 -15.08
CA TYR B 292 60.50 1.41 -14.05
C TYR B 292 60.41 0.21 -13.12
N GLY B 293 60.61 -0.99 -13.66
CA GLY B 293 60.62 -2.24 -12.86
C GLY B 293 61.55 -2.16 -11.65
N GLU B 294 62.64 -1.41 -11.74
CA GLU B 294 63.60 -1.26 -10.61
C GLU B 294 62.90 -0.56 -9.44
N LEU B 295 62.01 0.41 -9.70
CA LEU B 295 61.25 1.09 -8.62
C LEU B 295 60.25 0.11 -8.01
N HIS B 296 59.60 -0.72 -8.84
CA HIS B 296 58.66 -1.77 -8.34
C HIS B 296 59.39 -2.71 -7.37
N LEU B 297 60.61 -3.13 -7.69
CA LEU B 297 61.45 -3.94 -6.74
C LEU B 297 61.76 -3.16 -5.47
N GLU B 298 62.13 -1.89 -5.59
CA GLU B 298 62.42 -1.09 -4.38
C GLU B 298 61.16 -1.00 -3.53
N CYS B 299 59.99 -0.79 -4.14
CA CYS B 299 58.70 -0.75 -3.40
C CYS B 299 58.50 -2.04 -2.57
N HIS B 300 58.75 -3.21 -3.16
CA HIS B 300 58.61 -4.50 -2.42
C HIS B 300 59.53 -4.48 -1.20
N GLN B 301 60.74 -3.95 -1.36
CA GLN B 301 61.71 -3.88 -0.24
C GLN B 301 61.16 -2.98 0.87
N ARG B 302 60.57 -1.87 0.50
CA ARG B 302 60.09 -0.88 1.50
C ARG B 302 58.89 -1.45 2.24
N VAL B 303 57.96 -2.07 1.51
CA VAL B 303 56.77 -2.75 2.13
C VAL B 303 57.26 -3.81 3.11
N ALA B 304 58.29 -4.58 2.75
CA ALA B 304 58.83 -5.63 3.65
C ALA B 304 59.38 -5.00 4.93
N GLN B 305 60.05 -3.84 4.80
CA GLN B 305 60.58 -3.10 5.97
C GLN B 305 59.41 -2.77 6.89
N VAL B 306 58.28 -2.35 6.33
CA VAL B 306 57.07 -1.98 7.14
C VAL B 306 56.52 -3.23 7.82
N LEU B 307 56.40 -4.34 7.08
CA LEU B 307 55.74 -5.56 7.59
C LEU B 307 56.57 -6.11 8.75
N SER B 308 57.89 -6.04 8.61
CA SER B 308 58.84 -6.47 9.67
C SER B 308 58.75 -5.54 10.88
N ASP B 309 58.85 -4.24 10.66
CA ASP B 309 59.00 -3.22 11.74
C ASP B 309 57.72 -3.13 12.55
N PHE B 310 56.55 -3.32 11.93
CA PHE B 310 55.25 -3.27 12.65
C PHE B 310 54.88 -4.64 13.26
N ASN B 311 55.75 -5.65 13.10
CA ASN B 311 55.55 -7.01 13.68
C ASN B 311 54.30 -7.66 13.08
N ILE B 312 54.10 -7.49 11.77
CA ILE B 312 52.99 -8.15 11.01
C ILE B 312 53.51 -9.47 10.49
N VAL B 313 54.75 -9.47 10.03
CA VAL B 313 55.49 -10.71 9.69
C VAL B 313 56.72 -10.78 10.60
N LYS B 314 56.93 -11.93 11.23
CA LYS B 314 58.02 -12.14 12.22
C LYS B 314 59.28 -12.61 11.51
N LEU B 315 59.80 -11.77 10.62
CA LEU B 315 60.99 -12.07 9.80
C LEU B 315 61.70 -10.75 9.51
N PRO B 316 63.03 -10.77 9.32
CA PRO B 316 63.75 -9.62 8.75
C PRO B 316 63.19 -9.27 7.35
N ALA B 317 63.22 -7.98 7.03
CA ALA B 317 62.70 -7.43 5.76
C ALA B 317 63.16 -8.26 4.54
N ALA B 318 64.45 -8.58 4.46
CA ALA B 318 65.05 -9.22 3.27
C ALA B 318 64.39 -10.59 3.03
N ASP B 319 64.12 -11.35 4.09
CA ASP B 319 63.48 -12.68 4.02
C ASP B 319 62.03 -12.57 3.54
N ILE B 320 61.32 -11.54 3.99
CA ILE B 320 59.91 -11.30 3.56
C ILE B 320 59.89 -11.09 2.05
N VAL B 321 60.88 -10.37 1.49
CA VAL B 321 60.95 -10.09 0.03
C VAL B 321 61.27 -11.38 -0.71
N GLU B 322 62.27 -12.10 -0.21
CA GLU B 322 62.84 -13.28 -0.93
C GLU B 322 61.81 -14.41 -0.95
N ARG B 323 60.99 -14.58 0.08
CA ARG B 323 59.94 -15.63 0.12
C ARG B 323 58.65 -15.19 -0.57
N GLY B 324 58.61 -13.99 -1.17
CA GLY B 324 57.44 -13.53 -1.93
C GLY B 324 56.26 -13.13 -1.04
N ILE B 325 56.44 -13.04 0.27
CA ILE B 325 55.36 -12.70 1.23
C ILE B 325 54.82 -11.29 0.97
N THR B 326 55.67 -10.37 0.47
CA THR B 326 55.26 -8.97 0.28
C THR B 326 54.08 -8.92 -0.70
N SER B 327 54.02 -9.86 -1.63
CA SER B 327 52.96 -9.91 -2.68
C SER B 327 51.55 -10.11 -2.12
N THR B 328 51.42 -10.75 -0.95
CA THR B 328 50.12 -10.93 -0.27
C THR B 328 49.61 -9.57 0.25
N PHE B 329 50.51 -8.67 0.62
CA PHE B 329 50.14 -7.35 1.20
C PHE B 329 50.18 -6.24 0.15
N PHE B 330 51.01 -6.39 -0.88
CA PHE B 330 51.15 -5.41 -1.98
C PHE B 330 51.06 -6.17 -3.28
N PRO B 331 49.84 -6.47 -3.77
CA PRO B 331 49.66 -7.44 -4.85
C PRO B 331 49.63 -6.88 -6.27
N HIS B 332 49.73 -5.57 -6.42
CA HIS B 332 49.61 -4.92 -7.74
C HIS B 332 50.92 -4.21 -8.11
N GLY B 333 50.95 -3.62 -9.29
CA GLY B 333 52.06 -2.79 -9.78
C GLY B 333 52.22 -1.50 -8.97
N LEU B 334 53.46 -1.00 -8.93
CA LEU B 334 53.80 0.29 -8.31
C LEU B 334 53.06 1.44 -9.01
N GLY B 335 52.73 1.28 -10.29
CA GLY B 335 52.04 2.35 -11.05
C GLY B 335 52.21 2.18 -12.54
N HIS B 336 51.97 3.25 -13.27
CA HIS B 336 51.86 3.18 -14.74
C HIS B 336 52.02 4.57 -15.30
N HIS B 337 52.15 4.64 -16.61
CA HIS B 337 52.03 5.89 -17.37
C HIS B 337 50.61 6.43 -17.22
N LEU B 338 50.52 7.75 -17.32
CA LEU B 338 49.28 8.53 -17.19
C LEU B 338 49.23 9.50 -18.36
N GLY B 339 48.08 9.65 -19.00
CA GLY B 339 47.87 10.62 -20.08
C GLY B 339 46.41 10.73 -20.48
N LEU B 340 46.17 10.62 -21.79
CA LEU B 340 44.82 10.54 -22.38
C LEU B 340 44.03 9.36 -21.80
N GLN B 341 44.73 8.29 -21.48
CA GLN B 341 44.12 7.14 -20.82
C GLN B 341 44.77 7.07 -19.44
N VAL B 342 44.03 6.51 -18.50
CA VAL B 342 44.41 6.48 -17.08
C VAL B 342 45.62 5.56 -16.91
N ILE B 343 45.49 4.35 -17.42
CA ILE B 343 46.63 3.43 -17.61
C ILE B 343 47.07 3.66 -19.05
N ASP B 344 48.05 4.54 -19.24
CA ASP B 344 48.38 5.08 -20.58
C ASP B 344 49.14 4.04 -21.39
N MET B 345 49.16 4.28 -22.69
CA MET B 345 49.70 3.38 -23.71
C MET B 345 51.23 3.40 -23.69
N GLY B 346 51.82 2.29 -24.09
CA GLY B 346 53.26 2.25 -24.39
C GLY B 346 54.08 1.98 -23.15
N GLY B 347 53.44 1.68 -22.03
CA GLY B 347 54.11 1.46 -20.73
C GLY B 347 54.93 0.19 -20.73
N PHE B 348 54.62 -0.73 -21.65
CA PHE B 348 55.18 -2.11 -21.68
C PHE B 348 56.27 -2.22 -22.75
N MET B 349 56.48 -1.18 -23.57
CA MET B 349 57.28 -1.29 -24.82
C MET B 349 58.76 -0.93 -24.66
N ALA B 350 59.63 -1.67 -25.34
CA ALA B 350 61.08 -1.37 -25.47
C ALA B 350 61.34 -0.51 -26.70
N ASP B 351 60.50 -0.56 -27.74
CA ASP B 351 60.75 0.22 -28.98
C ASP B 351 59.45 0.44 -29.74
N GLU B 352 59.54 1.27 -30.77
CA GLU B 352 58.35 1.77 -31.52
C GLU B 352 57.69 0.68 -32.39
N SER B 353 58.31 -0.49 -32.57
CA SER B 353 57.65 -1.61 -33.29
C SER B 353 56.70 -2.34 -32.33
N GLY B 354 56.90 -2.19 -31.01
CA GLY B 354 55.98 -2.72 -29.99
C GLY B 354 56.53 -3.92 -29.21
N THR B 355 57.79 -4.28 -29.44
CA THR B 355 58.48 -5.30 -28.61
C THR B 355 58.31 -4.97 -27.13
N HIS B 356 58.05 -5.98 -26.32
CA HIS B 356 57.82 -5.82 -24.87
C HIS B 356 59.17 -5.71 -24.17
N GLN B 357 59.28 -4.77 -23.22
CA GLN B 357 60.39 -4.71 -22.24
C GLN B 357 60.02 -5.69 -21.14
N ALA B 358 60.84 -6.70 -20.94
CA ALA B 358 60.55 -7.80 -20.01
C ALA B 358 60.45 -7.22 -18.60
N PRO B 359 59.53 -7.76 -17.76
CA PRO B 359 59.46 -7.35 -16.36
C PRO B 359 60.62 -7.89 -15.53
N PRO B 360 60.85 -7.39 -14.30
CA PRO B 360 61.85 -7.96 -13.42
C PRO B 360 61.51 -9.42 -13.09
N GLU B 361 62.52 -10.22 -12.77
CA GLU B 361 62.42 -11.70 -12.86
C GLU B 361 61.27 -12.23 -11.98
N GLY B 362 61.20 -11.77 -10.72
CA GLY B 362 60.22 -12.27 -9.74
C GLY B 362 58.84 -11.64 -9.86
N HIS B 363 58.64 -10.71 -10.81
CA HIS B 363 57.35 -9.97 -10.98
C HIS B 363 56.89 -10.09 -12.44
N PRO B 364 56.54 -11.31 -12.92
CA PRO B 364 56.16 -11.50 -14.32
C PRO B 364 54.88 -10.77 -14.77
N PHE B 365 54.03 -10.33 -13.83
CA PHE B 365 52.75 -9.67 -14.20
C PHE B 365 52.89 -8.15 -14.28
N LEU B 366 54.04 -7.58 -13.90
CA LEU B 366 54.26 -6.12 -13.98
C LEU B 366 54.14 -5.68 -15.44
N ARG B 367 53.28 -4.70 -15.71
CA ARG B 367 52.95 -4.24 -17.09
C ARG B 367 53.52 -2.85 -17.36
N CYS B 368 53.99 -2.14 -16.35
CA CYS B 368 54.78 -0.89 -16.54
C CYS B 368 56.29 -1.17 -16.37
N THR B 369 56.98 -1.41 -17.47
CA THR B 369 58.39 -1.92 -17.46
C THR B 369 59.36 -1.01 -18.22
N ARG B 370 58.83 -0.06 -18.96
CA ARG B 370 59.60 0.76 -19.92
C ARG B 370 60.60 1.66 -19.21
N LEU B 371 61.71 1.85 -19.92
CA LEU B 371 62.79 2.79 -19.57
C LEU B 371 62.17 4.18 -19.37
N ILE B 372 62.43 4.76 -18.21
CA ILE B 372 62.01 6.14 -17.89
C ILE B 372 62.83 7.12 -18.73
N GLU B 373 62.16 8.10 -19.30
CA GLU B 373 62.78 9.23 -20.01
C GLU B 373 62.03 10.52 -19.67
N LYS B 374 62.62 11.64 -20.02
CA LYS B 374 62.00 12.96 -19.83
C LYS B 374 60.71 13.08 -20.66
N ASN B 375 59.84 13.97 -20.20
CA ASN B 375 58.50 14.27 -20.77
C ASN B 375 57.56 13.06 -20.63
N GLN B 376 57.88 12.12 -19.75
CA GLN B 376 56.96 11.01 -19.42
C GLN B 376 56.26 11.35 -18.10
N VAL B 377 55.06 10.82 -17.92
CA VAL B 377 54.23 11.08 -16.72
C VAL B 377 53.82 9.76 -16.07
N PHE B 378 54.05 9.65 -14.76
CA PHE B 378 53.86 8.39 -14.00
C PHE B 378 52.95 8.57 -12.80
N THR B 379 52.30 7.49 -12.45
CA THR B 379 51.73 7.29 -11.11
C THR B 379 52.76 6.51 -10.31
N ILE B 380 52.81 6.81 -9.03
CA ILE B 380 53.56 6.06 -7.98
C ILE B 380 52.54 5.78 -6.89
N GLU B 381 52.28 4.51 -6.64
CA GLU B 381 51.12 4.14 -5.80
C GLU B 381 51.38 2.85 -5.02
N PRO B 382 52.35 2.88 -4.09
CA PRO B 382 52.55 1.77 -3.17
C PRO B 382 51.29 1.58 -2.32
N GLY B 383 51.07 0.35 -1.90
CA GLY B 383 49.94 -0.01 -1.05
C GLY B 383 50.35 -1.12 -0.12
N LEU B 384 49.55 -1.28 0.92
CA LEU B 384 49.69 -2.36 1.92
C LEU B 384 48.27 -2.63 2.42
N TYR B 385 47.80 -3.85 2.20
CA TYR B 385 46.40 -4.25 2.43
C TYR B 385 46.35 -5.54 3.22
N PHE B 386 45.23 -5.73 3.91
CA PHE B 386 44.91 -6.93 4.70
C PHE B 386 43.72 -7.59 4.02
N ILE B 387 44.03 -8.42 3.03
CA ILE B 387 43.04 -8.98 2.08
C ILE B 387 42.76 -10.42 2.49
N ASP B 388 41.51 -10.69 2.88
CA ASP B 388 41.04 -12.00 3.40
C ASP B 388 41.46 -13.18 2.50
N SER B 389 41.20 -13.11 1.21
CA SER B 389 41.41 -14.29 0.33
C SER B 389 42.90 -14.52 0.17
N LEU B 390 43.70 -13.45 0.09
CA LEU B 390 45.18 -13.62 -0.03
C LEU B 390 45.78 -14.08 1.29
N LEU B 391 45.27 -13.59 2.43
CA LEU B 391 45.76 -14.02 3.75
C LEU B 391 45.32 -15.47 3.99
N GLY B 392 44.16 -15.86 3.44
CA GLY B 392 43.68 -17.25 3.42
C GLY B 392 44.64 -18.15 2.67
N ASP B 393 45.03 -17.77 1.46
CA ASP B 393 46.05 -18.51 0.64
C ASP B 393 47.37 -18.62 1.41
N LEU B 394 47.85 -17.50 1.94
CA LEU B 394 49.13 -17.48 2.72
C LEU B 394 49.07 -18.47 3.90
N ALA B 395 47.96 -18.49 4.64
CA ALA B 395 47.75 -19.38 5.81
C ALA B 395 47.83 -20.86 5.41
N GLN B 396 47.77 -21.17 4.10
CA GLN B 396 47.90 -22.56 3.60
C GLN B 396 49.26 -22.87 2.97
N THR B 397 50.23 -21.96 3.10
CA THR B 397 51.63 -22.21 2.67
C THR B 397 52.45 -22.45 3.93
N ASP B 398 53.71 -22.80 3.76
CA ASP B 398 54.62 -23.02 4.93
C ASP B 398 55.16 -21.66 5.42
N ASN B 399 54.67 -20.54 4.86
CA ASN B 399 54.93 -19.19 5.43
C ASN B 399 53.92 -18.86 6.53
N LYS B 400 52.93 -19.70 6.76
CA LYS B 400 51.89 -19.46 7.80
C LYS B 400 52.52 -19.11 9.14
N GLN B 401 53.52 -19.90 9.56
CA GLN B 401 54.17 -19.79 10.90
C GLN B 401 54.77 -18.39 11.12
N PHE B 402 55.07 -17.67 10.04
CA PHE B 402 55.82 -16.39 10.12
C PHE B 402 54.89 -15.19 10.27
N ILE B 403 53.59 -15.41 10.11
CA ILE B 403 52.60 -14.31 10.10
C ILE B 403 52.08 -14.11 11.51
N ASN B 404 52.10 -12.87 11.99
CA ASN B 404 51.49 -12.53 13.29
C ASN B 404 49.98 -12.40 13.07
N TRP B 405 49.21 -13.49 13.20
CA TRP B 405 47.76 -13.51 12.88
C TRP B 405 46.98 -12.60 13.82
N GLU B 406 47.40 -12.50 15.06
CA GLU B 406 46.77 -11.59 16.05
C GLU B 406 46.83 -10.15 15.53
N LYS B 407 48.02 -9.69 15.14
CA LYS B 407 48.24 -8.30 14.66
C LYS B 407 47.46 -8.07 13.35
N VAL B 408 47.45 -9.06 12.45
CA VAL B 408 46.66 -8.99 11.20
C VAL B 408 45.20 -8.74 11.58
N GLU B 409 44.70 -9.41 12.62
CA GLU B 409 43.28 -9.30 13.05
C GLU B 409 42.97 -7.85 13.49
N GLU B 410 43.92 -7.22 14.19
CA GLU B 410 43.73 -5.83 14.70
C GLU B 410 43.73 -4.82 13.54
N PHE B 411 44.29 -5.17 12.38
CA PHE B 411 44.38 -4.25 11.22
C PHE B 411 43.19 -4.44 10.28
N LYS B 412 42.53 -5.61 10.32
CA LYS B 412 41.48 -5.95 9.30
C LYS B 412 40.40 -4.89 9.23
N PRO B 413 39.87 -4.39 10.37
CA PRO B 413 38.85 -3.34 10.33
C PRO B 413 39.29 -2.10 9.54
N PHE B 414 40.60 -1.87 9.40
CA PHE B 414 41.13 -0.68 8.71
C PHE B 414 41.31 -0.96 7.21
N GLY B 415 41.32 -2.23 6.81
CA GLY B 415 41.33 -2.63 5.38
C GLY B 415 42.71 -2.53 4.75
N GLY B 416 43.19 -1.31 4.51
CA GLY B 416 44.52 -1.12 3.92
C GLY B 416 44.80 0.29 3.49
N ILE B 417 45.92 0.45 2.77
CA ILE B 417 46.53 1.77 2.48
C ILE B 417 46.98 1.83 1.04
N ARG B 418 46.69 2.93 0.38
CA ARG B 418 47.37 3.27 -0.88
C ARG B 418 47.51 4.78 -0.98
N ILE B 419 48.68 5.20 -1.43
CA ILE B 419 49.02 6.64 -1.56
C ILE B 419 49.55 6.82 -2.96
N GLU B 420 48.91 7.68 -3.72
CA GLU B 420 49.24 7.79 -5.15
C GLU B 420 49.42 9.24 -5.57
N ASP B 421 50.56 9.49 -6.23
CA ASP B 421 50.88 10.79 -6.83
C ASP B 421 51.01 10.63 -8.34
N ASN B 422 50.93 11.75 -9.03
CA ASN B 422 51.17 11.86 -10.48
C ASN B 422 52.38 12.78 -10.71
N ILE B 423 53.39 12.26 -11.40
CA ILE B 423 54.73 12.89 -11.44
C ILE B 423 55.22 13.00 -12.87
N ILE B 424 55.57 14.21 -13.28
CA ILE B 424 56.22 14.45 -14.59
C ILE B 424 57.72 14.31 -14.42
N VAL B 425 58.35 13.57 -15.31
CA VAL B 425 59.84 13.47 -15.35
C VAL B 425 60.35 14.46 -16.36
N HIS B 426 61.17 15.40 -15.91
CA HIS B 426 61.89 16.37 -16.80
C HIS B 426 63.35 15.90 -16.92
N GLU B 427 64.12 16.56 -17.76
CA GLU B 427 65.56 16.22 -17.97
C GLU B 427 66.35 16.26 -16.65
N ASP B 428 66.05 17.25 -15.82
CA ASP B 428 66.91 17.66 -14.68
C ASP B 428 66.15 17.63 -13.37
N SER B 429 64.87 17.31 -13.38
CA SER B 429 64.02 17.45 -12.17
C SER B 429 62.78 16.58 -12.30
N LEU B 430 62.06 16.51 -11.20
CA LEU B 430 60.75 15.88 -11.13
C LEU B 430 59.73 16.94 -10.78
N GLU B 431 58.55 16.85 -11.36
CA GLU B 431 57.41 17.71 -10.98
C GLU B 431 56.31 16.78 -10.47
N ASN B 432 56.19 16.70 -9.15
CA ASN B 432 55.08 16.01 -8.45
C ASN B 432 53.86 16.92 -8.50
N MET B 433 53.01 16.74 -9.51
CA MET B 433 51.84 17.62 -9.75
C MET B 433 50.94 17.60 -8.52
N THR B 434 50.78 16.43 -7.94
CA THR B 434 49.85 16.20 -6.80
C THR B 434 50.34 16.96 -5.57
N ARG B 435 51.63 16.83 -5.22
CA ARG B 435 52.16 17.45 -3.96
C ARG B 435 52.48 18.91 -4.17
N ASP B 436 52.74 19.38 -5.41
CA ASP B 436 52.88 20.83 -5.69
C ASP B 436 51.56 21.56 -5.42
N LEU B 437 50.42 20.85 -5.40
CA LEU B 437 49.10 21.49 -5.12
C LEU B 437 48.76 21.44 -3.62
N HIS B 438 49.67 21.02 -2.74
CA HIS B 438 49.49 21.15 -1.26
C HIS B 438 48.17 20.47 -0.85
N LEU B 439 47.92 19.25 -1.37
CA LEU B 439 46.81 18.38 -0.90
C LEU B 439 47.18 17.84 0.48
N ASP B 440 48.50 17.64 0.66
CA ASP B 440 49.20 16.76 1.63
C ASP B 440 49.26 15.35 1.04
N ASP C 2 -48.69 11.56 33.09
CA ASP C 2 -50.10 12.01 33.45
C ASP C 2 -51.16 11.07 32.85
N LYS C 3 -51.63 11.27 31.62
CA LYS C 3 -52.63 10.34 31.03
C LYS C 3 -52.12 8.89 31.18
N LEU C 4 -50.91 8.65 30.71
CA LEU C 4 -50.31 7.30 30.70
C LEU C 4 -50.22 6.81 32.14
N ALA C 5 -49.79 7.68 33.06
CA ALA C 5 -49.63 7.36 34.49
C ALA C 5 -50.99 6.97 35.08
N VAL C 6 -52.06 7.65 34.70
CA VAL C 6 -53.41 7.34 35.25
C VAL C 6 -53.81 5.93 34.81
N LEU C 7 -53.60 5.61 33.53
CA LEU C 7 -54.00 4.31 32.95
C LEU C 7 -53.18 3.15 33.54
N TYR C 8 -51.94 3.41 33.94
CA TYR C 8 -51.03 2.38 34.45
C TYR C 8 -51.59 1.73 35.72
N ALA C 9 -52.34 2.47 36.53
CA ALA C 9 -52.92 1.96 37.80
C ALA C 9 -53.80 0.76 37.47
N GLU C 10 -54.62 0.88 36.42
CA GLU C 10 -55.53 -0.22 36.02
C GLU C 10 -54.72 -1.38 35.42
N HIS C 11 -53.64 -1.07 34.73
CA HIS C 11 -52.70 -2.08 34.18
C HIS C 11 -52.15 -2.93 35.33
N ILE C 12 -51.65 -2.29 36.37
CA ILE C 12 -51.15 -3.05 37.55
C ILE C 12 -52.28 -3.88 38.14
N ALA C 13 -53.49 -3.32 38.27
CA ALA C 13 -54.58 -4.05 38.92
C ALA C 13 -54.89 -5.27 38.08
N THR C 14 -54.95 -5.12 36.75
CA THR C 14 -55.24 -6.29 35.86
C THR C 14 -54.16 -7.36 36.03
N LEU C 15 -52.88 -6.97 36.06
CA LEU C 15 -51.78 -7.96 36.14
C LEU C 15 -51.84 -8.63 37.52
N GLN C 16 -52.11 -7.86 38.56
CA GLN C 16 -52.29 -8.42 39.93
C GLN C 16 -53.39 -9.48 39.91
N GLN C 17 -54.51 -9.21 39.28
CA GLN C 17 -55.67 -10.14 39.26
C GLN C 17 -55.28 -11.42 38.52
N ARG C 18 -54.63 -11.29 37.36
CA ARG C 18 -54.14 -12.45 36.57
C ARG C 18 -53.17 -13.29 37.40
N THR C 19 -52.23 -12.63 38.05
CA THR C 19 -51.18 -13.31 38.83
C THR C 19 -51.85 -14.12 39.92
N ARG C 20 -52.79 -13.49 40.64
CA ARG C 20 -53.50 -14.13 41.77
C ARG C 20 -54.26 -15.35 41.27
N THR C 21 -55.03 -15.21 40.23
CA THR C 21 -55.78 -16.34 39.66
C THR C 21 -54.83 -17.52 39.35
N ILE C 22 -53.73 -17.30 38.60
CA ILE C 22 -52.93 -18.44 38.07
C ILE C 22 -52.07 -19.00 39.21
N THR C 23 -51.56 -18.18 40.12
CA THR C 23 -50.74 -18.70 41.23
C THR C 23 -51.60 -19.56 42.15
N GLU C 24 -52.81 -19.09 42.46
CA GLU C 24 -53.72 -19.88 43.33
C GLU C 24 -54.11 -21.17 42.61
N ARG C 25 -54.52 -21.07 41.36
CA ARG C 25 -54.93 -22.30 40.61
C ARG C 25 -53.82 -23.34 40.65
N GLU C 26 -52.55 -22.94 40.50
CA GLU C 26 -51.40 -23.89 40.39
C GLU C 26 -50.72 -24.10 41.75
N GLY C 27 -51.25 -23.54 42.84
CA GLY C 27 -50.68 -23.77 44.19
C GLY C 27 -49.29 -23.19 44.33
N LEU C 28 -49.04 -22.04 43.70
CA LEU C 28 -47.76 -21.30 43.84
C LEU C 28 -47.91 -20.15 44.84
N GLU C 29 -46.85 -19.85 45.57
CA GLU C 29 -46.80 -18.66 46.46
C GLU C 29 -46.49 -17.40 45.64
N GLY C 30 -45.90 -17.57 44.45
CA GLY C 30 -45.64 -16.42 43.58
C GLY C 30 -44.84 -16.76 42.34
N LEU C 31 -44.62 -15.73 41.53
CA LEU C 31 -43.73 -15.76 40.37
C LEU C 31 -42.53 -14.90 40.70
N VAL C 32 -41.36 -15.33 40.27
CA VAL C 32 -40.14 -14.49 40.26
C VAL C 32 -39.77 -14.32 38.79
N ILE C 33 -39.87 -13.08 38.29
CA ILE C 33 -39.76 -12.81 36.83
C ILE C 33 -38.45 -12.06 36.62
N HIS C 34 -37.56 -12.66 35.83
CA HIS C 34 -36.18 -12.17 35.62
C HIS C 34 -36.08 -11.38 34.31
N SER C 35 -35.54 -10.16 34.36
CA SER C 35 -35.45 -9.29 33.15
C SER C 35 -34.48 -9.93 32.14
N GLY C 36 -33.48 -10.66 32.64
CA GLY C 36 -32.50 -11.34 31.79
C GLY C 36 -31.09 -10.86 32.08
N GLN C 37 -30.19 -11.12 31.14
CA GLN C 37 -28.76 -10.75 31.25
C GLN C 37 -28.27 -10.31 29.89
N ALA C 38 -27.13 -9.63 29.87
CA ALA C 38 -26.39 -9.37 28.63
C ALA C 38 -25.65 -10.65 28.26
N LYS C 39 -25.72 -11.05 26.98
CA LYS C 39 -24.97 -12.21 26.45
C LYS C 39 -23.65 -11.73 25.88
N ARG C 40 -22.56 -12.32 26.36
CA ARG C 40 -21.20 -12.04 25.88
C ARG C 40 -20.94 -12.77 24.56
N GLN C 41 -20.27 -12.12 23.64
CA GLN C 41 -19.81 -12.76 22.37
C GLN C 41 -18.69 -13.75 22.68
N PHE C 42 -18.77 -14.88 22.00
CA PHE C 42 -17.78 -15.98 22.11
C PHE C 42 -16.37 -15.43 21.90
N LEU C 43 -15.46 -15.77 22.80
CA LEU C 43 -14.02 -15.44 22.86
C LEU C 43 -13.75 -13.94 22.90
N ASP C 44 -14.72 -13.16 23.35
CA ASP C 44 -14.66 -11.67 23.20
C ASP C 44 -15.13 -11.00 24.48
N TRP C 45 -14.93 -9.67 24.59
CA TRP C 45 -15.39 -8.88 25.77
C TRP C 45 -16.67 -8.11 25.46
N MET C 46 -17.07 -8.04 24.20
CA MET C 46 -18.32 -7.35 23.84
C MET C 46 -19.55 -8.22 24.03
N TYR C 47 -20.68 -7.54 24.16
CA TYR C 47 -22.02 -8.13 24.43
C TYR C 47 -22.89 -7.99 23.18
N TYR C 48 -23.83 -8.91 23.04
CA TYR C 48 -24.98 -8.74 22.14
C TYR C 48 -25.84 -7.64 22.72
N PRO C 49 -26.68 -6.97 21.92
CA PRO C 49 -27.64 -6.01 22.44
C PRO C 49 -28.62 -6.69 23.42
N PHE C 50 -28.88 -6.05 24.53
CA PHE C 50 -29.76 -6.59 25.59
C PHE C 50 -31.22 -6.62 25.10
N LYS C 51 -31.88 -7.77 25.23
CA LYS C 51 -33.32 -7.95 24.91
C LYS C 51 -34.04 -8.46 26.16
N VAL C 52 -34.89 -7.61 26.71
CA VAL C 52 -35.63 -7.90 27.97
C VAL C 52 -36.58 -9.09 27.76
N ASN C 53 -36.66 -9.95 28.77
CA ASN C 53 -37.73 -10.96 28.96
C ASN C 53 -39.11 -10.32 28.80
N PRO C 54 -39.91 -10.71 27.80
CA PRO C 54 -41.24 -10.13 27.61
C PRO C 54 -42.14 -10.20 28.85
N GLN C 55 -41.99 -11.25 29.66
CA GLN C 55 -42.79 -11.43 30.90
C GLN C 55 -42.40 -10.34 31.90
N PHE C 56 -41.19 -9.80 31.81
CA PHE C 56 -40.72 -8.78 32.75
C PHE C 56 -41.33 -7.42 32.35
N LYS C 57 -41.17 -7.03 31.08
CA LYS C 57 -41.62 -5.70 30.62
C LYS C 57 -43.15 -5.67 30.54
N ALA C 58 -43.84 -6.81 30.60
CA ALA C 58 -45.31 -6.88 30.73
C ALA C 58 -45.75 -6.01 31.92
N TRP C 59 -44.88 -5.86 32.92
CA TRP C 59 -45.21 -5.23 34.21
C TRP C 59 -44.87 -3.75 34.19
N LEU C 60 -43.76 -3.37 33.54
CA LEU C 60 -43.26 -1.99 33.62
C LEU C 60 -42.35 -1.68 32.44
N PRO C 61 -42.24 -0.41 32.02
CA PRO C 61 -41.42 -0.04 30.87
C PRO C 61 -39.93 0.10 31.21
N VAL C 62 -39.35 -0.99 31.69
CA VAL C 62 -37.90 -1.09 31.96
C VAL C 62 -37.41 -2.17 31.03
N ILE C 63 -36.83 -1.76 29.91
CA ILE C 63 -36.52 -2.71 28.81
C ILE C 63 -35.01 -2.77 28.57
N ASP C 64 -34.23 -1.90 29.19
CA ASP C 64 -32.79 -1.77 28.90
C ASP C 64 -31.96 -2.12 30.15
N ASN C 65 -32.52 -2.85 31.12
CA ASN C 65 -31.85 -3.08 32.43
C ASN C 65 -31.81 -4.59 32.75
N PRO C 66 -30.63 -5.22 32.60
CA PRO C 66 -30.49 -6.61 32.98
C PRO C 66 -30.46 -6.76 34.51
N HIS C 67 -30.56 -8.00 35.00
CA HIS C 67 -30.38 -8.36 36.42
C HIS C 67 -31.47 -7.73 37.30
N CYS C 68 -32.65 -7.49 36.72
CA CYS C 68 -33.82 -7.00 37.48
C CYS C 68 -34.76 -8.18 37.72
N TRP C 69 -35.46 -8.13 38.85
CA TRP C 69 -36.38 -9.23 39.26
C TRP C 69 -37.66 -8.65 39.83
N ILE C 70 -38.77 -9.17 39.38
CA ILE C 70 -40.10 -8.89 39.97
C ILE C 70 -40.49 -10.13 40.76
N VAL C 71 -41.01 -9.91 41.96
CA VAL C 71 -41.64 -10.97 42.78
C VAL C 71 -43.08 -10.55 43.00
N VAL C 72 -44.02 -11.33 42.50
CA VAL C 72 -45.47 -11.01 42.52
C VAL C 72 -46.27 -12.25 42.90
N ASP C 73 -47.34 -12.03 43.65
CA ASP C 73 -48.34 -13.09 43.98
C ASP C 73 -49.75 -12.60 43.69
N GLY C 74 -49.93 -11.31 43.43
CA GLY C 74 -51.25 -10.75 43.09
C GLY C 74 -52.06 -10.40 44.34
N ALA C 75 -51.46 -10.48 45.51
CA ALA C 75 -52.16 -10.25 46.80
C ALA C 75 -51.43 -9.21 47.64
N SER C 76 -50.13 -9.05 47.44
CA SER C 76 -49.38 -7.97 48.13
C SER C 76 -48.81 -7.06 47.05
N LYS C 77 -48.23 -5.96 47.47
CA LYS C 77 -47.60 -5.01 46.54
C LYS C 77 -46.46 -5.70 45.78
N PRO C 78 -46.39 -5.57 44.43
CA PRO C 78 -45.28 -6.15 43.67
C PRO C 78 -43.91 -5.70 44.19
N LYS C 79 -42.99 -6.64 44.28
CA LYS C 79 -41.59 -6.34 44.66
C LYS C 79 -40.74 -6.22 43.40
N LEU C 80 -39.89 -5.20 43.33
CA LEU C 80 -38.93 -5.03 42.23
C LEU C 80 -37.51 -4.94 42.79
N ILE C 81 -36.67 -5.87 42.36
CA ILE C 81 -35.20 -5.74 42.53
C ILE C 81 -34.68 -5.05 41.28
N PHE C 82 -34.16 -3.85 41.44
CA PHE C 82 -33.74 -2.98 40.33
C PHE C 82 -32.23 -2.90 40.33
N TYR C 83 -31.61 -3.33 39.22
CA TYR C 83 -30.14 -3.32 39.06
C TYR C 83 -29.66 -1.90 38.88
N ARG C 84 -28.77 -1.43 39.76
CA ARG C 84 -28.12 -0.09 39.63
C ARG C 84 -26.63 -0.19 40.02
N PRO C 85 -25.70 -0.58 39.09
CA PRO C 85 -24.21 -0.61 39.23
C PRO C 85 -23.67 0.79 39.51
N VAL C 86 -22.57 0.91 40.27
CA VAL C 86 -21.96 2.23 40.63
C VAL C 86 -20.50 2.21 40.19
N ASP C 87 -20.24 2.50 38.93
CA ASP C 87 -18.86 2.38 38.39
C ASP C 87 -18.55 3.70 37.68
N PHE C 88 -17.29 4.11 37.72
CA PHE C 88 -16.86 5.41 37.17
C PHE C 88 -16.87 5.37 35.63
N TRP C 89 -16.86 4.16 35.05
CA TRP C 89 -16.79 3.97 33.57
C TRP C 89 -18.17 4.10 32.89
N HIS C 90 -19.27 4.07 33.67
CA HIS C 90 -20.66 4.14 33.13
C HIS C 90 -21.40 5.31 33.77
N LYS C 91 -22.39 5.83 33.05
CA LYS C 91 -23.29 6.89 33.55
C LYS C 91 -24.16 6.30 34.67
N VAL C 92 -23.95 6.76 35.89
CA VAL C 92 -24.73 6.34 37.09
C VAL C 92 -26.14 6.92 36.95
N PRO C 93 -27.18 6.10 36.67
CA PRO C 93 -28.52 6.63 36.42
C PRO C 93 -29.20 6.98 37.76
N ASP C 94 -30.31 7.71 37.70
CA ASP C 94 -31.10 8.07 38.91
C ASP C 94 -31.82 6.83 39.43
N GLU C 95 -32.02 6.75 40.75
CA GLU C 95 -32.99 5.80 41.35
C GLU C 95 -34.31 5.99 40.61
N PRO C 96 -35.13 4.93 40.46
CA PRO C 96 -36.36 5.04 39.71
C PRO C 96 -37.34 6.04 40.36
N ARG C 97 -37.70 7.10 39.65
CA ARG C 97 -38.77 8.03 40.10
C ARG C 97 -39.75 8.35 38.95
N ASP C 98 -39.81 7.49 37.94
CA ASP C 98 -40.83 7.55 36.85
C ASP C 98 -42.20 7.16 37.42
N PHE C 99 -43.26 7.35 36.64
CA PHE C 99 -44.67 7.17 37.06
C PHE C 99 -44.86 5.78 37.69
N TRP C 100 -44.14 4.76 37.24
CA TRP C 100 -44.37 3.35 37.66
C TRP C 100 -43.78 3.05 39.05
N ALA C 101 -42.86 3.87 39.57
CA ALA C 101 -42.02 3.54 40.75
C ALA C 101 -42.86 3.26 41.98
N GLU C 102 -43.88 4.09 42.19
CA GLU C 102 -44.77 4.03 43.38
C GLU C 102 -45.54 2.71 43.42
N TYR C 103 -45.66 1.98 42.30
CA TYR C 103 -46.45 0.71 42.29
C TYR C 103 -45.64 -0.50 42.74
N PHE C 104 -44.33 -0.35 43.01
CA PHE C 104 -43.44 -1.47 43.43
C PHE C 104 -42.72 -1.12 44.74
N ASP C 105 -42.49 -2.13 45.58
CA ASP C 105 -41.53 -2.02 46.70
C ASP C 105 -40.16 -2.34 46.10
N ILE C 106 -39.33 -1.31 45.98
CA ILE C 106 -38.10 -1.35 45.15
C ILE C 106 -36.89 -1.56 46.06
N GLU C 107 -36.07 -2.55 45.75
CA GLU C 107 -34.74 -2.68 46.36
C GLU C 107 -33.69 -2.55 45.27
N LEU C 108 -32.67 -1.75 45.58
CA LEU C 108 -31.54 -1.52 44.67
C LEU C 108 -30.58 -2.71 44.77
N LEU C 109 -30.10 -3.19 43.62
CA LEU C 109 -29.09 -4.28 43.52
C LEU C 109 -27.86 -3.71 42.86
N VAL C 110 -26.74 -3.75 43.58
CA VAL C 110 -25.47 -3.08 43.13
C VAL C 110 -24.63 -4.07 42.34
N GLN C 111 -24.78 -5.37 42.61
CA GLN C 111 -23.96 -6.42 41.97
C GLN C 111 -24.84 -7.60 41.63
N PRO C 112 -24.86 -8.06 40.36
CA PRO C 112 -25.82 -9.05 39.90
C PRO C 112 -25.86 -10.34 40.75
N ASP C 113 -24.70 -10.82 41.21
CA ASP C 113 -24.59 -12.13 41.88
C ASP C 113 -25.00 -12.03 43.37
N GLN C 114 -25.30 -10.83 43.89
CA GLN C 114 -25.74 -10.63 45.30
C GLN C 114 -27.27 -10.60 45.41
N VAL C 115 -27.96 -11.08 44.38
CA VAL C 115 -29.45 -11.09 44.34
C VAL C 115 -30.03 -12.13 45.31
N GLU C 116 -29.27 -13.18 45.63
CA GLU C 116 -29.69 -14.29 46.54
C GLU C 116 -30.31 -13.73 47.84
N LYS C 117 -29.66 -12.72 48.42
CA LYS C 117 -30.09 -12.07 49.69
C LYS C 117 -31.50 -11.48 49.59
N LEU C 118 -31.90 -11.03 48.40
CA LEU C 118 -33.14 -10.23 48.20
C LEU C 118 -34.29 -11.08 47.68
N LEU C 119 -34.08 -12.36 47.40
CA LEU C 119 -35.18 -13.26 46.92
C LEU C 119 -35.79 -14.01 48.09
N PRO C 120 -37.01 -14.58 47.92
CA PRO C 120 -37.63 -15.34 49.01
C PRO C 120 -36.67 -16.43 49.48
N TYR C 121 -36.55 -16.62 50.80
CA TYR C 121 -35.60 -17.61 51.38
C TYR C 121 -36.07 -19.00 50.93
N ASP C 122 -37.37 -19.29 51.07
CA ASP C 122 -37.92 -20.63 50.71
C ASP C 122 -38.61 -20.53 49.35
N LYS C 123 -38.02 -21.19 48.33
CA LYS C 123 -38.39 -21.06 46.90
C LYS C 123 -39.17 -22.26 46.41
N ALA C 124 -39.43 -23.24 47.26
CA ALA C 124 -40.22 -24.44 46.89
C ALA C 124 -41.43 -24.04 46.05
N ASN C 125 -42.22 -23.04 46.48
CA ASN C 125 -43.53 -22.75 45.82
C ASN C 125 -43.47 -21.48 44.95
N TYR C 126 -42.27 -21.04 44.56
CA TYR C 126 -42.09 -19.90 43.62
C TYR C 126 -41.66 -20.40 42.25
N ALA C 127 -42.32 -19.91 41.20
CA ALA C 127 -41.96 -20.20 39.80
C ALA C 127 -40.99 -19.14 39.30
N TYR C 128 -39.84 -19.58 38.79
CA TYR C 128 -38.89 -18.69 38.07
C TYR C 128 -39.45 -18.54 36.66
N ILE C 129 -39.63 -17.29 36.22
CA ILE C 129 -40.05 -16.97 34.83
C ILE C 129 -38.88 -16.22 34.19
N GLY C 130 -38.24 -16.86 33.24
CA GLY C 130 -37.01 -16.29 32.65
C GLY C 130 -36.24 -17.33 31.92
N GLU C 131 -35.14 -16.88 31.33
CA GLU C 131 -34.40 -17.66 30.31
C GLU C 131 -33.25 -18.40 31.00
N TYR C 132 -32.80 -17.93 32.15
CA TYR C 132 -31.52 -18.36 32.74
C TYR C 132 -31.71 -19.51 33.73
N LEU C 133 -32.02 -20.69 33.18
CA LEU C 133 -32.38 -21.90 33.97
C LEU C 133 -31.27 -22.29 34.92
N GLU C 134 -30.01 -22.20 34.49
CA GLU C 134 -28.86 -22.62 35.34
C GLU C 134 -28.69 -21.61 36.48
N VAL C 135 -28.86 -20.33 36.19
CA VAL C 135 -28.81 -19.31 37.28
C VAL C 135 -29.93 -19.61 38.27
N ALA C 136 -31.13 -19.87 37.78
CA ALA C 136 -32.31 -20.11 38.66
C ALA C 136 -32.00 -21.32 39.56
N GLN C 137 -31.55 -22.43 38.96
CA GLN C 137 -31.19 -23.66 39.72
C GLN C 137 -30.17 -23.34 40.81
N ALA C 138 -29.14 -22.55 40.50
CA ALA C 138 -28.09 -22.21 41.47
C ALA C 138 -28.68 -21.38 42.60
N LEU C 139 -29.74 -20.60 42.30
CA LEU C 139 -30.39 -19.73 43.31
C LEU C 139 -31.35 -20.57 44.20
N GLY C 140 -31.67 -21.79 43.79
CA GLY C 140 -32.50 -22.71 44.60
C GLY C 140 -33.91 -22.83 44.07
N PHE C 141 -34.17 -22.40 42.84
CA PHE C 141 -35.51 -22.57 42.21
C PHE C 141 -35.58 -23.98 41.64
N SER C 142 -36.76 -24.59 41.71
CA SER C 142 -37.00 -25.93 41.10
C SER C 142 -38.09 -25.84 40.04
N ILE C 143 -38.99 -24.86 40.14
CA ILE C 143 -40.07 -24.66 39.14
C ILE C 143 -39.64 -23.54 38.22
N MET C 144 -39.65 -23.80 36.91
CA MET C 144 -39.14 -22.85 35.90
C MET C 144 -40.04 -22.87 34.68
N ASN C 145 -40.61 -21.71 34.36
CA ASN C 145 -41.49 -21.55 33.18
C ASN C 145 -42.50 -22.69 33.13
N PRO C 146 -43.27 -22.95 34.20
CA PRO C 146 -44.25 -24.03 34.19
C PRO C 146 -45.37 -23.80 33.18
N GLU C 147 -45.65 -24.81 32.37
CA GLU C 147 -46.50 -24.69 31.16
C GLU C 147 -47.87 -24.09 31.49
N PRO C 148 -48.56 -24.49 32.59
CA PRO C 148 -49.88 -23.92 32.89
C PRO C 148 -49.84 -22.40 33.10
N VAL C 149 -48.85 -21.91 33.83
CA VAL C 149 -48.63 -20.45 34.07
C VAL C 149 -48.34 -19.74 32.73
N MET C 150 -47.44 -20.30 31.91
CA MET C 150 -47.03 -19.65 30.65
C MET C 150 -48.24 -19.55 29.74
N ASN C 151 -48.97 -20.65 29.61
CA ASN C 151 -50.15 -20.71 28.70
C ASN C 151 -51.21 -19.74 29.16
N TYR C 152 -51.44 -19.65 30.47
CA TYR C 152 -52.46 -18.73 31.04
C TYR C 152 -52.06 -17.28 30.72
N LEU C 153 -50.87 -16.87 31.12
CA LEU C 153 -50.40 -15.47 30.88
C LEU C 153 -50.40 -15.18 29.39
N HIS C 154 -49.92 -16.13 28.59
CA HIS C 154 -49.87 -15.94 27.11
C HIS C 154 -51.28 -15.80 26.56
N PHE C 155 -52.23 -16.60 27.04
CA PHE C 155 -53.64 -16.50 26.61
C PHE C 155 -54.15 -15.08 26.90
N HIS C 156 -53.95 -14.60 28.12
CA HIS C 156 -54.55 -13.32 28.57
C HIS C 156 -53.77 -12.10 28.03
N ARG C 157 -52.55 -12.29 27.49
CA ARG C 157 -51.77 -11.18 26.87
C ARG C 157 -52.51 -10.62 25.64
N ALA C 158 -53.39 -11.39 25.04
CA ALA C 158 -54.20 -10.93 23.88
C ALA C 158 -55.19 -9.84 24.30
N TYR C 159 -55.59 -9.77 25.59
CA TYR C 159 -56.49 -8.69 26.08
C TYR C 159 -55.66 -7.55 26.62
N LYS C 160 -55.52 -6.50 25.83
CA LYS C 160 -54.67 -5.35 26.19
C LYS C 160 -55.43 -4.48 27.19
N THR C 161 -54.75 -4.01 28.22
CA THR C 161 -55.27 -2.97 29.11
C THR C 161 -55.26 -1.63 28.36
N GLN C 162 -55.88 -0.60 28.94
CA GLN C 162 -55.93 0.74 28.31
C GLN C 162 -54.51 1.33 28.24
N TYR C 163 -53.69 1.07 29.25
CA TYR C 163 -52.27 1.48 29.29
C TYR C 163 -51.54 0.93 28.05
N GLU C 164 -51.73 -0.37 27.78
CA GLU C 164 -51.06 -1.08 26.68
C GLU C 164 -51.55 -0.52 25.35
N LEU C 165 -52.84 -0.23 25.22
CA LEU C 165 -53.38 0.34 23.96
C LEU C 165 -52.77 1.71 23.72
N GLU C 166 -52.66 2.52 24.75
CA GLU C 166 -52.03 3.86 24.62
C GLU C 166 -50.55 3.71 24.23
N CYS C 167 -49.81 2.75 24.81
CA CYS C 167 -48.39 2.51 24.42
C CYS C 167 -48.34 2.14 22.93
N LEU C 168 -49.27 1.31 22.46
CA LEU C 168 -49.27 0.82 21.05
C LEU C 168 -49.60 1.99 20.11
N ARG C 169 -50.45 2.91 20.54
CA ARG C 169 -50.76 4.10 19.72
C ARG C 169 -49.49 4.90 19.56
N GLN C 170 -48.75 5.09 20.66
CA GLN C 170 -47.51 5.91 20.69
C GLN C 170 -46.43 5.27 19.80
N ALA C 171 -46.34 3.94 19.78
CA ALA C 171 -45.36 3.24 18.93
C ALA C 171 -45.71 3.45 17.44
N ASN C 172 -46.99 3.31 17.10
CA ASN C 172 -47.48 3.60 15.74
C ASN C 172 -47.19 5.04 15.35
N ARG C 173 -47.45 6.01 16.23
CA ARG C 173 -47.14 7.42 15.91
C ARG C 173 -45.65 7.58 15.54
N ILE C 174 -44.74 6.95 16.28
CA ILE C 174 -43.29 7.09 15.99
C ILE C 174 -43.01 6.44 14.63
N ALA C 175 -43.48 5.23 14.42
CA ALA C 175 -43.18 4.43 13.22
C ALA C 175 -43.65 5.18 11.97
N VAL C 176 -44.82 5.82 12.04
CA VAL C 176 -45.42 6.57 10.91
C VAL C 176 -44.49 7.71 10.48
N GLU C 177 -43.87 8.42 11.40
CA GLU C 177 -42.84 9.44 11.06
C GLU C 177 -41.67 8.78 10.30
N GLY C 178 -41.24 7.61 10.73
CA GLY C 178 -40.18 6.88 10.01
C GLY C 178 -40.62 6.57 8.59
N HIS C 179 -41.85 6.06 8.43
CA HIS C 179 -42.40 5.59 7.13
C HIS C 179 -42.46 6.75 6.15
N LYS C 180 -42.83 7.94 6.60
CA LYS C 180 -42.85 9.15 5.74
C LYS C 180 -41.44 9.50 5.24
N ALA C 181 -40.44 9.48 6.12
CA ALA C 181 -39.06 9.85 5.75
C ALA C 181 -38.48 8.81 4.78
N ALA C 182 -38.78 7.54 4.98
CA ALA C 182 -38.32 6.44 4.11
C ALA C 182 -38.89 6.58 2.71
N ARG C 183 -40.22 6.74 2.63
CA ARG C 183 -40.93 7.02 1.36
C ARG C 183 -40.25 8.18 0.63
N ASP C 184 -40.06 9.31 1.28
CA ASP C 184 -39.49 10.52 0.64
C ASP C 184 -38.08 10.23 0.13
N THR C 185 -37.31 9.43 0.88
CA THR C 185 -35.93 9.08 0.49
C THR C 185 -35.97 8.16 -0.74
N PHE C 186 -36.94 7.26 -0.80
CA PHE C 186 -37.08 6.37 -1.98
C PHE C 186 -37.35 7.23 -3.22
N PHE C 187 -38.32 8.14 -3.14
CA PHE C 187 -38.69 9.00 -4.30
C PHE C 187 -37.53 9.95 -4.64
N ASN C 188 -36.54 10.16 -3.77
CA ASN C 188 -35.34 10.97 -4.09
C ASN C 188 -34.21 10.10 -4.66
N GLY C 189 -34.45 8.81 -4.89
CA GLY C 189 -33.44 7.93 -5.53
C GLY C 189 -32.48 7.32 -4.53
N GLY C 190 -32.83 7.27 -3.25
CA GLY C 190 -31.96 6.67 -2.23
C GLY C 190 -31.81 5.17 -2.39
N SER C 191 -30.67 4.67 -1.91
CA SER C 191 -30.39 3.21 -1.75
C SER C 191 -31.18 2.66 -0.54
N GLU C 192 -31.28 1.36 -0.45
CA GLU C 192 -31.87 0.68 0.72
C GLU C 192 -31.21 1.20 2.00
N PHE C 193 -29.88 1.32 2.00
CA PHE C 193 -29.14 1.78 3.20
C PHE C 193 -29.62 3.20 3.54
N ASP C 194 -29.71 4.07 2.54
CA ASP C 194 -30.08 5.50 2.76
C ASP C 194 -31.50 5.54 3.33
N ILE C 195 -32.37 4.69 2.81
CA ILE C 195 -33.80 4.69 3.25
C ILE C 195 -33.87 4.27 4.71
N GLN C 196 -33.18 3.19 5.07
CA GLN C 196 -33.14 2.66 6.47
C GLN C 196 -32.67 3.76 7.41
N HIS C 197 -31.62 4.48 7.03
CA HIS C 197 -30.99 5.47 7.95
C HIS C 197 -31.82 6.75 8.00
N ALA C 198 -32.60 7.06 6.96
CA ALA C 198 -33.60 8.15 7.04
C ALA C 198 -34.71 7.72 8.01
N TYR C 199 -35.16 6.47 7.97
CA TYR C 199 -36.17 5.94 8.92
C TYR C 199 -35.69 6.09 10.38
N LEU C 200 -34.46 5.67 10.65
CA LEU C 200 -33.89 5.74 12.03
C LEU C 200 -33.75 7.20 12.46
N MET C 201 -33.37 8.06 11.54
CA MET C 201 -33.23 9.51 11.85
C MET C 201 -34.59 10.14 12.19
N ALA C 202 -35.64 9.79 11.46
CA ALA C 202 -36.98 10.36 11.69
C ALA C 202 -37.60 9.77 12.97
N THR C 203 -37.36 8.49 13.31
CA THR C 203 -37.90 7.90 14.57
C THR C 203 -37.06 8.27 15.80
N ARG C 204 -35.83 8.75 15.60
CA ARG C 204 -34.84 8.98 16.70
C ARG C 204 -34.56 7.66 17.44
N GLN C 205 -34.66 6.53 16.75
CA GLN C 205 -34.42 5.21 17.34
C GLN C 205 -33.26 4.61 16.54
N SER C 206 -32.33 3.95 17.22
CA SER C 206 -31.23 3.22 16.56
C SER C 206 -31.71 1.84 16.15
N GLU C 207 -30.91 1.15 15.35
CA GLU C 207 -31.27 -0.16 14.72
C GLU C 207 -31.72 -1.15 15.80
N ASN C 208 -31.00 -1.22 16.92
CA ASN C 208 -31.28 -2.24 17.95
C ASN C 208 -32.46 -1.84 18.86
N GLU C 209 -32.96 -0.62 18.78
CA GLU C 209 -34.22 -0.24 19.48
C GLU C 209 -35.42 -0.60 18.61
N MET C 210 -35.23 -0.80 17.30
CA MET C 210 -36.32 -1.32 16.44
C MET C 210 -36.81 -2.64 17.04
N PRO C 211 -38.13 -2.91 17.08
CA PRO C 211 -38.60 -4.17 17.66
C PRO C 211 -38.31 -5.38 16.79
N TYR C 212 -37.96 -5.18 15.53
CA TYR C 212 -37.49 -6.25 14.62
C TYR C 212 -36.58 -5.63 13.57
N GLY C 213 -35.88 -6.50 12.83
CA GLY C 213 -34.98 -6.05 11.78
C GLY C 213 -35.78 -5.52 10.60
N ASN C 214 -35.68 -4.23 10.32
CA ASN C 214 -36.48 -3.55 9.27
C ASN C 214 -36.23 -4.23 7.93
N ILE C 215 -37.28 -4.40 7.14
CA ILE C 215 -37.18 -4.87 5.74
C ILE C 215 -37.27 -3.63 4.88
N VAL C 216 -36.18 -3.32 4.20
CA VAL C 216 -36.09 -2.18 3.26
C VAL C 216 -35.59 -2.75 1.95
N ALA C 217 -36.48 -2.85 0.97
CA ALA C 217 -36.24 -3.59 -0.28
C ALA C 217 -36.60 -2.74 -1.47
N LEU C 218 -35.72 -2.76 -2.47
CA LEU C 218 -35.99 -2.09 -3.76
C LEU C 218 -36.15 -3.14 -4.85
N ASN C 219 -37.02 -2.88 -5.81
CA ASN C 219 -37.09 -3.68 -7.07
C ASN C 219 -37.30 -5.15 -6.72
N GLU C 220 -36.47 -6.07 -7.24
CA GLU C 220 -36.68 -7.54 -7.15
C GLU C 220 -36.61 -7.99 -5.70
N ASN C 221 -35.96 -7.21 -4.83
CA ASN C 221 -35.83 -7.56 -3.40
C ASN C 221 -37.21 -7.53 -2.70
N CYS C 222 -38.18 -6.79 -3.24
CA CYS C 222 -39.55 -6.75 -2.68
C CYS C 222 -40.21 -8.13 -2.72
N ALA C 223 -39.74 -9.04 -3.59
CA ALA C 223 -40.27 -10.42 -3.68
C ALA C 223 -39.77 -11.29 -2.54
N ILE C 224 -38.68 -10.88 -1.89
CA ILE C 224 -38.04 -11.68 -0.81
C ILE C 224 -38.61 -11.20 0.52
N TYR C 225 -39.58 -11.92 1.08
CA TYR C 225 -40.50 -11.31 2.08
C TYR C 225 -39.80 -11.23 3.45
N LEU C 226 -38.71 -11.99 3.69
CA LEU C 226 -37.83 -11.81 4.89
C LEU C 226 -36.41 -11.38 4.47
N TYR C 227 -36.30 -10.58 3.39
CA TYR C 227 -35.08 -9.85 2.96
C TYR C 227 -34.53 -9.02 4.12
N THR C 228 -33.24 -9.12 4.39
CA THR C 228 -32.64 -8.55 5.63
C THR C 228 -31.55 -7.50 5.33
N HIS C 229 -30.91 -7.52 4.16
CA HIS C 229 -29.71 -6.69 3.85
C HIS C 229 -30.14 -5.24 3.57
N PHE C 230 -29.16 -4.35 3.58
CA PHE C 230 -29.36 -2.95 3.12
C PHE C 230 -28.27 -2.63 2.12
N GLU C 231 -28.58 -2.78 0.83
CA GLU C 231 -27.64 -2.40 -0.25
C GLU C 231 -27.27 -0.93 -0.09
N PRO C 232 -25.97 -0.62 0.09
CA PRO C 232 -25.48 0.75 0.16
C PRO C 232 -25.57 1.52 -1.17
N THR C 233 -25.55 0.80 -2.29
CA THR C 233 -25.58 1.42 -3.63
C THR C 233 -27.00 1.37 -4.17
N ALA C 234 -27.48 2.47 -4.74
CA ALA C 234 -28.80 2.54 -5.40
C ALA C 234 -28.79 1.70 -6.68
N PRO C 235 -29.92 1.05 -7.05
CA PRO C 235 -30.00 0.33 -8.32
C PRO C 235 -29.96 1.37 -9.43
N HIS C 236 -29.52 0.99 -10.63
CA HIS C 236 -29.41 1.93 -11.78
C HIS C 236 -30.79 2.55 -12.05
N THR C 237 -31.86 1.75 -11.98
CA THR C 237 -33.25 2.22 -12.20
C THR C 237 -34.13 1.81 -11.02
N HIS C 238 -34.87 2.78 -10.50
CA HIS C 238 -35.82 2.60 -9.36
C HIS C 238 -37.20 2.18 -9.89
N HIS C 239 -37.69 1.01 -9.51
CA HIS C 239 -39.06 0.56 -9.90
C HIS C 239 -40.01 0.53 -8.71
N SER C 240 -39.61 -0.13 -7.63
CA SER C 240 -40.50 -0.36 -6.48
C SER C 240 -39.75 -0.30 -5.16
N PHE C 241 -40.53 -0.18 -4.09
CA PHE C 241 -40.01 -0.04 -2.71
C PHE C 241 -41.01 -0.65 -1.77
N LEU C 242 -40.54 -1.56 -0.94
CA LEU C 242 -41.34 -2.21 0.11
C LEU C 242 -40.58 -2.01 1.42
N ILE C 243 -41.22 -1.35 2.38
CA ILE C 243 -40.61 -1.21 3.72
C ILE C 243 -41.58 -1.79 4.74
N ASP C 244 -41.04 -2.68 5.55
CA ASP C 244 -41.71 -3.22 6.74
C ASP C 244 -40.87 -2.83 7.96
N ALA C 245 -41.39 -1.88 8.73
CA ALA C 245 -40.64 -1.32 9.87
C ALA C 245 -41.60 -0.82 10.94
N GLY C 246 -41.09 -0.79 12.17
CA GLY C 246 -41.91 -0.41 13.32
C GLY C 246 -41.20 0.59 14.19
N ALA C 247 -41.46 0.46 15.47
CA ALA C 247 -40.91 1.33 16.53
C ALA C 247 -41.32 0.75 17.88
N ASN C 248 -40.63 1.20 18.91
CA ASN C 248 -40.82 0.79 20.31
C ASN C 248 -41.43 1.99 21.04
N PHE C 249 -42.40 1.73 21.89
CA PHE C 249 -42.78 2.65 22.99
C PHE C 249 -43.03 1.80 24.23
N ASN C 250 -42.22 2.01 25.27
CA ASN C 250 -42.39 1.36 26.59
C ASN C 250 -42.43 -0.17 26.45
N GLY C 251 -41.76 -0.71 25.43
CA GLY C 251 -41.68 -2.16 25.18
C GLY C 251 -42.76 -2.68 24.24
N TYR C 252 -43.66 -1.80 23.77
CA TYR C 252 -44.77 -2.13 22.85
C TYR C 252 -44.33 -1.79 21.43
N ALA C 253 -44.73 -2.64 20.49
CA ALA C 253 -44.25 -2.57 19.10
C ALA C 253 -45.34 -2.04 18.16
N ALA C 254 -44.90 -1.31 17.16
CA ALA C 254 -45.61 -1.11 15.89
C ALA C 254 -44.99 -2.04 14.86
N ASP C 255 -45.72 -2.28 13.78
CA ASP C 255 -45.31 -3.20 12.70
C ASP C 255 -46.07 -2.81 11.42
N ILE C 256 -45.51 -1.89 10.64
CA ILE C 256 -46.18 -1.27 9.47
C ILE C 256 -45.42 -1.59 8.19
N THR C 257 -46.15 -1.98 7.13
CA THR C 257 -45.58 -2.25 5.80
C THR C 257 -46.29 -1.39 4.77
N ARG C 258 -45.50 -0.80 3.87
CA ARG C 258 -46.01 -0.04 2.70
C ARG C 258 -45.21 -0.42 1.46
N THR C 259 -45.87 -0.36 0.31
CA THR C 259 -45.23 -0.62 -0.99
C THR C 259 -45.47 0.57 -1.89
N TYR C 260 -44.45 0.98 -2.64
CA TYR C 260 -44.54 2.17 -3.51
C TYR C 260 -44.01 1.84 -4.89
N ASP C 261 -44.52 2.61 -5.86
CA ASP C 261 -44.13 2.56 -7.29
C ASP C 261 -43.42 3.87 -7.62
N PHE C 262 -42.21 3.77 -8.15
CA PHE C 262 -41.34 4.97 -8.34
C PHE C 262 -42.02 5.97 -9.30
N LYS C 263 -42.63 5.46 -10.38
CA LYS C 263 -43.26 6.31 -11.43
C LYS C 263 -44.58 6.93 -10.94
N LYS C 264 -45.28 6.27 -10.01
CA LYS C 264 -46.63 6.68 -9.51
C LYS C 264 -47.66 6.57 -10.65
N SER C 265 -47.41 5.70 -11.63
CA SER C 265 -48.39 5.31 -12.68
C SER C 265 -47.88 4.07 -13.39
N GLY C 266 -48.74 3.48 -14.23
CA GLY C 266 -48.46 2.19 -14.86
C GLY C 266 -49.08 1.07 -14.06
N GLU C 267 -48.87 -0.16 -14.55
CA GLU C 267 -49.65 -1.31 -14.07
C GLU C 267 -49.31 -1.67 -12.63
N PHE C 268 -48.05 -1.55 -12.22
CA PHE C 268 -47.62 -1.95 -10.85
C PHE C 268 -48.22 -0.97 -9.84
N SER C 269 -48.25 0.31 -10.21
CA SER C 269 -48.89 1.40 -9.45
C SER C 269 -50.39 1.08 -9.26
N ASP C 270 -51.06 0.65 -10.33
CA ASP C 270 -52.48 0.23 -10.28
C ASP C 270 -52.63 -1.00 -9.39
N LEU C 271 -51.66 -1.93 -9.41
CA LEU C 271 -51.76 -3.17 -8.59
C LEU C 271 -51.67 -2.81 -7.10
N ILE C 272 -50.81 -1.87 -6.74
CA ILE C 272 -50.70 -1.41 -5.31
C ILE C 272 -52.05 -0.82 -4.90
N GLN C 273 -52.62 0.06 -5.71
CA GLN C 273 -53.91 0.75 -5.40
C GLN C 273 -55.01 -0.29 -5.19
N VAL C 274 -55.09 -1.31 -6.04
CA VAL C 274 -56.16 -2.35 -5.88
C VAL C 274 -55.87 -3.16 -4.60
N MET C 275 -54.61 -3.52 -4.35
CA MET C 275 -54.28 -4.31 -3.13
C MET C 275 -54.57 -3.45 -1.89
N THR C 276 -54.35 -2.14 -2.00
CA THR C 276 -54.62 -1.20 -0.88
C THR C 276 -56.12 -1.25 -0.55
N GLU C 277 -56.97 -1.21 -1.57
CA GLU C 277 -58.45 -1.25 -1.36
C GLU C 277 -58.80 -2.56 -0.67
N HIS C 278 -58.22 -3.68 -1.07
CA HIS C 278 -58.54 -4.99 -0.44
C HIS C 278 -58.01 -5.00 1.00
N GLN C 279 -56.85 -4.39 1.23
CA GLN C 279 -56.22 -4.44 2.58
C GLN C 279 -57.07 -3.62 3.56
N ILE C 280 -57.52 -2.46 3.13
CA ILE C 280 -58.48 -1.62 3.92
C ILE C 280 -59.73 -2.44 4.23
N ALA C 281 -60.35 -3.09 3.24
CA ALA C 281 -61.58 -3.90 3.47
C ALA C 281 -61.28 -5.04 4.44
N LEU C 282 -60.12 -5.69 4.33
CA LEU C 282 -59.80 -6.82 5.26
C LEU C 282 -59.63 -6.29 6.67
N GLY C 283 -59.04 -5.10 6.80
CA GLY C 283 -58.89 -4.41 8.10
C GLY C 283 -60.24 -4.14 8.74
N LYS C 284 -61.22 -3.73 7.92
CA LYS C 284 -62.56 -3.36 8.42
C LYS C 284 -63.43 -4.59 8.69
N ALA C 285 -62.96 -5.79 8.39
CA ALA C 285 -63.74 -7.03 8.59
C ALA C 285 -63.39 -7.68 9.93
N LEU C 286 -62.42 -7.17 10.67
CA LEU C 286 -62.16 -7.67 12.05
C LEU C 286 -63.42 -7.40 12.89
N LYS C 287 -63.91 -8.39 13.61
CA LYS C 287 -65.21 -8.31 14.31
C LYS C 287 -65.23 -9.28 15.47
N PRO C 288 -65.64 -8.86 16.68
CA PRO C 288 -65.75 -9.80 17.80
C PRO C 288 -66.65 -10.99 17.40
N GLY C 289 -66.22 -12.20 17.78
CA GLY C 289 -66.98 -13.44 17.55
C GLY C 289 -66.57 -14.15 16.26
N LEU C 290 -65.69 -13.57 15.46
CA LEU C 290 -65.19 -14.18 14.20
C LEU C 290 -63.85 -14.84 14.43
N LEU C 291 -63.63 -16.02 13.82
CA LEU C 291 -62.31 -16.70 13.85
C LEU C 291 -61.40 -15.96 12.87
N TYR C 292 -60.17 -15.67 13.29
CA TYR C 292 -59.24 -14.87 12.44
C TYR C 292 -58.99 -15.62 11.12
N GLY C 293 -58.94 -16.95 11.18
CA GLY C 293 -58.75 -17.82 10.01
C GLY C 293 -59.74 -17.53 8.90
N GLU C 294 -60.95 -17.05 9.23
CA GLU C 294 -61.97 -16.69 8.21
C GLU C 294 -61.48 -15.47 7.42
N LEU C 295 -60.75 -14.53 8.05
CA LEU C 295 -60.26 -13.34 7.30
C LEU C 295 -59.12 -13.79 6.37
N HIS C 296 -58.30 -14.76 6.81
CA HIS C 296 -57.21 -15.32 5.96
C HIS C 296 -57.82 -15.92 4.69
N LEU C 297 -58.94 -16.64 4.82
CA LEU C 297 -59.68 -17.21 3.65
C LEU C 297 -60.21 -16.09 2.78
N GLU C 298 -60.77 -15.05 3.40
CA GLU C 298 -61.27 -13.92 2.58
C GLU C 298 -60.11 -13.30 1.81
N CYS C 299 -58.94 -13.22 2.43
CA CYS C 299 -57.73 -12.64 1.78
C CYS C 299 -57.36 -13.44 0.53
N HIS C 300 -57.39 -14.76 0.62
CA HIS C 300 -57.11 -15.64 -0.57
C HIS C 300 -58.13 -15.33 -1.66
N GLN C 301 -59.39 -15.09 -1.31
CA GLN C 301 -60.45 -14.81 -2.31
C GLN C 301 -60.09 -13.51 -3.02
N ARG C 302 -59.64 -12.52 -2.26
CA ARG C 302 -59.42 -11.17 -2.84
C ARG C 302 -58.16 -11.21 -3.71
N VAL C 303 -57.14 -11.93 -3.28
CA VAL C 303 -55.91 -12.08 -4.09
C VAL C 303 -56.27 -12.76 -5.42
N ALA C 304 -57.12 -13.79 -5.40
CA ALA C 304 -57.60 -14.45 -6.64
C ALA C 304 -58.24 -13.41 -7.55
N GLN C 305 -59.04 -12.53 -6.99
CA GLN C 305 -59.78 -11.51 -7.79
C GLN C 305 -58.75 -10.60 -8.46
N VAL C 306 -57.67 -10.26 -7.73
CA VAL C 306 -56.59 -9.39 -8.29
C VAL C 306 -55.86 -10.12 -9.41
N LEU C 307 -55.51 -11.38 -9.18
CA LEU C 307 -54.73 -12.17 -10.14
C LEU C 307 -55.54 -12.27 -11.44
N SER C 308 -56.85 -12.54 -11.32
CA SER C 308 -57.76 -12.68 -12.47
C SER C 308 -57.91 -11.34 -13.19
N ASP C 309 -58.22 -10.28 -12.43
CA ASP C 309 -58.53 -8.95 -12.99
C ASP C 309 -57.34 -8.38 -13.73
N PHE C 310 -56.10 -8.62 -13.27
CA PHE C 310 -54.88 -8.06 -13.89
C PHE C 310 -54.33 -8.97 -15.00
N ASN C 311 -55.02 -10.09 -15.28
CA ASN C 311 -54.64 -11.03 -16.35
C ASN C 311 -53.26 -11.64 -16.03
N ILE C 312 -53.01 -11.91 -14.74
CA ILE C 312 -51.81 -12.66 -14.30
C ILE C 312 -52.11 -14.15 -14.37
N VAL C 313 -53.31 -14.53 -13.97
CA VAL C 313 -53.81 -15.93 -14.11
C VAL C 313 -55.08 -15.83 -14.98
N LYS C 314 -55.13 -16.63 -16.05
CA LYS C 314 -56.20 -16.55 -17.08
C LYS C 314 -57.34 -17.48 -16.68
N LEU C 315 -57.80 -17.32 -15.44
CA LEU C 315 -58.93 -18.07 -14.87
C LEU C 315 -59.85 -17.03 -14.24
N PRO C 316 -61.18 -17.34 -14.03
CA PRO C 316 -62.03 -16.67 -13.04
C PRO C 316 -61.51 -16.86 -11.59
N ALA C 317 -61.76 -15.86 -10.73
CA ALA C 317 -61.27 -15.86 -9.33
C ALA C 317 -61.59 -17.18 -8.64
N ALA C 318 -62.82 -17.69 -8.78
CA ALA C 318 -63.26 -18.88 -8.00
C ALA C 318 -62.34 -20.09 -8.33
N ASP C 319 -61.94 -20.23 -9.59
CA ASP C 319 -61.09 -21.37 -10.08
C ASP C 319 -59.68 -21.23 -9.55
N ILE C 320 -59.17 -20.01 -9.46
CA ILE C 320 -57.82 -19.72 -8.90
C ILE C 320 -57.79 -20.18 -7.44
N VAL C 321 -58.86 -19.92 -6.68
CA VAL C 321 -58.96 -20.33 -5.24
C VAL C 321 -59.01 -21.85 -5.18
N GLU C 322 -59.92 -22.44 -5.97
CA GLU C 322 -60.17 -23.93 -6.01
C GLU C 322 -58.87 -24.70 -6.24
N ARG C 323 -58.06 -24.25 -7.20
CA ARG C 323 -56.83 -24.98 -7.60
C ARG C 323 -55.64 -24.67 -6.69
N GLY C 324 -55.80 -23.80 -5.68
CA GLY C 324 -54.73 -23.48 -4.71
C GLY C 324 -53.65 -22.56 -5.29
N ILE C 325 -53.89 -21.95 -6.46
CA ILE C 325 -52.89 -21.07 -7.15
C ILE C 325 -52.60 -19.84 -6.29
N THR C 326 -53.56 -19.34 -5.49
CA THR C 326 -53.35 -18.06 -4.73
C THR C 326 -52.11 -18.18 -3.82
N SER C 327 -51.79 -19.40 -3.36
CA SER C 327 -50.67 -19.64 -2.41
C SER C 327 -49.29 -19.33 -3.02
N THR C 328 -49.17 -19.45 -4.33
CA THR C 328 -47.91 -19.12 -5.04
C THR C 328 -47.64 -17.61 -4.96
N PHE C 329 -48.69 -16.80 -4.91
CA PHE C 329 -48.54 -15.32 -4.94
C PHE C 329 -48.68 -14.72 -3.55
N PHE C 330 -49.43 -15.39 -2.67
CA PHE C 330 -49.68 -14.95 -1.28
C PHE C 330 -49.40 -16.15 -0.40
N PRO C 331 -48.12 -16.37 -0.02
CA PRO C 331 -47.73 -17.62 0.61
C PRO C 331 -47.70 -17.61 2.13
N HIS C 332 -48.04 -16.49 2.78
CA HIS C 332 -47.87 -16.38 4.25
C HIS C 332 -49.21 -16.07 4.91
N GLY C 333 -49.24 -15.96 6.23
CA GLY C 333 -50.42 -15.60 7.03
C GLY C 333 -50.88 -14.18 6.77
N LEU C 334 -52.17 -13.91 6.99
CA LEU C 334 -52.77 -12.55 6.83
C LEU C 334 -52.22 -11.62 7.90
N GLY C 335 -51.86 -12.18 9.05
CA GLY C 335 -51.32 -11.36 10.13
C GLY C 335 -51.35 -12.06 11.45
N HIS C 336 -51.22 -11.30 12.52
CA HIS C 336 -51.06 -11.87 13.87
C HIS C 336 -51.46 -10.84 14.92
N HIS C 337 -51.46 -11.27 16.17
CA HIS C 337 -51.55 -10.38 17.33
C HIS C 337 -50.28 -9.53 17.41
N LEU C 338 -50.44 -8.34 17.96
CA LEU C 338 -49.38 -7.34 18.14
C LEU C 338 -49.45 -6.84 19.58
N GLY C 339 -48.31 -6.72 20.25
CA GLY C 339 -48.24 -6.20 21.62
C GLY C 339 -46.81 -5.94 22.08
N LEU C 340 -46.50 -6.44 23.28
CA LEU C 340 -45.13 -6.46 23.82
C LEU C 340 -44.18 -7.18 22.87
N GLN C 341 -44.67 -8.18 22.17
CA GLN C 341 -43.89 -8.90 21.15
C GLN C 341 -44.59 -8.68 19.82
N VAL C 342 -43.79 -8.67 18.75
CA VAL C 342 -44.21 -8.22 17.40
C VAL C 342 -45.21 -9.24 16.88
N ILE C 343 -44.84 -10.51 16.95
CA ILE C 343 -45.80 -11.64 16.79
C ILE C 343 -46.23 -12.02 18.19
N ASP C 344 -47.38 -11.48 18.62
CA ASP C 344 -47.72 -11.52 20.06
C ASP C 344 -48.21 -12.91 20.45
N MET C 345 -48.21 -13.14 21.75
CA MET C 345 -48.53 -14.44 22.38
C MET C 345 -50.03 -14.72 22.31
N GLY C 346 -50.38 -16.00 22.30
CA GLY C 346 -51.77 -16.48 22.48
C GLY C 346 -52.59 -16.45 21.20
N GLY C 347 -51.97 -16.16 20.06
CA GLY C 347 -52.66 -16.05 18.76
C GLY C 347 -53.16 -17.40 18.24
N PHE C 348 -52.67 -18.50 18.78
CA PHE C 348 -52.98 -19.87 18.30
C PHE C 348 -53.99 -20.54 19.26
N MET C 349 -54.31 -19.93 20.40
CA MET C 349 -55.01 -20.62 21.51
C MET C 349 -56.54 -20.46 21.47
N ALA C 350 -57.23 -21.54 21.87
CA ALA C 350 -58.70 -21.57 22.01
C ALA C 350 -59.06 -21.28 23.46
N ASP C 351 -58.19 -21.59 24.42
CA ASP C 351 -58.49 -21.36 25.86
C ASP C 351 -57.23 -21.20 26.69
N GLU C 352 -57.42 -20.86 27.96
CA GLU C 352 -56.38 -20.48 28.97
C GLU C 352 -55.36 -21.61 29.20
N SER C 353 -55.74 -22.85 28.96
CA SER C 353 -54.88 -24.02 29.23
C SER C 353 -53.90 -24.19 28.07
N GLY C 354 -54.20 -23.61 26.90
CA GLY C 354 -53.23 -23.56 25.77
C GLY C 354 -53.59 -24.49 24.62
N THR C 355 -54.77 -25.12 24.67
CA THR C 355 -55.33 -25.87 23.52
C THR C 355 -55.30 -25.00 22.26
N HIS C 356 -54.88 -25.58 21.14
CA HIS C 356 -54.79 -24.85 19.85
C HIS C 356 -56.18 -24.74 19.24
N GLN C 357 -56.48 -23.58 18.68
CA GLN C 357 -57.63 -23.39 17.79
C GLN C 357 -57.17 -23.82 16.40
N ALA C 358 -57.82 -24.82 15.82
CA ALA C 358 -57.42 -25.44 14.54
C ALA C 358 -57.49 -24.39 13.43
N PRO C 359 -56.52 -24.39 12.48
CA PRO C 359 -56.58 -23.48 11.33
C PRO C 359 -57.68 -23.85 10.34
N PRO C 360 -58.01 -22.98 9.36
CA PRO C 360 -58.96 -23.34 8.32
C PRO C 360 -58.45 -24.51 7.47
N GLU C 361 -59.38 -25.25 6.88
CA GLU C 361 -59.12 -26.62 6.37
C GLU C 361 -57.96 -26.58 5.35
N GLY C 362 -58.00 -25.64 4.41
CA GLY C 362 -57.02 -25.56 3.30
C GLY C 362 -55.70 -24.91 3.69
N HIS C 363 -55.57 -24.38 4.92
CA HIS C 363 -54.38 -23.60 5.37
C HIS C 363 -53.86 -24.14 6.69
N PRO C 364 -53.30 -25.37 6.72
CA PRO C 364 -52.84 -26.00 7.96
C PRO C 364 -51.66 -25.31 8.67
N PHE C 365 -50.96 -24.38 8.02
CA PHE C 365 -49.78 -23.72 8.64
C PHE C 365 -50.15 -22.35 9.24
N LEU C 366 -51.39 -21.89 9.06
CA LEU C 366 -51.81 -20.60 9.66
C LEU C 366 -51.71 -20.68 11.19
N ARG C 367 -50.99 -19.72 11.79
CA ARG C 367 -50.65 -19.74 13.24
C ARG C 367 -51.46 -18.70 14.03
N CYS C 368 -52.09 -17.74 13.34
CA CYS C 368 -53.08 -16.83 13.97
C CYS C 368 -54.51 -17.31 13.69
N THR C 369 -55.09 -18.05 14.63
CA THR C 369 -56.39 -18.75 14.44
C THR C 369 -57.47 -18.36 15.45
N ARG C 370 -57.09 -17.62 16.49
CA ARG C 370 -57.92 -17.38 17.68
C ARG C 370 -59.12 -16.51 17.35
N LEU C 371 -60.21 -16.78 18.08
CA LEU C 371 -61.46 -15.99 18.06
C LEU C 371 -61.13 -14.54 18.38
N ILE C 372 -61.58 -13.65 17.51
CA ILE C 372 -61.42 -12.18 17.71
C ILE C 372 -62.36 -11.71 18.82
N GLU C 373 -61.83 -10.90 19.72
CA GLU C 373 -62.62 -10.24 20.78
C GLU C 373 -62.12 -8.81 20.99
N LYS C 374 -62.92 -8.02 21.69
CA LYS C 374 -62.54 -6.63 21.99
C LYS C 374 -61.24 -6.56 22.80
N ASN C 375 -60.57 -5.40 22.72
CA ASN C 375 -59.29 -5.09 23.38
C ASN C 375 -58.15 -5.96 22.84
N GLN C 376 -58.33 -6.60 21.68
CA GLN C 376 -57.24 -7.32 21.00
C GLN C 376 -56.69 -6.42 19.90
N VAL C 377 -55.42 -6.64 19.54
CA VAL C 377 -54.70 -5.79 18.56
C VAL C 377 -54.07 -6.68 17.50
N PHE C 378 -54.31 -6.35 16.23
CA PHE C 378 -53.95 -7.21 15.08
C PHE C 378 -53.12 -6.47 14.04
N THR C 379 -52.33 -7.26 13.32
CA THR C 379 -51.81 -6.83 12.00
C THR C 379 -52.72 -7.43 10.95
N ILE C 380 -52.91 -6.68 9.86
CA ILE C 380 -53.59 -7.14 8.63
C ILE C 380 -52.61 -6.84 7.49
N GLU C 381 -52.10 -7.88 6.86
CA GLU C 381 -50.96 -7.69 5.94
C GLU C 381 -51.05 -8.64 4.74
N PRO C 382 -52.06 -8.45 3.87
CA PRO C 382 -52.10 -9.17 2.60
C PRO C 382 -50.87 -8.80 1.76
N GLY C 383 -50.50 -9.74 0.89
CA GLY C 383 -49.36 -9.56 -0.02
C GLY C 383 -49.66 -10.22 -1.35
N LEU C 384 -48.95 -9.76 -2.38
CA LEU C 384 -48.94 -10.41 -3.71
C LEU C 384 -47.53 -10.24 -4.28
N TYR C 385 -46.84 -11.36 -4.45
CA TYR C 385 -45.41 -11.37 -4.82
C TYR C 385 -45.19 -12.21 -6.06
N PHE C 386 -44.08 -11.92 -6.74
CA PHE C 386 -43.60 -12.66 -7.92
C PHE C 386 -42.31 -13.36 -7.50
N ILE C 387 -42.46 -14.55 -6.93
CA ILE C 387 -41.34 -15.27 -6.26
C ILE C 387 -40.86 -16.40 -7.18
N ASP C 388 -39.61 -16.32 -7.60
CA ASP C 388 -38.95 -17.24 -8.56
C ASP C 388 -39.13 -18.73 -8.17
N SER C 389 -38.80 -19.13 -6.94
CA SER C 389 -38.84 -20.57 -6.60
C SER C 389 -40.28 -21.08 -6.62
N LEU C 390 -41.26 -20.25 -6.18
CA LEU C 390 -42.68 -20.71 -6.16
C LEU C 390 -43.26 -20.69 -7.57
N LEU C 391 -42.91 -19.68 -8.39
CA LEU C 391 -43.36 -19.62 -9.81
C LEU C 391 -42.73 -20.77 -10.60
N GLY C 392 -41.51 -21.16 -10.25
CA GLY C 392 -40.85 -22.37 -10.78
C GLY C 392 -41.65 -23.62 -10.46
N ASP C 393 -42.01 -23.82 -9.19
CA ASP C 393 -42.86 -24.98 -8.75
C ASP C 393 -44.19 -24.97 -9.52
N LEU C 394 -44.82 -23.82 -9.62
CA LEU C 394 -46.13 -23.69 -10.32
C LEU C 394 -45.99 -24.09 -11.79
N ALA C 395 -44.92 -23.66 -12.45
CA ALA C 395 -44.62 -24.00 -13.87
C ALA C 395 -44.50 -25.53 -14.06
N GLN C 396 -44.31 -26.30 -12.98
CA GLN C 396 -44.16 -27.78 -13.06
C GLN C 396 -45.43 -28.55 -12.66
N THR C 397 -46.54 -27.84 -12.45
CA THR C 397 -47.86 -28.47 -12.17
C THR C 397 -48.72 -28.31 -13.42
N ASP C 398 -49.91 -28.93 -13.40
CA ASP C 398 -50.82 -28.86 -14.57
C ASP C 398 -51.56 -27.50 -14.58
N ASN C 399 -51.22 -26.60 -13.64
CA ASN C 399 -51.74 -25.20 -13.65
C ASN C 399 -50.88 -24.30 -14.55
N LYS C 400 -49.72 -24.79 -15.02
CA LYS C 400 -48.77 -23.99 -15.83
C LYS C 400 -49.48 -23.24 -16.96
N GLN C 401 -50.38 -23.93 -17.69
CA GLN C 401 -51.09 -23.39 -18.88
C GLN C 401 -51.95 -22.18 -18.54
N PHE C 402 -52.30 -22.00 -17.26
CA PHE C 402 -53.26 -20.92 -16.85
C PHE C 402 -52.53 -19.64 -16.43
N ILE C 403 -51.20 -19.70 -16.33
CA ILE C 403 -50.39 -18.54 -15.86
C ILE C 403 -50.01 -17.74 -17.09
N ASN C 404 -50.21 -16.43 -17.04
CA ASN C 404 -49.74 -15.49 -18.10
C ASN C 404 -48.27 -15.19 -17.83
N TRP C 405 -47.37 -16.03 -18.33
CA TRP C 405 -45.90 -15.95 -18.02
C TRP C 405 -45.33 -14.63 -18.53
N GLU C 406 -45.83 -14.15 -19.67
CA GLU C 406 -45.41 -12.84 -20.24
C GLU C 406 -45.65 -11.73 -19.21
N LYS C 407 -46.86 -11.66 -18.64
CA LYS C 407 -47.27 -10.62 -17.67
C LYS C 407 -46.48 -10.77 -16.37
N VAL C 408 -46.29 -12.00 -15.90
CA VAL C 408 -45.42 -12.31 -14.73
C VAL C 408 -44.02 -11.73 -14.99
N GLU C 409 -43.48 -11.89 -16.20
CA GLU C 409 -42.12 -11.38 -16.55
C GLU C 409 -42.07 -9.86 -16.41
N GLU C 410 -43.11 -9.15 -16.84
CA GLU C 410 -43.19 -7.65 -16.74
C GLU C 410 -43.26 -7.19 -15.28
N PHE C 411 -43.76 -8.02 -14.35
CA PHE C 411 -43.90 -7.68 -12.90
C PHE C 411 -42.64 -8.04 -12.08
N LYS C 412 -41.83 -8.98 -12.55
CA LYS C 412 -40.67 -9.49 -11.75
C LYS C 412 -39.74 -8.37 -11.27
N PRO C 413 -39.36 -7.39 -12.12
CA PRO C 413 -38.52 -6.28 -11.67
C PRO C 413 -39.09 -5.48 -10.48
N PHE C 414 -40.42 -5.56 -10.27
CA PHE C 414 -41.12 -4.81 -9.20
C PHE C 414 -41.21 -5.67 -7.92
N GLY C 415 -40.94 -6.97 -8.02
CA GLY C 415 -40.81 -7.87 -6.87
C GLY C 415 -42.15 -8.29 -6.32
N GLY C 416 -42.83 -7.37 -5.65
CA GLY C 416 -44.09 -7.70 -4.95
C GLY C 416 -44.60 -6.59 -4.07
N ILE C 417 -45.68 -6.90 -3.35
CA ILE C 417 -46.50 -5.90 -2.61
C ILE C 417 -46.89 -6.48 -1.28
N ARG C 418 -46.70 -5.70 -0.22
CA ARG C 418 -47.36 -5.98 1.06
C ARG C 418 -47.78 -4.66 1.66
N ILE C 419 -48.97 -4.68 2.25
CA ILE C 419 -49.55 -3.48 2.93
C ILE C 419 -50.06 -3.93 4.29
N GLU C 420 -49.53 -3.31 5.34
CA GLU C 420 -49.80 -3.79 6.70
C GLU C 420 -50.19 -2.62 7.59
N ASP C 421 -51.32 -2.81 8.30
CA ASP C 421 -51.85 -1.87 9.30
C ASP C 421 -51.93 -2.57 10.66
N ASN C 422 -52.02 -1.77 11.70
CA ASN C 422 -52.15 -2.25 13.09
C ASN C 422 -53.48 -1.71 13.62
N ILE C 423 -54.33 -2.62 14.03
CA ILE C 423 -55.76 -2.30 14.30
C ILE C 423 -56.15 -2.82 15.66
N ILE C 424 -56.74 -1.93 16.45
CA ILE C 424 -57.35 -2.31 17.75
C ILE C 424 -58.82 -2.66 17.51
N VAL C 425 -59.26 -3.76 18.06
CA VAL C 425 -60.70 -4.15 18.07
C VAL C 425 -61.34 -3.67 19.36
N HIS C 426 -62.32 -2.77 19.26
CA HIS C 426 -63.16 -2.35 20.41
C HIS C 426 -64.50 -3.08 20.32
N GLU C 427 -65.35 -2.88 21.32
CA GLU C 427 -66.67 -3.56 21.38
C GLU C 427 -67.53 -3.19 20.16
N ASP C 428 -67.50 -1.92 19.77
CA ASP C 428 -68.44 -1.40 18.75
C ASP C 428 -67.72 -0.62 17.68
N SER C 429 -66.40 -0.76 17.57
CA SER C 429 -65.66 -0.08 16.50
C SER C 429 -64.31 -0.75 16.31
N LEU C 430 -63.63 -0.34 15.26
CA LEU C 430 -62.23 -0.67 14.97
C LEU C 430 -61.46 0.62 15.00
N GLU C 431 -60.24 0.56 15.53
CA GLU C 431 -59.33 1.70 15.52
C GLU C 431 -58.08 1.25 14.75
N ASN C 432 -58.01 1.68 13.49
CA ASN C 432 -56.82 1.52 12.63
C ASN C 432 -55.80 2.59 13.03
N MET C 433 -54.88 2.23 13.93
CA MET C 433 -53.88 3.16 14.51
C MET C 433 -53.06 3.74 13.39
N THR C 434 -52.72 2.90 12.41
CA THR C 434 -51.83 3.28 11.29
C THR C 434 -52.50 4.30 10.38
N ARG C 435 -53.76 4.06 9.98
CA ARG C 435 -54.46 4.99 9.05
C ARG C 435 -55.06 6.19 9.79
N ASP C 436 -55.30 6.11 11.10
CA ASP C 436 -55.70 7.30 11.90
C ASP C 436 -54.59 8.35 11.86
N LEU C 437 -53.34 7.95 11.61
CA LEU C 437 -52.18 8.89 11.63
C LEU C 437 -51.90 9.51 10.25
N HIS C 438 -52.76 9.30 9.25
CA HIS C 438 -52.67 10.05 7.97
C HIS C 438 -51.25 9.84 7.37
N LEU C 439 -50.73 8.60 7.42
CA LEU C 439 -49.52 8.17 6.65
C LEU C 439 -49.89 8.13 5.16
N ASP C 440 -51.14 7.67 4.91
CA ASP C 440 -51.66 6.99 3.69
C ASP C 440 -51.37 5.48 3.80
N ASP D 2 -5.81 -9.02 -8.76
CA ASP D 2 -6.36 -8.15 -7.68
C ASP D 2 -5.49 -8.20 -6.41
N LYS D 3 -5.13 -7.05 -5.86
CA LYS D 3 -4.17 -6.93 -4.73
C LYS D 3 -4.53 -7.82 -3.55
N LEU D 4 -5.70 -7.63 -2.98
CA LEU D 4 -6.15 -8.42 -1.81
C LEU D 4 -6.20 -9.91 -2.15
N ALA D 5 -6.66 -10.26 -3.34
CA ALA D 5 -6.75 -11.67 -3.78
C ALA D 5 -5.35 -12.31 -3.89
N VAL D 6 -4.37 -11.59 -4.42
CA VAL D 6 -2.99 -12.13 -4.51
C VAL D 6 -2.44 -12.43 -3.11
N LEU D 7 -2.67 -11.52 -2.16
CA LEU D 7 -2.15 -11.67 -0.76
C LEU D 7 -2.83 -12.83 -0.02
N TYR D 8 -4.09 -13.10 -0.36
CA TYR D 8 -4.90 -14.12 0.33
C TYR D 8 -4.28 -15.50 0.20
N ALA D 9 -3.63 -15.78 -0.93
CA ALA D 9 -3.04 -17.11 -1.21
C ALA D 9 -2.06 -17.44 -0.09
N GLU D 10 -1.23 -16.47 0.26
CA GLU D 10 -0.18 -16.64 1.31
C GLU D 10 -0.81 -16.63 2.71
N HIS D 11 -1.94 -15.96 2.89
CA HIS D 11 -2.78 -16.05 4.13
C HIS D 11 -3.24 -17.50 4.34
N ILE D 12 -3.82 -18.10 3.33
CA ILE D 12 -4.21 -19.54 3.43
C ILE D 12 -2.97 -20.38 3.74
N ALA D 13 -1.85 -20.14 3.06
CA ALA D 13 -0.66 -20.98 3.27
C ALA D 13 -0.21 -20.86 4.73
N THR D 14 -0.20 -19.65 5.25
CA THR D 14 0.19 -19.41 6.68
C THR D 14 -0.78 -20.15 7.60
N LEU D 15 -2.08 -20.04 7.36
CA LEU D 15 -3.08 -20.70 8.24
C LEU D 15 -2.98 -22.22 8.15
N GLN D 16 -2.77 -22.75 6.94
CA GLN D 16 -2.47 -24.20 6.76
C GLN D 16 -1.26 -24.58 7.62
N GLN D 17 -0.17 -23.83 7.54
CA GLN D 17 1.09 -24.16 8.29
C GLN D 17 0.83 -24.13 9.81
N ARG D 18 0.15 -23.10 10.31
CA ARG D 18 -0.25 -23.00 11.74
C ARG D 18 -1.10 -24.20 12.16
N THR D 19 -2.12 -24.55 11.39
CA THR D 19 -3.02 -25.71 11.66
C THR D 19 -2.20 -27.01 11.73
N ARG D 20 -1.34 -27.24 10.74
CA ARG D 20 -0.48 -28.44 10.67
C ARG D 20 0.36 -28.54 11.93
N THR D 21 1.05 -27.46 12.28
CA THR D 21 1.92 -27.42 13.47
C THR D 21 1.12 -27.83 14.70
N ILE D 22 -0.01 -27.17 14.99
CA ILE D 22 -0.69 -27.35 16.30
C ILE D 22 -1.41 -28.70 16.30
N THR D 23 -2.02 -29.14 15.19
CA THR D 23 -2.69 -30.47 15.14
C THR D 23 -1.65 -31.58 15.35
N GLU D 24 -0.49 -31.50 14.70
CA GLU D 24 0.59 -32.51 14.89
C GLU D 24 1.07 -32.48 16.34
N ARG D 25 1.33 -31.30 16.88
CA ARG D 25 1.77 -31.21 18.30
C ARG D 25 0.78 -31.93 19.21
N GLU D 26 -0.52 -31.76 18.98
CA GLU D 26 -1.56 -32.24 19.93
C GLU D 26 -2.12 -33.60 19.48
N GLY D 27 -1.56 -34.22 18.43
CA GLY D 27 -2.01 -35.54 17.94
C GLY D 27 -3.43 -35.51 17.42
N LEU D 28 -3.84 -34.40 16.82
CA LEU D 28 -5.22 -34.27 16.25
C LEU D 28 -5.16 -34.54 14.77
N GLU D 29 -6.23 -35.08 14.22
CA GLU D 29 -6.37 -35.28 12.77
C GLU D 29 -6.84 -33.99 12.11
N GLY D 30 -7.45 -33.07 12.87
CA GLY D 30 -7.84 -31.76 12.34
C GLY D 30 -8.69 -30.94 13.29
N LEU D 31 -9.06 -29.75 12.82
CA LEU D 31 -9.96 -28.81 13.51
C LEU D 31 -11.24 -28.75 12.69
N VAL D 32 -12.36 -28.67 13.38
CA VAL D 32 -13.67 -28.39 12.75
C VAL D 32 -14.13 -27.07 13.37
N ILE D 33 -14.18 -26.02 12.55
CA ILE D 33 -14.38 -24.63 13.04
C ILE D 33 -15.76 -24.18 12.60
N HIS D 34 -16.59 -23.85 13.59
CA HIS D 34 -18.03 -23.60 13.42
C HIS D 34 -18.29 -22.09 13.41
N SER D 35 -18.92 -21.58 12.36
CA SER D 35 -19.15 -20.12 12.22
C SER D 35 -20.08 -19.64 13.35
N GLY D 36 -20.98 -20.52 13.81
CA GLY D 36 -21.90 -20.22 14.90
C GLY D 36 -23.34 -20.35 14.44
N GLN D 37 -24.25 -19.78 15.22
CA GLN D 37 -25.72 -19.88 14.98
C GLN D 37 -26.35 -18.55 15.34
N ALA D 38 -27.53 -18.32 14.80
CA ALA D 38 -28.41 -17.20 15.19
C ALA D 38 -29.02 -17.59 16.54
N LYS D 39 -28.95 -16.68 17.50
CA LYS D 39 -29.57 -16.88 18.82
C LYS D 39 -30.99 -16.32 18.80
N ARG D 40 -31.95 -17.17 19.12
CA ARG D 40 -33.37 -16.78 19.19
C ARG D 40 -33.64 -16.08 20.52
N GLN D 41 -34.44 -15.03 20.49
CA GLN D 41 -34.82 -14.32 21.73
C GLN D 41 -35.82 -15.18 22.53
N PHE D 42 -35.68 -15.15 23.83
CA PHE D 42 -36.58 -15.84 24.79
C PHE D 42 -38.05 -15.56 24.48
N LEU D 43 -38.82 -16.64 24.40
CA LEU D 43 -40.30 -16.68 24.17
C LEU D 43 -40.68 -16.03 22.84
N ASP D 44 -39.74 -15.88 21.89
CA ASP D 44 -39.95 -14.99 20.72
C ASP D 44 -39.50 -15.68 19.43
N TRP D 45 -39.87 -15.11 18.29
CA TRP D 45 -39.42 -15.65 16.97
C TRP D 45 -38.29 -14.81 16.39
N MET D 46 -37.98 -13.67 16.98
CA MET D 46 -36.87 -12.81 16.48
C MET D 46 -35.54 -13.34 16.98
N TYR D 47 -34.48 -12.98 16.27
CA TYR D 47 -33.08 -13.38 16.57
C TYR D 47 -32.28 -12.17 17.02
N TYR D 48 -31.25 -12.42 17.83
CA TYR D 48 -30.16 -11.45 18.04
C TYR D 48 -29.43 -11.27 16.71
N PRO D 49 -28.76 -10.13 16.49
CA PRO D 49 -27.79 -10.00 15.41
C PRO D 49 -26.72 -11.11 15.46
N PHE D 50 -26.42 -11.68 14.31
CA PHE D 50 -25.45 -12.79 14.19
C PHE D 50 -24.02 -12.25 14.36
N LYS D 51 -23.23 -12.91 15.18
CA LYS D 51 -21.80 -12.57 15.40
C LYS D 51 -20.97 -13.81 15.14
N VAL D 52 -20.18 -13.77 14.09
CA VAL D 52 -19.36 -14.92 13.63
C VAL D 52 -18.30 -15.26 14.68
N ASN D 53 -18.07 -16.54 14.87
CA ASN D 53 -16.90 -17.11 15.59
C ASN D 53 -15.60 -16.51 15.02
N PRO D 54 -14.80 -15.77 15.82
CA PRO D 54 -13.56 -15.19 15.30
C PRO D 54 -12.62 -16.22 14.67
N GLN D 55 -12.67 -17.47 15.16
CA GLN D 55 -11.79 -18.55 14.65
C GLN D 55 -12.23 -18.93 13.23
N PHE D 56 -13.49 -18.70 12.90
CA PHE D 56 -14.03 -19.02 11.56
C PHE D 56 -13.62 -17.93 10.56
N LYS D 57 -13.85 -16.66 10.89
CA LYS D 57 -13.53 -15.55 9.95
C LYS D 57 -12.01 -15.33 9.85
N ALA D 58 -11.23 -15.92 10.75
CA ALA D 58 -9.76 -15.94 10.65
C ALA D 58 -9.34 -16.53 9.29
N TRP D 59 -10.16 -17.44 8.74
CA TRP D 59 -9.86 -18.17 7.48
C TRP D 59 -10.38 -17.45 6.24
N LEU D 60 -11.54 -16.82 6.32
CA LEU D 60 -12.18 -16.22 5.12
C LEU D 60 -13.16 -15.13 5.53
N PRO D 61 -13.42 -14.14 4.64
CA PRO D 61 -14.31 -13.03 4.97
C PRO D 61 -15.79 -13.41 4.78
N VAL D 62 -16.24 -14.43 5.49
CA VAL D 62 -17.67 -14.81 5.57
C VAL D 62 -18.07 -14.57 7.02
N ILE D 63 -18.76 -13.47 7.28
CA ILE D 63 -19.03 -13.01 8.67
C ILE D 63 -20.54 -12.92 8.93
N ASP D 64 -21.37 -13.10 7.93
CA ASP D 64 -22.84 -12.94 8.07
C ASP D 64 -23.58 -14.28 7.84
N ASN D 65 -22.89 -15.42 7.92
CA ASN D 65 -23.49 -16.72 7.55
C ASN D 65 -23.35 -17.71 8.71
N PRO D 66 -24.44 -18.01 9.42
CA PRO D 66 -24.40 -19.08 10.43
C PRO D 66 -24.35 -20.45 9.78
N HIS D 67 -24.09 -21.50 10.58
CA HIS D 67 -24.21 -22.94 10.19
C HIS D 67 -23.16 -23.29 9.12
N CYS D 68 -22.06 -22.55 9.09
CA CYS D 68 -20.91 -22.88 8.23
C CYS D 68 -19.85 -23.59 9.06
N TRP D 69 -19.14 -24.52 8.43
CA TRP D 69 -18.07 -25.30 9.08
C TRP D 69 -16.84 -25.36 8.18
N ILE D 70 -15.68 -25.14 8.78
CA ILE D 70 -14.37 -25.36 8.12
C ILE D 70 -13.78 -26.61 8.71
N VAL D 71 -13.29 -27.50 7.85
CA VAL D 71 -12.57 -28.73 8.27
C VAL D 71 -11.17 -28.64 7.67
N VAL D 72 -10.16 -28.57 8.54
CA VAL D 72 -8.75 -28.28 8.14
C VAL D 72 -7.82 -29.19 8.94
N ASP D 73 -6.75 -29.64 8.29
CA ASP D 73 -5.67 -30.39 8.97
C ASP D 73 -4.32 -29.80 8.61
N GLY D 74 -4.30 -28.83 7.71
CA GLY D 74 -3.07 -28.13 7.33
C GLY D 74 -2.28 -28.89 6.27
N ALA D 75 -2.82 -29.95 5.66
CA ALA D 75 -2.16 -30.65 4.53
C ALA D 75 -3.11 -30.76 3.33
N SER D 76 -4.33 -31.24 3.54
CA SER D 76 -5.28 -31.30 2.41
C SER D 76 -5.94 -29.94 2.24
N LYS D 77 -6.62 -29.79 1.13
CA LYS D 77 -7.28 -28.54 0.80
C LYS D 77 -8.37 -28.26 1.84
N PRO D 78 -8.47 -27.03 2.39
CA PRO D 78 -9.49 -26.73 3.40
C PRO D 78 -10.89 -27.07 2.87
N LYS D 79 -11.71 -27.69 3.72
CA LYS D 79 -13.12 -27.98 3.39
C LYS D 79 -14.01 -26.90 4.02
N LEU D 80 -14.95 -26.39 3.23
CA LEU D 80 -15.96 -25.45 3.72
C LEU D 80 -17.35 -26.04 3.48
N ILE D 81 -18.07 -26.24 4.58
CA ILE D 81 -19.53 -26.50 4.52
C ILE D 81 -20.20 -25.14 4.59
N PHE D 82 -20.87 -24.75 3.50
CA PHE D 82 -21.41 -23.38 3.32
C PHE D 82 -22.94 -23.46 3.38
N TYR D 83 -23.51 -22.75 4.34
CA TYR D 83 -24.97 -22.73 4.57
C TYR D 83 -25.62 -21.91 3.45
N ARG D 84 -26.46 -22.55 2.66
CA ARG D 84 -27.17 -21.90 1.53
C ARG D 84 -28.61 -22.45 1.48
N PRO D 85 -29.55 -21.89 2.32
CA PRO D 85 -30.98 -22.23 2.44
C PRO D 85 -31.55 -21.98 1.04
N VAL D 86 -32.41 -22.88 0.58
CA VAL D 86 -33.27 -22.74 -0.63
C VAL D 86 -34.68 -22.54 -0.10
N ASP D 87 -35.08 -21.29 0.12
CA ASP D 87 -36.40 -20.97 0.70
C ASP D 87 -36.82 -19.67 0.05
N PHE D 88 -38.12 -19.52 -0.23
CA PHE D 88 -38.65 -18.34 -0.95
C PHE D 88 -38.46 -17.07 -0.10
N TRP D 89 -38.47 -17.19 1.24
CA TRP D 89 -38.43 -16.04 2.20
C TRP D 89 -37.00 -15.47 2.33
N HIS D 90 -35.98 -16.23 1.93
CA HIS D 90 -34.53 -15.88 1.98
C HIS D 90 -34.05 -15.43 0.60
N LYS D 91 -33.15 -14.46 0.54
CA LYS D 91 -32.27 -14.24 -0.65
C LYS D 91 -31.32 -15.43 -0.74
N VAL D 92 -31.47 -16.26 -1.78
CA VAL D 92 -30.71 -17.54 -1.97
C VAL D 92 -29.30 -17.13 -2.40
N PRO D 93 -28.26 -17.29 -1.53
CA PRO D 93 -26.96 -16.64 -1.72
C PRO D 93 -26.42 -16.51 -3.15
N ASP D 94 -26.55 -17.56 -3.98
CA ASP D 94 -25.88 -17.62 -5.32
C ASP D 94 -24.47 -18.22 -5.10
N PRO D 96 -20.94 -19.35 -3.85
CA PRO D 96 -19.78 -18.52 -3.58
C PRO D 96 -18.77 -18.54 -4.74
N ARG D 97 -18.45 -17.35 -5.27
CA ARG D 97 -17.54 -17.14 -6.43
C ARG D 97 -16.60 -15.94 -6.18
N ASP D 98 -16.44 -15.53 -4.92
CA ASP D 98 -15.53 -14.41 -4.54
C ASP D 98 -14.09 -14.92 -4.65
N PHE D 99 -13.10 -14.06 -4.43
CA PHE D 99 -11.67 -14.43 -4.56
C PHE D 99 -11.31 -15.63 -3.68
N TRP D 100 -11.99 -15.84 -2.54
CA TRP D 100 -11.59 -16.91 -1.58
C TRP D 100 -12.11 -18.29 -1.99
N ALA D 101 -13.07 -18.39 -2.91
CA ALA D 101 -13.83 -19.64 -3.16
C ALA D 101 -12.89 -20.75 -3.66
N GLU D 102 -11.95 -20.45 -4.53
CA GLU D 102 -11.06 -21.46 -5.15
C GLU D 102 -10.08 -22.05 -4.13
N TYR D 103 -9.98 -21.49 -2.92
CA TYR D 103 -9.08 -22.03 -1.87
C TYR D 103 -9.74 -23.11 -1.02
N PHE D 104 -11.02 -23.37 -1.18
CA PHE D 104 -11.81 -24.33 -0.37
C PHE D 104 -12.51 -25.36 -1.29
N ASP D 105 -12.55 -26.62 -0.86
CA ASP D 105 -13.55 -27.60 -1.36
C ASP D 105 -14.88 -27.30 -0.66
N ILE D 106 -15.83 -26.77 -1.42
CA ILE D 106 -17.11 -26.22 -0.88
C ILE D 106 -18.24 -27.21 -1.07
N GLU D 107 -18.93 -27.57 0.02
CA GLU D 107 -20.18 -28.35 -0.04
C GLU D 107 -21.31 -27.49 0.52
N LEU D 108 -22.39 -27.42 -0.23
CA LEU D 108 -23.57 -26.60 0.11
C LEU D 108 -24.39 -27.36 1.16
N LEU D 109 -24.89 -26.63 2.16
CA LEU D 109 -25.73 -27.21 3.23
C LEU D 109 -27.06 -26.46 3.19
N VAL D 110 -28.14 -27.20 2.97
CA VAL D 110 -29.48 -26.57 2.72
C VAL D 110 -30.20 -26.45 4.06
N GLN D 111 -29.91 -27.34 4.99
CA GLN D 111 -30.60 -27.35 6.29
C GLN D 111 -29.57 -27.54 7.39
N PRO D 112 -29.57 -26.65 8.42
CA PRO D 112 -28.56 -26.70 9.47
C PRO D 112 -28.38 -28.08 10.11
N ASP D 113 -29.47 -28.80 10.38
CA ASP D 113 -29.40 -30.05 11.17
C ASP D 113 -28.94 -31.25 10.32
N GLN D 114 -28.72 -31.07 9.01
CA GLN D 114 -28.24 -32.16 8.11
C GLN D 114 -26.71 -32.11 7.94
N VAL D 115 -26.00 -31.41 8.81
CA VAL D 115 -24.53 -31.23 8.70
C VAL D 115 -23.80 -32.54 9.02
N GLU D 116 -24.37 -33.40 9.87
CA GLU D 116 -23.70 -34.66 10.33
C GLU D 116 -23.21 -35.47 9.12
N LYS D 117 -23.97 -35.50 8.03
CA LYS D 117 -23.62 -36.25 6.80
C LYS D 117 -22.28 -35.77 6.25
N LEU D 118 -21.93 -34.49 6.44
CA LEU D 118 -20.80 -33.83 5.71
C LEU D 118 -19.56 -33.73 6.60
N LEU D 119 -19.65 -34.12 7.87
CA LEU D 119 -18.49 -34.03 8.78
C LEU D 119 -17.74 -35.35 8.80
N PRO D 120 -16.49 -35.40 9.30
CA PRO D 120 -15.75 -36.65 9.39
C PRO D 120 -16.55 -37.70 10.15
N TYR D 121 -16.55 -38.93 9.65
CA TYR D 121 -17.32 -40.04 10.26
C TYR D 121 -16.78 -40.29 11.66
N ASP D 122 -15.48 -40.49 11.79
CA ASP D 122 -14.84 -40.73 13.12
C ASP D 122 -14.22 -39.42 13.61
N LYS D 123 -14.74 -38.91 14.74
CA LYS D 123 -14.44 -37.56 15.29
C LYS D 123 -13.51 -37.64 16.49
N ALA D 124 -13.11 -38.83 16.90
CA ALA D 124 -12.21 -39.04 18.06
C ALA D 124 -11.06 -38.03 18.04
N ASN D 125 -10.41 -37.83 16.89
CA ASN D 125 -9.17 -37.01 16.86
C ASN D 125 -9.41 -35.62 16.23
N TYR D 126 -10.65 -35.17 16.12
CA TYR D 126 -10.98 -33.83 15.61
C TYR D 126 -11.40 -32.91 16.75
N ALA D 127 -10.86 -31.69 16.78
CA ALA D 127 -11.23 -30.68 17.79
C ALA D 127 -12.32 -29.76 17.23
N TYR D 128 -13.46 -29.69 17.92
CA TYR D 128 -14.54 -28.73 17.59
C TYR D 128 -14.08 -27.37 18.11
N ILE D 129 -14.04 -26.36 17.25
CA ILE D 129 -13.71 -24.96 17.64
C ILE D 129 -14.96 -24.13 17.42
N GLY D 130 -15.56 -23.69 18.52
CA GLY D 130 -16.83 -22.98 18.44
C GLY D 130 -17.52 -22.91 19.77
N GLU D 131 -18.65 -22.23 19.76
CA GLU D 131 -19.39 -21.86 20.99
C GLU D 131 -20.41 -22.93 21.35
N TYR D 132 -20.84 -23.76 20.38
CA TYR D 132 -22.05 -24.61 20.58
C TYR D 132 -21.68 -26.01 21.03
N LEU D 133 -21.31 -26.12 22.32
CA LEU D 133 -20.75 -27.34 22.93
C LEU D 133 -21.74 -28.50 22.88
N GLU D 134 -23.01 -28.21 23.12
CA GLU D 134 -24.12 -29.20 23.18
C GLU D 134 -24.36 -29.71 21.76
N VAL D 135 -24.38 -28.83 20.77
CA VAL D 135 -24.49 -29.23 19.34
C VAL D 135 -23.29 -30.13 18.97
N ALA D 136 -22.07 -29.73 19.34
CA ALA D 136 -20.85 -30.49 19.02
C ALA D 136 -20.96 -31.90 19.64
N GLN D 137 -21.36 -31.98 20.92
CA GLN D 137 -21.50 -33.28 21.63
C GLN D 137 -22.53 -34.15 20.91
N ALA D 138 -23.65 -33.57 20.47
CA ALA D 138 -24.72 -34.33 19.79
C ALA D 138 -24.18 -34.83 18.46
N LEU D 139 -23.23 -34.11 17.86
CA LEU D 139 -22.65 -34.53 16.55
C LEU D 139 -21.62 -35.64 16.76
N GLY D 140 -21.14 -35.86 17.99
CA GLY D 140 -20.17 -36.91 18.31
C GLY D 140 -18.78 -36.37 18.59
N PHE D 141 -18.61 -35.05 18.76
CA PHE D 141 -17.29 -34.48 19.14
C PHE D 141 -17.08 -34.66 20.63
N SER D 142 -15.85 -34.96 21.04
CA SER D 142 -15.47 -35.09 22.46
C SER D 142 -14.40 -34.07 22.85
N ILE D 143 -13.67 -33.54 21.87
CA ILE D 143 -12.64 -32.49 22.09
C ILE D 143 -13.22 -31.18 21.61
N MET D 144 -13.28 -30.19 22.50
CA MET D 144 -13.92 -28.87 22.23
C MET D 144 -13.04 -27.75 22.78
N ASN D 145 -12.65 -26.83 21.91
CA ASN D 145 -11.82 -25.66 22.29
C ASN D 145 -10.68 -26.09 23.23
N PRO D 146 -9.84 -27.09 22.85
CA PRO D 146 -8.74 -27.52 23.71
C PRO D 146 -7.74 -26.38 23.94
N GLU D 147 -7.35 -26.17 25.18
CA GLU D 147 -6.62 -24.93 25.57
C GLU D 147 -5.30 -24.83 24.80
N PRO D 148 -4.54 -25.92 24.57
CA PRO D 148 -3.29 -25.81 23.81
C PRO D 148 -3.51 -25.26 22.39
N VAL D 149 -4.56 -25.70 21.69
CA VAL D 149 -4.91 -25.20 20.33
C VAL D 149 -5.31 -23.71 20.38
N MET D 150 -6.22 -23.36 21.29
CA MET D 150 -6.70 -21.98 21.42
C MET D 150 -5.54 -21.05 21.76
N ASN D 151 -4.70 -21.42 22.71
CA ASN D 151 -3.55 -20.56 23.12
C ASN D 151 -2.56 -20.40 21.96
N TYR D 152 -2.27 -21.48 21.24
CA TYR D 152 -1.36 -21.42 20.08
C TYR D 152 -1.93 -20.47 19.02
N LEU D 153 -3.16 -20.71 18.57
CA LEU D 153 -3.80 -19.84 17.54
C LEU D 153 -3.87 -18.39 18.04
N HIS D 154 -4.29 -18.18 19.29
CA HIS D 154 -4.40 -16.81 19.85
C HIS D 154 -3.03 -16.16 19.90
N PHE D 155 -1.99 -16.91 20.26
CA PHE D 155 -0.62 -16.37 20.31
C PHE D 155 -0.23 -15.87 18.92
N HIS D 156 -0.44 -16.71 17.90
CA HIS D 156 0.01 -16.40 16.53
C HIS D 156 -0.87 -15.34 15.85
N ARG D 157 -2.08 -15.06 16.37
CA ARG D 157 -3.01 -14.07 15.75
C ARG D 157 -2.38 -12.66 15.84
N ALA D 158 -1.43 -12.45 16.75
CA ALA D 158 -0.69 -11.18 16.90
C ALA D 158 0.20 -10.91 15.66
N TYR D 159 0.65 -11.94 14.93
CA TYR D 159 1.45 -11.79 13.69
C TYR D 159 0.53 -11.76 12.48
N LYS D 160 0.23 -10.58 12.00
CA LYS D 160 -0.69 -10.41 10.85
C LYS D 160 0.03 -10.81 9.57
N THR D 161 -0.63 -11.58 8.72
CA THR D 161 -0.22 -11.81 7.31
C THR D 161 -0.38 -10.51 6.53
N GLN D 162 0.18 -10.45 5.33
CA GLN D 162 0.06 -9.24 4.48
C GLN D 162 -1.41 -9.02 4.06
N TYR D 163 -2.15 -10.09 3.82
CA TYR D 163 -3.63 -10.05 3.59
C TYR D 163 -4.31 -9.30 4.76
N GLU D 164 -3.99 -9.68 6.00
CA GLU D 164 -4.63 -9.11 7.21
C GLU D 164 -4.30 -7.62 7.33
N LEU D 165 -3.05 -7.25 7.10
CA LEU D 165 -2.62 -5.84 7.20
C LEU D 165 -3.36 -5.02 6.15
N GLU D 166 -3.52 -5.56 4.93
CA GLU D 166 -4.25 -4.84 3.86
C GLU D 166 -5.73 -4.67 4.29
N CYS D 167 -6.32 -5.71 4.88
CA CYS D 167 -7.73 -5.61 5.36
C CYS D 167 -7.83 -4.51 6.42
N LEU D 168 -6.87 -4.46 7.34
CA LEU D 168 -6.86 -3.44 8.40
C LEU D 168 -6.70 -2.05 7.80
N ARG D 169 -5.91 -1.91 6.73
CA ARG D 169 -5.74 -0.58 6.09
C ARG D 169 -7.08 -0.14 5.51
N GLN D 170 -7.82 -1.07 4.92
CA GLN D 170 -9.14 -0.76 4.31
C GLN D 170 -10.14 -0.38 5.40
N ALA D 171 -10.11 -1.06 6.54
CA ALA D 171 -11.03 -0.74 7.66
C ALA D 171 -10.76 0.70 8.14
N ASN D 172 -9.49 1.04 8.31
CA ASN D 172 -9.09 2.41 8.72
C ASN D 172 -9.57 3.42 7.69
N ARG D 173 -9.37 3.13 6.41
CA ARG D 173 -9.86 4.05 5.33
C ARG D 173 -11.36 4.32 5.48
N ILE D 174 -12.15 3.29 5.74
CA ILE D 174 -13.63 3.45 5.90
C ILE D 174 -13.89 4.29 7.15
N ALA D 175 -13.28 3.93 8.28
CA ALA D 175 -13.54 4.59 9.57
C ALA D 175 -13.24 6.08 9.47
N VAL D 176 -12.15 6.44 8.78
CA VAL D 176 -11.72 7.86 8.61
C VAL D 176 -12.83 8.65 7.90
N GLU D 177 -13.49 8.08 6.91
CA GLU D 177 -14.62 8.78 6.25
C GLU D 177 -15.72 9.06 7.28
N GLY D 178 -16.00 8.09 8.14
CA GLY D 178 -16.96 8.28 9.24
C GLY D 178 -16.54 9.41 10.15
N HIS D 179 -15.29 9.38 10.60
CA HIS D 179 -14.73 10.39 11.55
C HIS D 179 -14.87 11.81 10.98
N LYS D 180 -14.65 11.99 9.67
CA LYS D 180 -14.75 13.34 9.05
C LYS D 180 -16.21 13.84 9.09
N ALA D 181 -17.17 12.97 8.75
CA ALA D 181 -18.61 13.35 8.76
C ALA D 181 -19.06 13.64 10.20
N ALA D 182 -18.61 12.86 11.17
CA ALA D 182 -18.96 13.06 12.60
C ALA D 182 -18.46 14.43 13.07
N ARG D 183 -17.18 14.69 12.86
CA ARG D 183 -16.55 15.99 13.18
C ARG D 183 -17.39 17.14 12.61
N ASP D 184 -17.67 17.09 11.33
CA ASP D 184 -18.44 18.18 10.65
C ASP D 184 -19.83 18.32 11.27
N THR D 185 -20.47 17.22 11.70
CA THR D 185 -21.81 17.28 12.30
C THR D 185 -21.69 17.92 13.68
N PHE D 186 -20.63 17.63 14.42
CA PHE D 186 -20.40 18.29 15.73
C PHE D 186 -20.27 19.80 15.56
N PHE D 187 -19.42 20.24 14.64
CA PHE D 187 -19.18 21.68 14.42
C PHE D 187 -20.43 22.37 13.85
N ASN D 188 -21.40 21.62 13.31
CA ASN D 188 -22.69 22.20 12.89
C ASN D 188 -23.72 22.20 14.03
N GLY D 189 -23.36 21.80 15.24
CA GLY D 189 -24.30 21.81 16.39
C GLY D 189 -25.16 20.55 16.51
N GLY D 190 -24.77 19.43 15.91
CA GLY D 190 -25.56 18.19 15.97
C GLY D 190 -25.53 17.58 17.36
N SER D 191 -26.55 16.78 17.65
CA SER D 191 -26.67 15.97 18.88
C SER D 191 -25.78 14.74 18.74
N GLU D 192 -25.59 14.02 19.84
CA GLU D 192 -24.89 12.73 19.85
C GLU D 192 -25.55 11.78 18.82
N PHE D 193 -26.89 11.76 18.80
CA PHE D 193 -27.63 10.84 17.91
C PHE D 193 -27.35 11.23 16.46
N ASP D 194 -27.38 12.54 16.17
CA ASP D 194 -27.12 13.04 14.81
C ASP D 194 -25.69 12.70 14.37
N ILE D 195 -24.74 12.78 15.30
CA ILE D 195 -23.32 12.55 14.96
C ILE D 195 -23.16 11.06 14.62
N GLN D 196 -23.77 10.18 15.41
CA GLN D 196 -23.66 8.71 15.23
C GLN D 196 -24.20 8.37 13.84
N HIS D 197 -25.32 8.96 13.47
CA HIS D 197 -26.03 8.57 12.23
C HIS D 197 -25.30 9.20 11.03
N ALA D 198 -24.65 10.35 11.19
CA ALA D 198 -23.72 10.88 10.15
C ALA D 198 -22.53 9.93 9.96
N TYR D 199 -22.01 9.39 11.06
CA TYR D 199 -20.88 8.43 11.00
C TYR D 199 -21.30 7.20 10.16
N LEU D 200 -22.43 6.60 10.53
CA LEU D 200 -22.93 5.38 9.84
C LEU D 200 -23.17 5.69 8.36
N MET D 201 -23.76 6.85 8.06
CA MET D 201 -24.08 7.24 6.66
C MET D 201 -22.78 7.39 5.84
N ALA D 202 -21.73 7.95 6.43
CA ALA D 202 -20.46 8.16 5.71
C ALA D 202 -19.72 6.83 5.55
N THR D 203 -19.82 5.91 6.51
CA THR D 203 -19.09 4.61 6.40
C THR D 203 -19.84 3.63 5.52
N ARG D 204 -21.12 3.88 5.28
CA ARG D 204 -22.02 2.91 4.59
C ARG D 204 -22.13 1.61 5.42
N GLN D 205 -22.05 1.69 6.74
CA GLN D 205 -22.11 0.50 7.61
C GLN D 205 -23.16 0.76 8.67
N SER D 206 -23.98 -0.21 8.95
CA SER D 206 -25.04 -0.07 9.97
C SER D 206 -24.43 -0.32 11.36
N GLU D 207 -25.20 -0.06 12.41
CA GLU D 207 -24.79 -0.16 13.83
C GLU D 207 -24.21 -1.54 14.10
N ASN D 208 -24.83 -2.59 13.58
CA ASN D 208 -24.44 -3.98 13.95
C ASN D 208 -23.29 -4.48 13.08
N GLU D 209 -22.91 -3.74 12.03
CA GLU D 209 -21.64 -4.03 11.33
C GLU D 209 -20.47 -3.34 12.03
N MET D 210 -20.70 -2.29 12.82
CA MET D 210 -19.60 -1.66 13.60
C MET D 210 -18.92 -2.76 14.42
N PRO D 211 -17.58 -2.81 14.52
CA PRO D 211 -16.92 -3.84 15.31
C PRO D 211 -17.06 -3.64 16.82
N TYR D 212 -17.55 -2.48 17.26
CA TYR D 212 -17.91 -2.26 18.69
C TYR D 212 -18.94 -1.16 18.78
N GLY D 213 -19.56 -0.99 19.94
CA GLY D 213 -20.53 0.10 20.18
C GLY D 213 -19.80 1.42 20.16
N ASN D 214 -20.08 2.28 19.20
CA ASN D 214 -19.38 3.58 19.05
C ASN D 214 -19.61 4.43 20.30
N ILE D 215 -18.62 5.19 20.69
CA ILE D 215 -18.74 6.21 21.76
C ILE D 215 -18.81 7.56 21.08
N VAL D 216 -19.95 8.19 21.26
CA VAL D 216 -20.23 9.54 20.74
C VAL D 216 -20.71 10.38 21.92
N ALA D 217 -19.83 11.26 22.38
CA ALA D 217 -20.00 11.97 23.65
C ALA D 217 -19.78 13.46 23.45
N LEU D 218 -20.68 14.25 24.02
CA LEU D 218 -20.54 15.72 24.04
C LEU D 218 -20.32 16.18 25.49
N ASN D 219 -19.49 17.22 25.66
CA ASN D 219 -19.37 17.96 26.95
C ASN D 219 -18.97 16.98 28.06
N GLU D 220 -19.74 16.92 29.17
CA GLU D 220 -19.38 16.13 30.39
C GLU D 220 -19.35 14.63 30.07
N ASN D 221 -20.03 14.19 29.01
CA ASN D 221 -20.10 12.75 28.65
C ASN D 221 -18.73 12.25 28.14
N CYS D 222 -17.84 13.16 27.73
CA CYS D 222 -16.47 12.81 27.30
C CYS D 222 -15.69 12.21 28.48
N ALA D 223 -16.07 12.51 29.72
CA ALA D 223 -15.41 11.97 30.93
C ALA D 223 -15.84 10.53 31.19
N ILE D 224 -16.93 10.06 30.58
CA ILE D 224 -17.49 8.71 30.84
C ILE D 224 -16.94 7.76 29.78
N TYR D 225 -15.87 7.02 30.09
CA TYR D 225 -14.96 6.54 29.02
C TYR D 225 -15.57 5.30 28.35
N LEU D 226 -16.57 4.63 28.94
CA LEU D 226 -17.37 3.58 28.23
C LEU D 226 -18.84 4.01 28.06
N TYR D 227 -19.09 5.33 27.96
CA TYR D 227 -20.40 5.96 27.61
C TYR D 227 -20.98 5.29 26.39
N THR D 228 -22.25 4.88 26.43
CA THR D 228 -22.85 4.12 25.30
C THR D 228 -24.11 4.79 24.74
N HIS D 229 -24.78 5.71 25.45
CA HIS D 229 -26.05 6.30 24.96
C HIS D 229 -25.78 7.26 23.82
N PHE D 230 -26.85 7.63 23.12
CA PHE D 230 -26.84 8.68 22.08
C PHE D 230 -28.00 9.62 22.40
N GLU D 231 -27.72 10.72 23.09
CA GLU D 231 -28.71 11.79 23.35
C GLU D 231 -29.26 12.30 22.02
N PRO D 232 -30.58 12.16 21.78
CA PRO D 232 -31.21 12.66 20.55
C PRO D 232 -31.31 14.18 20.48
N THR D 233 -31.24 14.85 21.63
CA THR D 233 -31.37 16.33 21.71
C THR D 233 -30.00 16.92 21.96
N ALA D 234 -29.65 17.98 21.26
CA ALA D 234 -28.35 18.67 21.38
C ALA D 234 -28.28 19.40 22.72
N PRO D 235 -27.09 19.52 23.36
CA PRO D 235 -26.98 20.34 24.55
C PRO D 235 -27.17 21.81 24.14
N HIS D 236 -27.60 22.65 25.09
CA HIS D 236 -27.82 24.09 24.82
C HIS D 236 -26.51 24.73 24.36
N THR D 237 -25.39 24.29 24.90
CA THR D 237 -24.04 24.83 24.56
C THR D 237 -23.10 23.67 24.22
N HIS D 238 -22.42 23.76 23.08
CA HIS D 238 -21.42 22.75 22.64
C HIS D 238 -20.05 23.16 23.16
N HIS D 239 -19.40 22.33 23.97
CA HIS D 239 -18.01 22.60 24.45
C HIS D 239 -17.00 21.64 23.81
N SER D 240 -17.29 20.36 23.88
CA SER D 240 -16.33 19.29 23.51
C SER D 240 -17.04 18.11 22.88
N PHE D 241 -16.25 17.29 22.18
CA PHE D 241 -16.75 16.11 21.43
C PHE D 241 -15.67 15.05 21.43
N LEU D 242 -16.02 13.86 21.86
CA LEU D 242 -15.13 12.69 21.83
C LEU D 242 -15.86 11.60 21.06
N ILE D 243 -15.24 11.11 20.00
CA ILE D 243 -15.79 9.96 19.24
C ILE D 243 -14.75 8.88 19.15
N ASP D 244 -15.14 7.71 19.60
CA ASP D 244 -14.40 6.46 19.46
C ASP D 244 -15.22 5.51 18.60
N ALA D 245 -14.74 5.28 17.39
CA ALA D 245 -15.54 4.54 16.39
C ALA D 245 -14.61 3.94 15.33
N GLY D 246 -15.08 2.84 14.80
CA GLY D 246 -14.31 2.06 13.84
C GLY D 246 -15.13 1.72 12.61
N ALA D 247 -14.79 0.57 12.07
CA ALA D 247 -15.40 0.02 10.85
C ALA D 247 -14.91 -1.42 10.69
N ASN D 248 -15.60 -2.16 9.86
CA ASN D 248 -15.28 -3.56 9.48
C ASN D 248 -14.76 -3.56 8.06
N PHE D 249 -13.73 -4.34 7.80
CA PHE D 249 -13.41 -4.77 6.42
C PHE D 249 -12.99 -6.23 6.51
N ASN D 250 -13.78 -7.10 5.87
CA ASN D 250 -13.48 -8.55 5.76
C ASN D 250 -13.32 -9.18 7.15
N GLY D 251 -14.00 -8.62 8.15
CA GLY D 251 -13.96 -9.10 9.55
C GLY D 251 -12.88 -8.43 10.39
N TYR D 252 -12.09 -7.53 9.81
CA TYR D 252 -10.99 -6.79 10.50
C TYR D 252 -11.51 -5.44 10.94
N ALA D 253 -11.08 -5.02 12.12
CA ALA D 253 -11.58 -3.78 12.77
C ALA D 253 -10.59 -2.62 12.64
N ALA D 254 -11.15 -1.42 12.55
CA ALA D 254 -10.49 -0.15 12.89
C ALA D 254 -11.01 0.27 14.25
N ASP D 255 -10.26 1.13 14.91
CA ASP D 255 -10.57 1.60 16.27
C ASP D 255 -9.93 2.96 16.49
N ILE D 256 -10.63 4.01 16.11
CA ILE D 256 -10.09 5.40 16.07
C ILE D 256 -10.84 6.27 17.07
N THR D 257 -10.09 7.07 17.83
CA THR D 257 -10.67 8.09 18.74
C THR D 257 -10.08 9.46 18.39
N ARG D 258 -10.94 10.45 18.39
CA ARG D 258 -10.57 11.88 18.26
C ARG D 258 -11.41 12.69 19.25
N THR D 259 -10.84 13.77 19.73
CA THR D 259 -11.48 14.73 20.65
C THR D 259 -11.36 16.12 20.05
N TYR D 260 -12.44 16.88 20.14
CA TYR D 260 -12.53 18.22 19.51
C TYR D 260 -13.07 19.22 20.53
N ASP D 261 -12.66 20.47 20.33
CA ASP D 261 -13.09 21.66 21.09
C ASP D 261 -13.93 22.51 20.15
N PHE D 262 -15.15 22.79 20.54
CA PHE D 262 -16.11 23.50 19.67
C PHE D 262 -15.53 24.86 19.24
N LYS D 263 -14.91 25.59 20.16
CA LYS D 263 -14.42 26.97 19.91
C LYS D 263 -13.15 26.97 19.06
N LYS D 264 -12.37 25.89 19.10
CA LYS D 264 -11.04 25.77 18.45
C LYS D 264 -10.07 26.82 19.03
N SER D 265 -10.29 27.27 20.26
CA SER D 265 -9.32 28.06 21.04
C SER D 265 -9.72 28.06 22.52
N GLY D 266 -8.80 28.51 23.37
CA GLY D 266 -8.97 28.40 24.83
C GLY D 266 -8.21 27.19 25.35
N GLU D 267 -8.29 26.97 26.66
CA GLU D 267 -7.35 26.08 27.37
C GLU D 267 -7.62 24.62 26.99
N PHE D 268 -8.88 24.23 26.83
CA PHE D 268 -9.22 22.82 26.53
C PHE D 268 -8.71 22.48 25.12
N SER D 269 -8.88 23.41 24.19
CA SER D 269 -8.30 23.34 22.82
C SER D 269 -6.79 23.13 22.89
N ASP D 270 -6.12 23.91 23.75
CA ASP D 270 -4.65 23.78 23.96
C ASP D 270 -4.34 22.42 24.57
N LEU D 271 -5.16 21.92 25.49
CA LEU D 271 -4.93 20.60 26.12
C LEU D 271 -5.00 19.49 25.04
N ILE D 272 -5.95 19.57 24.10
CA ILE D 272 -6.07 18.56 23.00
C ILE D 272 -4.79 18.58 22.16
N GLN D 273 -4.34 19.77 21.77
CA GLN D 273 -3.11 19.94 20.96
C GLN D 273 -1.90 19.33 21.68
N VAL D 274 -1.73 19.60 22.98
CA VAL D 274 -0.56 19.04 23.71
C VAL D 274 -0.71 17.51 23.85
N MET D 275 -1.90 17.00 24.18
CA MET D 275 -2.14 15.53 24.23
C MET D 275 -1.88 14.89 22.86
N THR D 276 -2.24 15.58 21.77
CA THR D 276 -2.02 15.10 20.39
C THR D 276 -0.51 14.93 20.16
N GLU D 277 0.30 15.92 20.56
CA GLU D 277 1.78 15.83 20.39
C GLU D 277 2.29 14.63 21.21
N HIS D 278 1.78 14.40 22.41
CA HIS D 278 2.27 13.25 23.21
C HIS D 278 1.84 11.94 22.55
N GLN D 279 0.63 11.93 22.00
CA GLN D 279 0.07 10.69 21.42
C GLN D 279 0.86 10.33 20.17
N ILE D 280 1.24 11.32 19.36
CA ILE D 280 2.08 11.10 18.15
C ILE D 280 3.44 10.53 18.61
N ALA D 281 4.08 11.16 19.59
CA ALA D 281 5.39 10.66 20.09
C ALA D 281 5.22 9.24 20.64
N LEU D 282 4.15 8.92 21.36
CA LEU D 282 3.95 7.55 21.89
C LEU D 282 3.81 6.53 20.73
N GLY D 283 3.12 6.94 19.68
CA GLY D 283 2.95 6.09 18.48
C GLY D 283 4.28 5.81 17.81
N LYS D 284 5.18 6.80 17.82
CA LYS D 284 6.51 6.68 17.18
C LYS D 284 7.49 5.94 18.08
N ALA D 285 7.14 5.63 19.31
CA ALA D 285 8.02 4.86 20.23
C ALA D 285 7.73 3.36 20.19
N LEU D 286 6.73 2.88 19.43
CA LEU D 286 6.61 1.42 19.18
C LEU D 286 7.87 0.94 18.46
N LYS D 287 8.47 -0.12 18.96
CA LYS D 287 9.75 -0.64 18.42
C LYS D 287 9.84 -2.14 18.68
N PRO D 288 10.24 -2.95 17.69
CA PRO D 288 10.47 -4.38 17.94
C PRO D 288 11.48 -4.57 19.07
N GLY D 289 11.20 -5.50 19.98
CA GLY D 289 12.11 -5.80 21.10
C GLY D 289 11.79 -5.04 22.38
N LEU D 290 10.79 -4.17 22.37
CA LEU D 290 10.34 -3.44 23.57
C LEU D 290 9.06 -4.08 24.11
N LEU D 291 8.96 -4.25 25.41
CA LEU D 291 7.69 -4.67 26.07
C LEU D 291 6.71 -3.51 25.99
N TYR D 292 5.45 -3.80 25.68
CA TYR D 292 4.42 -2.75 25.49
C TYR D 292 4.21 -1.98 26.81
N GLY D 293 4.28 -2.68 27.93
CA GLY D 293 4.26 -2.08 29.28
C GLY D 293 5.20 -0.90 29.47
N GLU D 294 6.35 -0.87 28.79
CA GLU D 294 7.30 0.28 28.84
C GLU D 294 6.70 1.51 28.18
N LEU D 295 5.88 1.38 27.13
CA LEU D 295 5.18 2.54 26.53
C LEU D 295 4.09 3.04 27.48
N HIS D 296 3.41 2.13 28.17
CA HIS D 296 2.35 2.50 29.12
C HIS D 296 2.97 3.36 30.23
N LEU D 297 4.17 2.98 30.73
CA LEU D 297 4.93 3.81 31.71
C LEU D 297 5.27 5.16 31.08
N GLU D 298 5.77 5.17 29.86
CA GLU D 298 6.12 6.45 29.21
C GLU D 298 4.86 7.32 29.16
N CYS D 299 3.71 6.74 28.83
CA CYS D 299 2.43 7.50 28.76
C CYS D 299 2.14 8.18 30.11
N HIS D 300 2.26 7.47 31.22
CA HIS D 300 2.09 8.06 32.57
C HIS D 300 3.05 9.24 32.77
N GLN D 301 4.28 9.13 32.28
CA GLN D 301 5.27 10.24 32.39
C GLN D 301 4.79 11.45 31.59
N ARG D 302 4.17 11.21 30.43
CA ARG D 302 3.77 12.32 29.54
C ARG D 302 2.54 12.99 30.12
N VAL D 303 1.62 12.20 30.66
CA VAL D 303 0.38 12.72 31.31
C VAL D 303 0.77 13.59 32.51
N ALA D 304 1.75 13.16 33.29
CA ALA D 304 2.27 13.94 34.43
C ALA D 304 2.81 15.28 33.91
N GLN D 305 3.54 15.27 32.80
CA GLN D 305 4.12 16.50 32.21
C GLN D 305 2.95 17.43 31.87
N VAL D 306 1.86 16.89 31.34
CA VAL D 306 0.66 17.71 30.97
C VAL D 306 -0.01 18.27 32.25
N LEU D 307 -0.18 17.43 33.25
CA LEU D 307 -0.88 17.82 34.50
C LEU D 307 -0.09 18.95 35.18
N SER D 308 1.24 18.86 35.15
CA SER D 308 2.16 19.88 35.70
C SER D 308 2.07 21.15 34.86
N ASP D 309 2.21 21.02 33.54
CA ASP D 309 2.34 22.20 32.62
C ASP D 309 1.04 23.01 32.60
N PHE D 310 -0.10 22.35 32.71
CA PHE D 310 -1.42 23.04 32.66
C PHE D 310 -1.90 23.43 34.07
N ASN D 311 -1.05 23.32 35.08
CA ASN D 311 -1.32 23.81 36.46
C ASN D 311 -2.55 23.10 37.03
N ILE D 312 -2.73 21.81 36.71
CA ILE D 312 -3.79 20.94 37.27
C ILE D 312 -3.29 20.33 38.58
N VAL D 313 -2.01 19.97 38.61
CA VAL D 313 -1.35 19.46 39.83
C VAL D 313 -0.14 20.35 40.12
N LYS D 314 0.02 20.76 41.38
CA LYS D 314 1.07 21.73 41.80
C LYS D 314 2.29 20.93 42.25
N LEU D 315 2.82 20.11 41.36
CA LEU D 315 4.02 19.29 41.63
C LEU D 315 4.82 19.13 40.35
N PRO D 316 6.16 18.94 40.44
CA PRO D 316 6.94 18.55 39.28
C PRO D 316 6.43 17.21 38.71
N ALA D 317 6.52 17.05 37.40
CA ALA D 317 6.02 15.84 36.68
C ALA D 317 6.47 14.56 37.40
N ALA D 318 7.73 14.46 37.81
CA ALA D 318 8.35 13.24 38.40
C ALA D 318 7.62 12.83 39.71
N ASP D 319 7.25 13.81 40.53
CA ASP D 319 6.46 13.58 41.79
C ASP D 319 5.04 13.14 41.49
N ILE D 320 4.42 13.69 40.45
CA ILE D 320 3.03 13.29 40.04
C ILE D 320 3.04 11.79 39.68
N VAL D 321 4.05 11.34 38.93
CA VAL D 321 4.19 9.90 38.54
C VAL D 321 4.38 9.05 39.80
N GLU D 322 5.35 9.41 40.63
CA GLU D 322 5.78 8.61 41.82
C GLU D 322 4.59 8.44 42.78
N ARG D 323 3.76 9.46 42.94
CA ARG D 323 2.62 9.38 43.90
C ARG D 323 1.39 8.70 43.28
N GLY D 324 1.44 8.32 42.00
CA GLY D 324 0.35 7.61 41.33
C GLY D 324 -0.81 8.52 40.97
N ILE D 325 -0.59 9.85 41.02
CA ILE D 325 -1.69 10.82 40.73
C ILE D 325 -2.17 10.67 39.28
N THR D 326 -1.28 10.31 38.38
CA THR D 326 -1.59 10.23 36.92
C THR D 326 -2.75 9.26 36.67
N SER D 327 -2.90 8.23 37.51
CA SER D 327 -3.96 7.19 37.39
C SER D 327 -5.39 7.75 37.56
N THR D 328 -5.55 8.81 38.34
CA THR D 328 -6.88 9.45 38.51
C THR D 328 -7.32 10.08 37.17
N PHE D 329 -6.38 10.60 36.38
CA PHE D 329 -6.68 11.32 35.12
C PHE D 329 -6.54 10.42 33.90
N PHE D 330 -5.67 9.41 33.97
CA PHE D 330 -5.48 8.41 32.90
C PHE D 330 -5.63 7.03 33.53
N PRO D 331 -6.87 6.53 33.68
CA PRO D 331 -7.11 5.32 34.47
C PRO D 331 -7.08 3.98 33.70
N HIS D 332 -6.86 4.00 32.38
CA HIS D 332 -6.96 2.76 31.55
C HIS D 332 -5.62 2.45 30.89
N GLY D 333 -5.55 1.34 30.16
CA GLY D 333 -4.36 0.94 29.40
C GLY D 333 -4.09 1.87 28.23
N LEU D 334 -2.82 1.99 27.84
CA LEU D 334 -2.39 2.78 26.66
C LEU D 334 -3.01 2.23 25.36
N GLY D 335 -3.33 0.95 25.31
CA GLY D 335 -3.93 0.36 24.11
C GLY D 335 -3.79 -1.15 24.06
N HIS D 336 -3.93 -1.71 22.88
CA HIS D 336 -4.02 -3.17 22.73
C HIS D 336 -3.70 -3.55 21.30
N HIS D 337 -3.59 -4.85 21.07
CA HIS D 337 -3.54 -5.43 19.73
C HIS D 337 -4.91 -5.19 19.08
N LEU D 338 -4.86 -5.05 17.77
CA LEU D 338 -6.01 -4.83 16.88
C LEU D 338 -5.95 -5.85 15.73
N GLY D 339 -7.09 -6.49 15.42
CA GLY D 339 -7.19 -7.43 14.31
C GLY D 339 -8.63 -7.83 14.01
N LEU D 340 -8.85 -9.13 13.87
CA LEU D 340 -10.20 -9.71 13.69
C LEU D 340 -11.09 -9.27 14.85
N GLN D 341 -10.51 -9.15 16.03
CA GLN D 341 -11.24 -8.66 17.21
C GLN D 341 -10.63 -7.32 17.58
N VAL D 342 -11.45 -6.47 18.17
CA VAL D 342 -11.05 -5.05 18.37
C VAL D 342 -10.00 -5.01 19.48
N ILE D 343 -10.24 -5.72 20.57
CA ILE D 343 -9.21 -6.03 21.57
C ILE D 343 -8.70 -7.41 21.22
N ASP D 344 -7.62 -7.47 20.44
CA ASP D 344 -7.26 -8.71 19.73
C ASP D 344 -6.60 -9.70 20.69
N MET D 345 -6.58 -10.95 20.25
CA MET D 345 -6.06 -12.09 21.05
C MET D 345 -4.54 -12.01 21.19
N GLY D 346 -4.03 -12.56 22.29
CA GLY D 346 -2.60 -12.84 22.48
C GLY D 346 -1.82 -11.65 22.99
N GLY D 347 -2.49 -10.55 23.35
CA GLY D 347 -1.85 -9.30 23.82
C GLY D 347 -1.18 -9.43 25.19
N PHE D 348 -1.56 -10.45 25.96
CA PHE D 348 -1.11 -10.69 27.35
C PHE D 348 -0.04 -11.79 27.39
N MET D 349 0.26 -12.44 26.26
CA MET D 349 1.02 -13.72 26.29
C MET D 349 2.53 -13.51 26.10
N ALA D 350 3.32 -14.30 26.86
CA ALA D 350 4.78 -14.42 26.70
C ALA D 350 5.10 -15.59 25.74
N ASP D 351 4.24 -16.59 25.61
CA ASP D 351 4.53 -17.78 24.74
C ASP D 351 3.27 -18.52 24.33
N GLU D 352 3.42 -19.49 23.43
CA GLU D 352 2.32 -20.18 22.71
C GLU D 352 1.49 -21.05 23.64
N SER D 353 1.99 -21.36 24.83
CA SER D 353 1.23 -22.18 25.80
C SER D 353 0.26 -21.28 26.56
N GLY D 354 0.44 -19.96 26.51
CA GLY D 354 -0.52 -18.98 27.09
C GLY D 354 -0.06 -18.32 28.39
N THR D 355 1.15 -18.62 28.86
CA THR D 355 1.76 -17.94 30.03
C THR D 355 1.69 -16.42 29.84
N HIS D 356 1.34 -15.72 30.91
CA HIS D 356 1.18 -14.25 30.91
C HIS D 356 2.56 -13.59 30.98
N GLN D 357 2.74 -12.53 30.22
CA GLN D 357 3.83 -11.57 30.38
C GLN D 357 3.36 -10.60 31.46
N ALA D 358 4.09 -10.54 32.57
CA ALA D 358 3.71 -9.77 33.76
C ALA D 358 3.64 -8.29 33.39
N PRO D 359 2.65 -7.54 33.92
CA PRO D 359 2.59 -6.10 33.70
C PRO D 359 3.68 -5.36 34.46
N PRO D 360 3.95 -4.07 34.15
CA PRO D 360 4.94 -3.29 34.90
C PRO D 360 4.47 -3.09 36.34
N GLU D 361 5.44 -2.82 37.23
CA GLU D 361 5.30 -2.98 38.70
C GLU D 361 4.09 -2.19 39.23
N GLY D 362 3.93 -0.92 38.82
CA GLY D 362 2.89 -0.02 39.37
C GLY D 362 1.53 -0.17 38.69
N HIS D 363 1.44 -0.98 37.63
CA HIS D 363 0.22 -1.05 36.78
C HIS D 363 -0.25 -2.49 36.66
N PRO D 364 -0.71 -3.12 37.77
CA PRO D 364 -1.04 -4.56 37.76
C PRO D 364 -2.24 -4.95 36.89
N PHE D 365 -3.04 -3.99 36.43
CA PHE D 365 -4.24 -4.29 35.59
C PHE D 365 -3.97 -4.09 34.10
N LEU D 366 -2.74 -3.72 33.72
CA LEU D 366 -2.40 -3.60 32.28
C LEU D 366 -2.48 -5.00 31.64
N ARG D 367 -3.25 -5.12 30.57
CA ARG D 367 -3.53 -6.43 29.90
C ARG D 367 -2.82 -6.54 28.55
N CYS D 368 -2.35 -5.43 27.96
CA CYS D 368 -1.44 -5.48 26.80
C CYS D 368 0.01 -5.33 27.25
N THR D 369 0.74 -6.44 27.36
CA THR D 369 2.08 -6.52 27.99
C THR D 369 3.13 -7.18 27.09
N ARG D 370 2.69 -7.76 25.99
CA ARG D 370 3.54 -8.62 25.14
C ARG D 370 4.66 -7.82 24.47
N LEU D 371 5.78 -8.49 24.28
CA LEU D 371 6.93 -7.99 23.49
C LEU D 371 6.43 -7.56 22.11
N ILE D 372 6.72 -6.33 21.74
CA ILE D 372 6.40 -5.77 20.40
C ILE D 372 7.32 -6.41 19.36
N GLU D 373 6.73 -6.87 18.27
CA GLU D 373 7.49 -7.45 17.13
C GLU D 373 6.87 -6.96 15.84
N LYS D 374 7.62 -7.14 14.75
CA LYS D 374 7.11 -6.74 13.41
C LYS D 374 5.85 -7.52 13.04
N ASN D 375 5.05 -6.94 12.16
CA ASN D 375 3.76 -7.48 11.65
C ASN D 375 2.70 -7.52 12.76
N GLN D 376 2.91 -6.81 13.87
CA GLN D 376 1.89 -6.66 14.93
C GLN D 376 1.22 -5.30 14.74
N VAL D 377 -0.02 -5.22 15.17
CA VAL D 377 -0.85 -4.01 14.95
C VAL D 377 -1.42 -3.58 16.28
N PHE D 378 -1.27 -2.29 16.57
CA PHE D 378 -1.54 -1.71 17.91
C PHE D 378 -2.44 -0.50 17.80
N THR D 379 -3.20 -0.31 18.86
CA THR D 379 -3.81 1.00 19.19
C THR D 379 -2.84 1.70 20.14
N ILE D 380 -2.79 3.02 20.00
CA ILE D 380 -2.11 3.92 20.94
C ILE D 380 -3.15 4.97 21.32
N GLU D 381 -3.59 4.95 22.57
CA GLU D 381 -4.75 5.77 22.97
C GLU D 381 -4.59 6.34 24.38
N PRO D 382 -3.64 7.28 24.58
CA PRO D 382 -3.56 8.02 25.81
C PRO D 382 -4.83 8.88 25.97
N GLY D 383 -5.20 9.11 27.22
CA GLY D 383 -6.36 9.93 27.57
C GLY D 383 -6.04 10.78 28.78
N LEU D 384 -6.86 11.80 28.99
CA LEU D 384 -6.80 12.65 30.20
C LEU D 384 -8.22 13.10 30.47
N TYR D 385 -8.78 12.66 31.60
CA TYR D 385 -10.21 12.88 31.89
C TYR D 385 -10.38 13.52 33.28
N PHE D 386 -11.54 14.17 33.44
CA PHE D 386 -11.98 14.79 34.71
C PHE D 386 -13.20 14.01 35.20
N ILE D 387 -12.94 12.96 35.95
CA ILE D 387 -13.98 11.96 36.32
C ILE D 387 -14.36 12.16 37.78
N ASP D 388 -15.61 12.51 38.02
CA ASP D 388 -16.16 12.85 39.37
C ASP D 388 -15.79 11.83 40.46
N SER D 389 -16.07 10.54 40.26
CA SER D 389 -15.85 9.53 41.31
C SER D 389 -14.36 9.38 41.59
N LEU D 390 -13.50 9.43 40.57
CA LEU D 390 -12.03 9.30 40.79
C LEU D 390 -11.46 10.58 41.41
N LEU D 391 -11.93 11.76 40.99
CA LEU D 391 -11.52 13.06 41.60
C LEU D 391 -12.01 13.14 43.05
N GLY D 392 -13.17 12.55 43.34
CA GLY D 392 -13.70 12.35 44.69
C GLY D 392 -12.77 11.51 45.55
N ASP D 393 -12.35 10.34 45.05
CA ASP D 393 -11.38 9.47 45.76
C ASP D 393 -10.07 10.22 46.02
N LEU D 394 -9.55 10.90 45.01
CA LEU D 394 -8.27 11.64 45.12
C LEU D 394 -8.39 12.68 46.24
N ALA D 395 -9.50 13.40 46.30
CA ALA D 395 -9.79 14.44 47.32
C ALA D 395 -9.81 13.85 48.74
N GLN D 396 -9.85 12.52 48.88
CA GLN D 396 -9.84 11.86 50.20
C GLN D 396 -8.49 11.17 50.49
N THR D 397 -7.46 11.42 49.68
CA THR D 397 -6.09 10.96 49.99
C THR D 397 -5.26 12.15 50.47
N ASP D 398 -4.03 11.89 50.88
CA ASP D 398 -3.14 13.00 51.29
C ASP D 398 -2.46 13.61 50.06
N ASN D 399 -2.92 13.27 48.84
CA ASN D 399 -2.53 14.04 47.62
C ASN D 399 -3.50 15.21 47.38
N LYS D 400 -4.59 15.30 48.13
CA LYS D 400 -5.62 16.36 47.94
C LYS D 400 -4.99 17.75 47.81
N GLN D 401 -4.08 18.10 48.72
CA GLN D 401 -3.45 19.45 48.86
C GLN D 401 -2.66 19.83 47.60
N PHE D 402 -2.31 18.85 46.75
CA PHE D 402 -1.47 19.10 45.56
C PHE D 402 -2.29 19.38 44.32
N ILE D 403 -3.61 19.25 44.42
CA ILE D 403 -4.51 19.33 43.25
C ILE D 403 -5.05 20.75 43.20
N ASN D 404 -4.96 21.40 42.05
CA ASN D 404 -5.59 22.71 41.78
C ASN D 404 -7.07 22.48 41.49
N TRP D 405 -7.91 22.40 42.53
CA TRP D 405 -9.34 22.05 42.39
C TRP D 405 -10.08 23.09 41.53
N GLU D 406 -9.67 24.36 41.63
CA GLU D 406 -10.27 25.46 40.82
C GLU D 406 -10.12 25.15 39.33
N LYS D 407 -8.91 24.76 38.91
CA LYS D 407 -8.56 24.45 37.50
C LYS D 407 -9.30 23.18 37.06
N VAL D 408 -9.36 22.18 37.91
CA VAL D 408 -10.15 20.92 37.67
C VAL D 408 -11.60 21.31 37.38
N GLU D 409 -12.15 22.26 38.15
CA GLU D 409 -13.55 22.71 37.97
C GLU D 409 -13.74 23.30 36.57
N GLU D 410 -12.79 24.09 36.08
CA GLU D 410 -12.88 24.77 34.76
C GLU D 410 -12.83 23.74 33.62
N PHE D 411 -12.24 22.57 33.85
CA PHE D 411 -12.13 21.50 32.81
C PHE D 411 -13.34 20.56 32.80
N LYS D 412 -14.09 20.44 33.90
CA LYS D 412 -15.18 19.43 34.04
C LYS D 412 -16.23 19.53 32.93
N PRO D 413 -16.71 20.72 32.54
CA PRO D 413 -17.69 20.81 31.45
C PRO D 413 -17.20 20.24 30.11
N PHE D 414 -15.88 20.10 29.95
CA PHE D 414 -15.26 19.56 28.71
C PHE D 414 -15.13 18.03 28.80
N GLY D 415 -15.13 17.47 30.01
CA GLY D 415 -15.21 16.00 30.25
C GLY D 415 -13.84 15.36 30.22
N GLY D 416 -13.27 15.26 29.02
CA GLY D 416 -11.93 14.71 28.85
C GLY D 416 -11.54 14.46 27.40
N ILE D 417 -10.40 13.80 27.24
CA ILE D 417 -9.67 13.69 25.95
C ILE D 417 -9.19 12.27 25.75
N ARG D 418 -9.38 11.74 24.56
CA ARG D 418 -8.66 10.53 24.13
C ARG D 418 -8.36 10.66 22.65
N ILE D 419 -7.14 10.26 22.30
CA ILE D 419 -6.64 10.31 20.91
C ILE D 419 -6.07 8.94 20.58
N GLU D 420 -6.65 8.32 19.56
CA GLU D 420 -6.28 6.92 19.28
C GLU D 420 -5.98 6.74 17.81
N ASP D 421 -4.86 6.09 17.55
CA ASP D 421 -4.38 5.71 16.21
C ASP D 421 -4.23 4.19 16.18
N ASN D 422 -4.15 3.68 14.98
CA ASN D 422 -3.91 2.25 14.67
C ASN D 422 -2.63 2.18 13.86
N ILE D 423 -1.66 1.45 14.37
CA ILE D 423 -0.26 1.50 13.88
C ILE D 423 0.23 0.08 13.64
N ILE D 424 0.75 -0.14 12.45
CA ILE D 424 1.43 -1.40 12.10
C ILE D 424 2.92 -1.23 12.38
N VAL D 425 3.49 -2.18 13.08
CA VAL D 425 4.94 -2.23 13.32
C VAL D 425 5.57 -3.10 12.22
N HIS D 426 6.47 -2.52 11.43
CA HIS D 426 7.31 -3.24 10.45
C HIS D 426 8.73 -3.35 11.03
N GLU D 427 9.60 -4.04 10.32
CA GLU D 427 10.98 -4.33 10.81
C GLU D 427 11.73 -3.03 11.04
N ASP D 428 11.57 -2.05 10.17
CA ASP D 428 12.40 -0.83 10.18
C ASP D 428 11.58 0.44 10.16
N SER D 429 10.27 0.35 10.31
CA SER D 429 9.44 1.55 10.25
C SER D 429 8.12 1.27 10.96
N LEU D 430 7.36 2.34 11.11
CA LEU D 430 6.00 2.29 11.69
C LEU D 430 5.05 2.82 10.62
N GLU D 431 3.94 2.15 10.45
CA GLU D 431 2.89 2.65 9.55
C GLU D 431 1.68 3.02 10.41
N ASN D 432 1.50 4.32 10.60
CA ASN D 432 0.32 4.87 11.29
C ASN D 432 -0.78 4.94 10.23
N MET D 433 -1.59 3.88 10.15
CA MET D 433 -2.70 3.75 9.17
C MET D 433 -3.60 4.98 9.28
N THR D 434 -3.88 5.40 10.51
CA THR D 434 -4.88 6.46 10.78
C THR D 434 -4.34 7.80 10.28
N ARG D 435 -3.09 8.14 10.61
CA ARG D 435 -2.55 9.47 10.20
C ARG D 435 -2.07 9.47 8.75
N ASP D 436 -1.79 8.31 8.16
CA ASP D 436 -1.49 8.24 6.71
C ASP D 436 -2.72 8.62 5.88
N LEU D 437 -3.92 8.59 6.46
CA LEU D 437 -5.18 8.94 5.75
C LEU D 437 -5.57 10.41 5.94
N HIS D 438 -4.68 11.27 6.42
CA HIS D 438 -4.98 12.73 6.56
C HIS D 438 -6.37 13.06 7.14
N LEU D 439 -6.78 12.33 8.17
CA LEU D 439 -7.98 12.69 9.00
C LEU D 439 -7.66 14.00 9.71
N ASP D 440 -6.38 14.13 10.06
CA ASP D 440 -5.78 14.89 11.19
C ASP D 440 -5.92 14.06 12.48
MN MN E . 10.03 12.23 -18.41
MN MN F . 7.95 10.16 -19.79
MN MN G . 46.80 4.62 -10.94
MN MN H . 44.44 5.14 -8.98
MN MN I . -46.63 -8.31 10.86
MN MN J . -44.39 -6.71 9.51
MN MN K . -8.89 0.83 21.41
MN MN L . -11.33 2.79 20.85
#